data_6WST
# 
_entry.id   6WST 
# 
_audit_conform.dict_name       mmcif_pdbx.dic 
_audit_conform.dict_version    5.380 
_audit_conform.dict_location   http://mmcif.pdb.org/dictionaries/ascii/mmcif_pdbx.dic 
# 
loop_
_database_2.database_id 
_database_2.database_code 
_database_2.pdbx_database_accession 
_database_2.pdbx_DOI 
PDB   6WST         pdb_00006wst 10.2210/pdb6wst/pdb 
WWPDB D_1000248897 ?            ?                   
# 
_pdbx_database_status.status_code                     REL 
_pdbx_database_status.status_code_sf                  REL 
_pdbx_database_status.status_code_mr                  ? 
_pdbx_database_status.entry_id                        6WST 
_pdbx_database_status.recvd_initial_deposition_date   2020-05-01 
_pdbx_database_status.SG_entry                        N 
_pdbx_database_status.deposit_site                    RCSB 
_pdbx_database_status.process_site                    RCSB 
_pdbx_database_status.status_code_cs                  ? 
_pdbx_database_status.status_code_nmr_data            ? 
_pdbx_database_status.methods_development_category    ? 
_pdbx_database_status.pdb_format_compatible           Y 
# 
loop_
_audit_author.name 
_audit_author.pdbx_ordinal 
_audit_author.identifier_ORCID 
'Simmons, C.R.'      1 0000-0002-2290-6132 
'MacCulloch, T.'     2 0000-0001-5875-3361 
'Stephanopoulos, N.' 3 0000-0001-7859-410X 
'Yan, H.'            4 0000-0001-7397-9852 
# 
_citation.abstract                  ? 
_citation.abstract_id_CAS           ? 
_citation.book_id_ISBN              ? 
_citation.book_publisher            ? 
_citation.book_publisher_city       ? 
_citation.book_title                ? 
_citation.coordinate_linkage        ? 
_citation.country                   UK 
_citation.database_id_Medline       ? 
_citation.details                   ? 
_citation.id                        primary 
_citation.journal_abbrev            'Nat Commun' 
_citation.journal_id_ASTM           ? 
_citation.journal_id_CSD            ? 
_citation.journal_id_ISSN           2041-1723 
_citation.journal_full              ? 
_citation.journal_issue             ? 
_citation.journal_volume            13 
_citation.language                  ? 
_citation.page_first                3112 
_citation.page_last                 3112 
_citation.title                     'The influence of Holliday junction sequence and dynamics on DNA crystal self-assembly.' 
_citation.year                      2022 
_citation.database_id_CSD           ? 
_citation.pdbx_database_id_DOI      10.1038/s41467-022-30779-6 
_citation.pdbx_database_id_PubMed   35662248 
_citation.unpublished_flag          ? 
# 
loop_
_citation_author.citation_id 
_citation_author.name 
_citation_author.ordinal 
_citation_author.identifier_ORCID 
primary 'Simmons, C.R.'      1  ?                   
primary 'MacCulloch, T.'     2  ?                   
primary 'Krepl, M.'          3  0000-0002-9833-4281 
primary 'Matthies, M.'       4  ?                   
primary 'Buchberger, A.'     5  ?                   
primary 'Crawford, I.'       6  ?                   
primary 'Sponer, J.'         7  0000-0001-6558-6186 
primary 'Sulc, P.'           8  0000-0003-1565-6769 
primary 'Stephanopoulos, N.' 9  0000-0001-7859-410X 
primary 'Yan, H.'            10 0000-0001-7397-9852 
# 
_cell.angle_alpha                  90.000 
_cell.angle_alpha_esd              ? 
_cell.angle_beta                   90.000 
_cell.angle_beta_esd               ? 
_cell.angle_gamma                  120.000 
_cell.angle_gamma_esd              ? 
_cell.entry_id                     6WST 
_cell.details                      ? 
_cell.formula_units_Z              ? 
_cell.length_a                     68.988 
_cell.length_a_esd                 ? 
_cell.length_b                     68.988 
_cell.length_b_esd                 ? 
_cell.length_c                     61.305 
_cell.length_c_esd                 ? 
_cell.volume                       ? 
_cell.volume_esd                   ? 
_cell.Z_PDB                        3 
_cell.reciprocal_angle_alpha       ? 
_cell.reciprocal_angle_beta        ? 
_cell.reciprocal_angle_gamma       ? 
_cell.reciprocal_angle_alpha_esd   ? 
_cell.reciprocal_angle_beta_esd    ? 
_cell.reciprocal_angle_gamma_esd   ? 
_cell.reciprocal_length_a          ? 
_cell.reciprocal_length_b          ? 
_cell.reciprocal_length_c          ? 
_cell.reciprocal_length_a_esd      ? 
_cell.reciprocal_length_b_esd      ? 
_cell.reciprocal_length_c_esd      ? 
_cell.pdbx_unique_axis             ? 
# 
_symmetry.entry_id                         6WST 
_symmetry.cell_setting                     ? 
_symmetry.Int_Tables_number                145 
_symmetry.space_group_name_Hall            ? 
_symmetry.space_group_name_H-M             'P 32' 
_symmetry.pdbx_full_space_group_name_H-M   ? 
# 
loop_
_entity.id 
_entity.type 
_entity.src_method 
_entity.pdbx_description 
_entity.formula_weight 
_entity.pdbx_number_of_molecules 
_entity.pdbx_ec 
_entity.pdbx_mutation 
_entity.pdbx_fragment 
_entity.details 
1 polymer     syn 
;DNA (5'-D(*GP*AP*GP*CP*AP*GP*AP*CP*GP*TP*GP*AP*CP*CP*CP*CP*AP*CP*TP*CP*A)-3')
;
6402.151 1 ? ? ? ? 
2 polymer     syn 
;DNA (5'-D(P*GP*GP*TP*CP*A)-3')
;
1520.036 1 ? ? ? ? 
3 polymer     syn 
;DNA (5'-D(*TP*CP*TP*GP*AP*GP*TP*GP*G)-3')
;
2786.833 1 ? ? ? ? 
4 polymer     syn 
;DNA (5'-D(P*CP*GP*TP*CP*TP*GP*C)-3')
;
2089.385 1 ? ? ? ? 
5 non-polymer syn 'MAGNESIUM ION'                                                                 24.305   2 ? ? ? ? 
6 non-polymer syn 'CACODYLATE ION'                                                                136.989  1 ? ? ? ? 
# 
loop_
_entity_poly.entity_id 
_entity_poly.type 
_entity_poly.nstd_linkage 
_entity_poly.nstd_monomer 
_entity_poly.pdbx_seq_one_letter_code 
_entity_poly.pdbx_seq_one_letter_code_can 
_entity_poly.pdbx_strand_id 
_entity_poly.pdbx_target_identifier 
1 polydeoxyribonucleotide no no 
;(DG)(DA)(DG)(DC)(DA)(DG)(DA)(DC)(DG)(DT)(DG)(DA)(DC)(DC)(DC)(DC)(DA)(DC)(DT)(DC)
(DA)
;
GAGCAGACGTGACCCCACTCA A ? 
2 polydeoxyribonucleotide no no '(DG)(DG)(DT)(DC)(DA)'                                                                  GGTCA B ? 
3 polydeoxyribonucleotide no no '(DT)(DC)(DT)(DG)(DA)(DG)(DT)(DG)(DG)'                                                  TCTGAGTGG 
C ? 
4 polydeoxyribonucleotide no no '(DC)(DG)(DT)(DC)(DT)(DG)(DC)'                                                          CGTCTGC D 
? 
# 
loop_
_entity_poly_seq.entity_id 
_entity_poly_seq.num 
_entity_poly_seq.mon_id 
_entity_poly_seq.hetero 
1 1  DG n 
1 2  DA n 
1 3  DG n 
1 4  DC n 
1 5  DA n 
1 6  DG n 
1 7  DA n 
1 8  DC n 
1 9  DG n 
1 10 DT n 
1 11 DG n 
1 12 DA n 
1 13 DC n 
1 14 DC n 
1 15 DC n 
1 16 DC n 
1 17 DA n 
1 18 DC n 
1 19 DT n 
1 20 DC n 
1 21 DA n 
2 1  DG n 
2 2  DG n 
2 3  DT n 
2 4  DC n 
2 5  DA n 
3 1  DT n 
3 2  DC n 
3 3  DT n 
3 4  DG n 
3 5  DA n 
3 6  DG n 
3 7  DT n 
3 8  DG n 
3 9  DG n 
4 1  DC n 
4 2  DG n 
4 3  DT n 
4 4  DC n 
4 5  DT n 
4 6  DG n 
4 7  DC n 
# 
loop_
_pdbx_entity_src_syn.entity_id 
_pdbx_entity_src_syn.pdbx_src_id 
_pdbx_entity_src_syn.pdbx_alt_source_flag 
_pdbx_entity_src_syn.pdbx_beg_seq_num 
_pdbx_entity_src_syn.pdbx_end_seq_num 
_pdbx_entity_src_syn.organism_scientific 
_pdbx_entity_src_syn.organism_common_name 
_pdbx_entity_src_syn.ncbi_taxonomy_id 
_pdbx_entity_src_syn.details 
1 1 sample 1 21 'synthetic construct' ? 32630 ? 
2 1 sample 1 5  'synthetic construct' ? 32630 ? 
3 1 sample 1 9  'synthetic construct' ? 32630 ? 
4 1 sample 1 7  'synthetic construct' ? 32630 ? 
# 
loop_
_struct_ref.id 
_struct_ref.db_name 
_struct_ref.db_code 
_struct_ref.pdbx_db_accession 
_struct_ref.pdbx_db_isoform 
_struct_ref.entity_id 
_struct_ref.pdbx_seq_one_letter_code 
_struct_ref.pdbx_align_begin 
1 PDB 6WST 6WST ? 1 ? 1 
2 PDB 6WST 6WST ? 2 ? 1 
3 PDB 6WST 6WST ? 3 ? 1 
4 PDB 6WST 6WST ? 4 ? 1 
# 
loop_
_struct_ref_seq.align_id 
_struct_ref_seq.ref_id 
_struct_ref_seq.pdbx_PDB_id_code 
_struct_ref_seq.pdbx_strand_id 
_struct_ref_seq.seq_align_beg 
_struct_ref_seq.pdbx_seq_align_beg_ins_code 
_struct_ref_seq.seq_align_end 
_struct_ref_seq.pdbx_seq_align_end_ins_code 
_struct_ref_seq.pdbx_db_accession 
_struct_ref_seq.db_align_beg 
_struct_ref_seq.pdbx_db_align_beg_ins_code 
_struct_ref_seq.db_align_end 
_struct_ref_seq.pdbx_db_align_end_ins_code 
_struct_ref_seq.pdbx_auth_seq_align_beg 
_struct_ref_seq.pdbx_auth_seq_align_end 
1 1 6WST A 1 ? 21 ? 6WST 1  ? 21 ? 1  21 
2 2 6WST B 1 ? 5  ? 6WST 1  ? 5  ? 1  5  
3 3 6WST C 1 ? 9  ? 6WST 1  ? 9  ? 1  9  
4 4 6WST D 1 ? 7  ? 6WST 10 ? 16 ? 10 16 
# 
loop_
_chem_comp.id 
_chem_comp.type 
_chem_comp.mon_nstd_flag 
_chem_comp.name 
_chem_comp.pdbx_synonyms 
_chem_comp.formula 
_chem_comp.formula_weight 
CAC non-polymer   . 'CACODYLATE ION'                     dimethylarsinate 'C2 H6 As O2 -1'  136.989 
DA  'DNA linking' y "2'-DEOXYADENOSINE-5'-MONOPHOSPHATE" ?                'C10 H14 N5 O6 P' 331.222 
DC  'DNA linking' y "2'-DEOXYCYTIDINE-5'-MONOPHOSPHATE"  ?                'C9 H14 N3 O7 P'  307.197 
DG  'DNA linking' y "2'-DEOXYGUANOSINE-5'-MONOPHOSPHATE" ?                'C10 H14 N5 O7 P' 347.221 
DT  'DNA linking' y "THYMIDINE-5'-MONOPHOSPHATE"         ?                'C10 H15 N2 O8 P' 322.208 
MG  non-polymer   . 'MAGNESIUM ION'                      ?                'Mg 2'            24.305  
# 
_exptl.absorpt_coefficient_mu     ? 
_exptl.absorpt_correction_T_max   ? 
_exptl.absorpt_correction_T_min   ? 
_exptl.absorpt_correction_type    ? 
_exptl.absorpt_process_details    ? 
_exptl.entry_id                   6WST 
_exptl.crystals_number            1 
_exptl.details                    ? 
_exptl.method                     'X-RAY DIFFRACTION' 
_exptl.method_details             ? 
# 
_exptl_crystal.colour                      ? 
_exptl_crystal.density_diffrn              ? 
_exptl_crystal.density_Matthews            6.58 
_exptl_crystal.density_method              ? 
_exptl_crystal.density_percent_sol         81.31 
_exptl_crystal.description                 ? 
_exptl_crystal.F_000                       ? 
_exptl_crystal.id                          1 
_exptl_crystal.preparation                 ? 
_exptl_crystal.size_max                    ? 
_exptl_crystal.size_mid                    ? 
_exptl_crystal.size_min                    ? 
_exptl_crystal.size_rad                    ? 
_exptl_crystal.colour_lustre               ? 
_exptl_crystal.colour_modifier             ? 
_exptl_crystal.colour_primary              ? 
_exptl_crystal.density_meas                ? 
_exptl_crystal.density_meas_esd            ? 
_exptl_crystal.density_meas_gt             ? 
_exptl_crystal.density_meas_lt             ? 
_exptl_crystal.density_meas_temp           ? 
_exptl_crystal.density_meas_temp_esd       ? 
_exptl_crystal.density_meas_temp_gt        ? 
_exptl_crystal.density_meas_temp_lt        ? 
_exptl_crystal.pdbx_crystal_image_url      ? 
_exptl_crystal.pdbx_crystal_image_format   ? 
_exptl_crystal.pdbx_mosaicity              ? 
_exptl_crystal.pdbx_mosaicity_esd          ? 
# 
_exptl_crystal_grow.apparatus       ? 
_exptl_crystal_grow.atmosphere      ? 
_exptl_crystal_grow.crystal_id      1 
_exptl_crystal_grow.details         ? 
_exptl_crystal_grow.method          'VAPOR DIFFUSION, SITTING DROP' 
_exptl_crystal_grow.method_ref      ? 
_exptl_crystal_grow.pH              ? 
_exptl_crystal_grow.pressure        ? 
_exptl_crystal_grow.pressure_esd    ? 
_exptl_crystal_grow.seeding         ? 
_exptl_crystal_grow.seeding_ref     ? 
_exptl_crystal_grow.temp            298 
_exptl_crystal_grow.temp_details    'temperature gradient generated from 60 to 25 C at 0.3 degrees per hour' 
_exptl_crystal_grow.temp_esd        ? 
_exptl_crystal_grow.time            ? 
_exptl_crystal_grow.pdbx_details    
;0.5 mL of 0.05 M Cacodylate pH 6.5 with 18 mM MgCl2, 2.25 mM spermine, and 9% Isopropanol was added to the reservoir with 2 uL added to the drop containing 4 uL of DNA stock
;
_exptl_crystal_grow.pdbx_pH_range   ? 
# 
_diffrn.ambient_environment              ? 
_diffrn.ambient_temp                     100 
_diffrn.ambient_temp_details             ? 
_diffrn.ambient_temp_esd                 ? 
_diffrn.crystal_id                       1 
_diffrn.crystal_support                  ? 
_diffrn.crystal_treatment                ? 
_diffrn.details                          ? 
_diffrn.id                               1 
_diffrn.ambient_pressure                 ? 
_diffrn.ambient_pressure_esd             ? 
_diffrn.ambient_pressure_gt              ? 
_diffrn.ambient_pressure_lt              ? 
_diffrn.ambient_temp_gt                  ? 
_diffrn.ambient_temp_lt                  ? 
_diffrn.pdbx_serial_crystal_experiment   N 
# 
_diffrn_detector.details                      ? 
_diffrn_detector.detector                     PIXEL 
_diffrn_detector.diffrn_id                    1 
_diffrn_detector.type                         'DECTRIS PILATUS3 6M' 
_diffrn_detector.area_resol_mean              ? 
_diffrn_detector.dtime                        ? 
_diffrn_detector.pdbx_frames_total            ? 
_diffrn_detector.pdbx_collection_time_total   ? 
_diffrn_detector.pdbx_collection_date         2018-08-15 
_diffrn_detector.pdbx_frequency               ? 
# 
_diffrn_radiation.collimation                      ? 
_diffrn_radiation.diffrn_id                        1 
_diffrn_radiation.filter_edge                      ? 
_diffrn_radiation.inhomogeneity                    ? 
_diffrn_radiation.monochromator                    ? 
_diffrn_radiation.polarisn_norm                    ? 
_diffrn_radiation.polarisn_ratio                   ? 
_diffrn_radiation.probe                            ? 
_diffrn_radiation.type                             ? 
_diffrn_radiation.xray_symbol                      ? 
_diffrn_radiation.wavelength_id                    1 
_diffrn_radiation.pdbx_monochromatic_or_laue_m_l   M 
_diffrn_radiation.pdbx_wavelength_list             ? 
_diffrn_radiation.pdbx_wavelength                  ? 
_diffrn_radiation.pdbx_diffrn_protocol             'SINGLE WAVELENGTH' 
_diffrn_radiation.pdbx_analyzer                    ? 
_diffrn_radiation.pdbx_scattering_type             x-ray 
# 
_diffrn_radiation_wavelength.id           1 
_diffrn_radiation_wavelength.wavelength   0.92 
_diffrn_radiation_wavelength.wt           1.0 
# 
_diffrn_source.current                     ? 
_diffrn_source.details                     ? 
_diffrn_source.diffrn_id                   1 
_diffrn_source.power                       ? 
_diffrn_source.size                        ? 
_diffrn_source.source                      SYNCHROTRON 
_diffrn_source.target                      ? 
_diffrn_source.type                        'APS BEAMLINE 19-ID' 
_diffrn_source.voltage                     ? 
_diffrn_source.take-off_angle              ? 
_diffrn_source.pdbx_wavelength_list        0.92 
_diffrn_source.pdbx_wavelength             ? 
_diffrn_source.pdbx_synchrotron_beamline   19-ID 
_diffrn_source.pdbx_synchrotron_site       APS 
# 
_reflns.B_iso_Wilson_estimate            97.110 
_reflns.entry_id                         6WST 
_reflns.data_reduction_details           ? 
_reflns.data_reduction_method            ? 
_reflns.d_resolution_high                3.050 
_reflns.d_resolution_low                 50.000 
_reflns.details                          ? 
_reflns.limit_h_max                      ? 
_reflns.limit_h_min                      ? 
_reflns.limit_k_max                      ? 
_reflns.limit_k_min                      ? 
_reflns.limit_l_max                      ? 
_reflns.limit_l_min                      ? 
_reflns.number_all                       ? 
_reflns.number_obs                       5999 
_reflns.observed_criterion               ? 
_reflns.observed_criterion_F_max         ? 
_reflns.observed_criterion_F_min         ? 
_reflns.observed_criterion_I_max         ? 
_reflns.observed_criterion_I_min         ? 
_reflns.observed_criterion_sigma_F       ? 
_reflns.observed_criterion_sigma_I       ? 
_reflns.percent_possible_obs             96.900 
_reflns.R_free_details                   ? 
_reflns.Rmerge_F_all                     ? 
_reflns.Rmerge_F_obs                     ? 
_reflns.Friedel_coverage                 ? 
_reflns.number_gt                        ? 
_reflns.threshold_expression             ? 
_reflns.pdbx_redundancy                  9.100 
_reflns.pdbx_Rmerge_I_obs                0.118 
_reflns.pdbx_Rmerge_I_all                ? 
_reflns.pdbx_Rsym_value                  ? 
_reflns.pdbx_netI_over_av_sigmaI         ? 
_reflns.pdbx_netI_over_sigmaI            5.900 
_reflns.pdbx_res_netI_over_av_sigmaI_2   ? 
_reflns.pdbx_res_netI_over_sigmaI_2      ? 
_reflns.pdbx_chi_squared                 2.935 
_reflns.pdbx_scaling_rejects             ? 
_reflns.pdbx_d_res_high_opt              ? 
_reflns.pdbx_d_res_low_opt               ? 
_reflns.pdbx_d_res_opt_method            ? 
_reflns.phase_calculation_details        ? 
_reflns.pdbx_Rrim_I_all                  0.125 
_reflns.pdbx_Rpim_I_all                  0.040 
_reflns.pdbx_d_opt                       ? 
_reflns.pdbx_number_measured_all         ? 
_reflns.pdbx_diffrn_id                   1 
_reflns.pdbx_ordinal                     1 
_reflns.pdbx_CC_half                     1.0 
_reflns.pdbx_CC_star                     ? 
_reflns.pdbx_R_split                     ? 
# 
loop_
_reflns_shell.d_res_high 
_reflns_shell.d_res_low 
_reflns_shell.meanI_over_sigI_all 
_reflns_shell.meanI_over_sigI_obs 
_reflns_shell.number_measured_all 
_reflns_shell.number_measured_obs 
_reflns_shell.number_possible 
_reflns_shell.number_unique_all 
_reflns_shell.number_unique_obs 
_reflns_shell.percent_possible_all 
_reflns_shell.percent_possible_obs 
_reflns_shell.Rmerge_F_all 
_reflns_shell.Rmerge_F_obs 
_reflns_shell.Rmerge_I_all 
_reflns_shell.Rmerge_I_obs 
_reflns_shell.meanI_over_sigI_gt 
_reflns_shell.meanI_over_uI_all 
_reflns_shell.meanI_over_uI_gt 
_reflns_shell.number_measured_gt 
_reflns_shell.number_unique_gt 
_reflns_shell.percent_possible_gt 
_reflns_shell.Rmerge_F_gt 
_reflns_shell.Rmerge_I_gt 
_reflns_shell.pdbx_redundancy 
_reflns_shell.pdbx_Rsym_value 
_reflns_shell.pdbx_chi_squared 
_reflns_shell.pdbx_netI_over_sigmaI_all 
_reflns_shell.pdbx_netI_over_sigmaI_obs 
_reflns_shell.pdbx_Rrim_I_all 
_reflns_shell.pdbx_Rpim_I_all 
_reflns_shell.pdbx_rejects 
_reflns_shell.pdbx_ordinal 
_reflns_shell.pdbx_diffrn_id 
_reflns_shell.pdbx_CC_half 
_reflns_shell.pdbx_CC_star 
_reflns_shell.pdbx_R_split 
3.050 3.100  ? ? ? ? ? ? 221 75.900  ? ? ? ? 0.757 ? ? ? ? ? ? ? ? 7.000  ? 0.502  ? ? 0.805 0.268 ? 1  1 0.925 ? ? 
3.100 3.160  ? ? ? ? ? ? 250 81.200  ? ? ? ? 0.394 ? ? ? ? ? ? ? ? 7.300  ? 0.526  ? ? 0.419 0.138 ? 2  1 0.983 ? ? 
3.160 3.220  ? ? ? ? ? ? 276 88.500  ? ? ? ? 0.222 ? ? ? ? ? ? ? ? 6.800  ? 0.652  ? ? 0.236 0.078 ? 3  1 0.995 ? ? 
3.220 3.290  ? ? ? ? ? ? 304 94.100  ? ? ? ? 0.131 ? ? ? ? ? ? ? ? 7.500  ? 0.946  ? ? 0.138 0.044 ? 4  1 0.998 ? ? 
3.290 3.360  ? ? ? ? ? ? 300 98.400  ? ? ? ? 0.221 ? ? ? ? ? ? ? ? 7.300  ? 0.584  ? ? 0.235 0.079 ? 5  1 0.996 ? ? 
3.360 3.430  ? ? ? ? ? ? 329 100.000 ? ? ? ? 0.175 ? ? ? ? ? ? ? ? 8.000  ? 0.646  ? ? 0.185 0.060 ? 6  1 0.996 ? ? 
3.430 3.520  ? ? ? ? ? ? 288 100.000 ? ? ? ? 0.273 ? ? ? ? ? ? ? ? 8.200  ? 0.501  ? ? 0.290 0.096 ? 7  1 0.996 ? ? 
3.520 3.620  ? ? ? ? ? ? 305 100.000 ? ? ? ? 0.229 ? ? ? ? ? ? ? ? 8.600  ? 0.570  ? ? 0.242 0.079 ? 8  1 0.994 ? ? 
3.620 3.720  ? ? ? ? ? ? 312 100.000 ? ? ? ? 0.362 ? ? ? ? ? ? ? ? 8.200  ? 0.512  ? ? 0.386 0.131 ? 9  1 0.984 ? ? 
3.720 3.840  ? ? ? ? ? ? 327 100.000 ? ? ? ? 0.290 ? ? ? ? ? ? ? ? 9.600  ? 0.553  ? ? 0.306 0.097 ? 10 1 0.993 ? ? 
3.840 3.980  ? ? ? ? ? ? 293 100.000 ? ? ? ? 0.198 ? ? ? ? ? ? ? ? 10.400 ? 0.646  ? ? 0.209 0.064 ? 11 1 0.994 ? ? 
3.980 4.140  ? ? ? ? ? ? 307 100.000 ? ? ? ? 0.165 ? ? ? ? ? ? ? ? 10.200 ? 0.599  ? ? 0.174 0.054 ? 12 1 0.996 ? ? 
4.140 4.330  ? ? ? ? ? ? 316 100.000 ? ? ? ? 0.165 ? ? ? ? ? ? ? ? 10.300 ? 0.663  ? ? 0.174 0.054 ? 13 1 0.994 ? ? 
4.330 4.560  ? ? ? ? ? ? 315 100.000 ? ? ? ? 0.163 ? ? ? ? ? ? ? ? 10.300 ? 1.385  ? ? 0.171 0.053 ? 14 1 0.988 ? ? 
4.560 4.840  ? ? ? ? ? ? 300 100.000 ? ? ? ? 0.123 ? ? ? ? ? ? ? ? 9.700  ? 0.661  ? ? 0.130 0.041 ? 15 1 0.995 ? ? 
4.840 5.210  ? ? ? ? ? ? 317 100.000 ? ? ? ? 0.098 ? ? ? ? ? ? ? ? 9.800  ? 2.903  ? ? 0.103 0.032 ? 16 1 0.991 ? ? 
5.210 5.740  ? ? ? ? ? ? 308 100.000 ? ? ? ? 0.081 ? ? ? ? ? ? ? ? 10.700 ? 5.090  ? ? 0.085 0.026 ? 17 1 0.989 ? ? 
5.740 6.570  ? ? ? ? ? ? 309 100.000 ? ? ? ? 0.081 ? ? ? ? ? ? ? ? 10.400 ? 4.163  ? ? 0.085 0.026 ? 18 1 0.984 ? ? 
6.570 8.270  ? ? ? ? ? ? 310 99.700  ? ? ? ? 0.063 ? ? ? ? ? ? ? ? 9.800  ? 4.138  ? ? 0.066 0.021 ? 19 1 0.992 ? ? 
8.270 50.000 ? ? ? ? ? ? 312 99.400  ? ? ? ? 0.109 ? ? ? ? ? ? ? ? 10.100 ? 25.330 ? ? 0.116 0.038 ? 20 1 0.982 ? ? 
# 
_refine.aniso_B[1][1]                            ? 
_refine.aniso_B[1][2]                            ? 
_refine.aniso_B[1][3]                            ? 
_refine.aniso_B[2][2]                            ? 
_refine.aniso_B[2][3]                            ? 
_refine.aniso_B[3][3]                            ? 
_refine.B_iso_max                                156.890 
_refine.B_iso_mean                               100.7820 
_refine.B_iso_min                                49.730 
_refine.correlation_coeff_Fo_to_Fc               ? 
_refine.correlation_coeff_Fo_to_Fc_free          ? 
_refine.details                                  ? 
_refine.diff_density_max                         ? 
_refine.diff_density_max_esd                     ? 
_refine.diff_density_min                         ? 
_refine.diff_density_min_esd                     ? 
_refine.diff_density_rms                         ? 
_refine.diff_density_rms_esd                     ? 
_refine.entry_id                                 6WST 
_refine.pdbx_refine_id                           'X-RAY DIFFRACTION' 
_refine.ls_abs_structure_details                 ? 
_refine.ls_abs_structure_Flack                   ? 
_refine.ls_abs_structure_Flack_esd               ? 
_refine.ls_abs_structure_Rogers                  ? 
_refine.ls_abs_structure_Rogers_esd              ? 
_refine.ls_d_res_high                            3.0550 
_refine.ls_d_res_low                             30.0620 
_refine.ls_extinction_coef                       ? 
_refine.ls_extinction_coef_esd                   ? 
_refine.ls_extinction_expression                 ? 
_refine.ls_extinction_method                     ? 
_refine.ls_goodness_of_fit_all                   ? 
_refine.ls_goodness_of_fit_all_esd               ? 
_refine.ls_goodness_of_fit_obs                   ? 
_refine.ls_goodness_of_fit_obs_esd               ? 
_refine.ls_hydrogen_treatment                    ? 
_refine.ls_matrix_type                           ? 
_refine.ls_number_constraints                    ? 
_refine.ls_number_parameters                     ? 
_refine.ls_number_reflns_all                     ? 
_refine.ls_number_reflns_obs                     5816 
_refine.ls_number_reflns_R_free                  599 
_refine.ls_number_reflns_R_work                  ? 
_refine.ls_number_restraints                     ? 
_refine.ls_percent_reflns_obs                    94.2000 
_refine.ls_percent_reflns_R_free                 10.3000 
_refine.ls_R_factor_all                          ? 
_refine.ls_R_factor_obs                          0.2178 
_refine.ls_R_factor_R_free                       0.2626 
_refine.ls_R_factor_R_free_error                 ? 
_refine.ls_R_factor_R_free_error_details         ? 
_refine.ls_R_factor_R_work                       0.2129 
_refine.ls_R_Fsqd_factor_obs                     ? 
_refine.ls_R_I_factor_obs                        ? 
_refine.ls_redundancy_reflns_all                 ? 
_refine.ls_redundancy_reflns_obs                 ? 
_refine.ls_restrained_S_all                      ? 
_refine.ls_restrained_S_obs                      ? 
_refine.ls_shift_over_esd_max                    ? 
_refine.ls_shift_over_esd_mean                   ? 
_refine.ls_structure_factor_coef                 ? 
_refine.ls_weighting_details                     ? 
_refine.ls_weighting_scheme                      ? 
_refine.ls_wR_factor_all                         ? 
_refine.ls_wR_factor_obs                         ? 
_refine.ls_wR_factor_R_free                      ? 
_refine.ls_wR_factor_R_work                      ? 
_refine.occupancy_max                            ? 
_refine.occupancy_min                            ? 
_refine.solvent_model_details                    ? 
_refine.solvent_model_param_bsol                 ? 
_refine.solvent_model_param_ksol                 ? 
_refine.pdbx_R_complete                          ? 
_refine.ls_R_factor_gt                           ? 
_refine.ls_goodness_of_fit_gt                    ? 
_refine.ls_goodness_of_fit_ref                   ? 
_refine.ls_shift_over_su_max                     ? 
_refine.ls_shift_over_su_max_lt                  ? 
_refine.ls_shift_over_su_mean                    ? 
_refine.ls_shift_over_su_mean_lt                 ? 
_refine.pdbx_ls_sigma_I                          ? 
_refine.pdbx_ls_sigma_F                          2.030 
_refine.pdbx_ls_sigma_Fsqd                       ? 
_refine.pdbx_data_cutoff_high_absF               ? 
_refine.pdbx_data_cutoff_high_rms_absF           ? 
_refine.pdbx_data_cutoff_low_absF                ? 
_refine.pdbx_isotropic_thermal_model             ? 
_refine.pdbx_ls_cross_valid_method               THROUGHOUT 
_refine.pdbx_method_to_determine_struct          'MOLECULAR REPLACEMENT' 
_refine.pdbx_starting_model                      5KEK 
_refine.pdbx_stereochemistry_target_values       ? 
_refine.pdbx_R_Free_selection_details            ? 
_refine.pdbx_stereochem_target_val_spec_case     ? 
_refine.pdbx_overall_ESU_R                       ? 
_refine.pdbx_overall_ESU_R_Free                  ? 
_refine.pdbx_solvent_vdw_probe_radii             1.1100 
_refine.pdbx_solvent_ion_probe_radii             ? 
_refine.pdbx_solvent_shrinkage_radii             0.9000 
_refine.pdbx_real_space_R                        ? 
_refine.pdbx_density_correlation                 ? 
_refine.pdbx_pd_number_of_powder_patterns        ? 
_refine.pdbx_pd_number_of_points                 ? 
_refine.pdbx_pd_meas_number_of_points            ? 
_refine.pdbx_pd_proc_ls_prof_R_factor            ? 
_refine.pdbx_pd_proc_ls_prof_wR_factor           ? 
_refine.pdbx_pd_Marquardt_correlation_coeff      ? 
_refine.pdbx_pd_Fsqrd_R_factor                   ? 
_refine.pdbx_pd_ls_matrix_band_width             ? 
_refine.pdbx_overall_phase_error                 36.4100 
_refine.pdbx_overall_SU_R_free_Cruickshank_DPI   ? 
_refine.pdbx_overall_SU_R_free_Blow_DPI          ? 
_refine.pdbx_overall_SU_R_Blow_DPI               ? 
_refine.pdbx_TLS_residual_ADP_flag               ? 
_refine.pdbx_diffrn_id                           1 
_refine.overall_SU_B                             ? 
_refine.overall_SU_ML                            0.4700 
_refine.overall_SU_R_Cruickshank_DPI             ? 
_refine.overall_SU_R_free                        ? 
_refine.overall_FOM_free_R_set                   ? 
_refine.overall_FOM_work_R_set                   ? 
_refine.pdbx_average_fsc_overall                 ? 
_refine.pdbx_average_fsc_work                    ? 
_refine.pdbx_average_fsc_free                    ? 
# 
_refine_hist.pdbx_refine_id                   'X-RAY DIFFRACTION' 
_refine_hist.cycle_id                         final 
_refine_hist.details                          ? 
_refine_hist.d_res_high                       3.0550 
_refine_hist.d_res_low                        30.0620 
_refine_hist.number_atoms_solvent             0 
_refine_hist.number_atoms_total               858 
_refine_hist.number_reflns_all                ? 
_refine_hist.number_reflns_obs                ? 
_refine_hist.number_reflns_R_free             ? 
_refine_hist.number_reflns_R_work             ? 
_refine_hist.R_factor_all                     ? 
_refine_hist.R_factor_obs                     ? 
_refine_hist.R_factor_R_free                  ? 
_refine_hist.R_factor_R_work                  ? 
_refine_hist.pdbx_number_residues_total       42 
_refine_hist.pdbx_B_iso_mean_ligand           107.71 
_refine_hist.pdbx_B_iso_mean_solvent          ? 
_refine_hist.pdbx_number_atoms_protein        0 
_refine_hist.pdbx_number_atoms_nucleic_acid   855 
_refine_hist.pdbx_number_atoms_ligand         3 
_refine_hist.pdbx_number_atoms_lipid          ? 
_refine_hist.pdbx_number_atoms_carb           ? 
_refine_hist.pdbx_pseudo_atom_details         ? 
# 
loop_
_refine_ls_restr.pdbx_refine_id 
_refine_ls_restr.criterion 
_refine_ls_restr.dev_ideal 
_refine_ls_restr.dev_ideal_target 
_refine_ls_restr.number 
_refine_ls_restr.rejects 
_refine_ls_restr.type 
_refine_ls_restr.weight 
_refine_ls_restr.pdbx_restraint_function 
'X-RAY DIFFRACTION' ? 0.010  ? 956  ? f_bond_d           ? ? 
'X-RAY DIFFRACTION' ? 0.994  ? 1467 ? f_angle_d          ? ? 
'X-RAY DIFFRACTION' ? 0.050  ? 166  ? f_chiral_restr     ? ? 
'X-RAY DIFFRACTION' ? 0.005  ? 42   ? f_plane_restr      ? ? 
'X-RAY DIFFRACTION' ? 34.683 ? 406  ? f_dihedral_angle_d ? ? 
# 
loop_
_refine_ls_shell.pdbx_refine_id 
_refine_ls_shell.d_res_high 
_refine_ls_shell.d_res_low 
_refine_ls_shell.number_reflns_all 
_refine_ls_shell.number_reflns_obs 
_refine_ls_shell.number_reflns_R_free 
_refine_ls_shell.number_reflns_R_work 
_refine_ls_shell.percent_reflns_obs 
_refine_ls_shell.percent_reflns_R_free 
_refine_ls_shell.R_factor_all 
_refine_ls_shell.R_factor_obs 
_refine_ls_shell.R_factor_R_free 
_refine_ls_shell.R_factor_R_free_error 
_refine_ls_shell.R_factor_R_work 
_refine_ls_shell.redundancy_reflns_all 
_refine_ls_shell.redundancy_reflns_obs 
_refine_ls_shell.wR_factor_all 
_refine_ls_shell.wR_factor_obs 
_refine_ls_shell.wR_factor_R_free 
_refine_ls_shell.wR_factor_R_work 
_refine_ls_shell.pdbx_R_complete 
_refine_ls_shell.pdbx_total_number_of_bins_used 
_refine_ls_shell.pdbx_phase_error 
_refine_ls_shell.pdbx_fsc_work 
_refine_ls_shell.pdbx_fsc_free 
'X-RAY DIFFRACTION' 3.0550 3.3617  . . 127 1115 81.0000  . . . 0.3784 0.0000 0.3571 . . . . . . . . . . . 
'X-RAY DIFFRACTION' 3.3617 3.8473  . . 160 1352 97.0000  . . . 0.3172 0.0000 0.2714 . . . . . . . . . . . 
'X-RAY DIFFRACTION' 3.8473 4.8439  . . 157 1362 100.0000 . . . 0.3214 0.0000 0.2769 . . . . . . . . . . . 
'X-RAY DIFFRACTION' 4.8439 30.0620 . . 155 1388 99.0000  . . . 0.2086 0.0000 0.1552 . . . . . . . . . . . 
# 
_struct.entry_id                     6WST 
_struct.title                        
'Self-assembly of a 3D DNA crystal lattice (4x5 duplex version) containing the J16 immobile Holliday junction' 
_struct.pdbx_model_details           ? 
_struct.pdbx_formula_weight          ? 
_struct.pdbx_formula_weight_method   ? 
_struct.pdbx_model_type_details      ? 
_struct.pdbx_CASP_flag               N 
# 
_struct_keywords.entry_id        6WST 
_struct_keywords.text            
'Structural DNA nanotechnology, immobile Holliday junctions, 3D DNA self-assembly, designer DNA crystals, DNA' 
_struct_keywords.pdbx_keywords   DNA 
# 
loop_
_struct_asym.id 
_struct_asym.pdbx_blank_PDB_chainid_flag 
_struct_asym.pdbx_modified 
_struct_asym.entity_id 
_struct_asym.details 
A N N 1 ? 
B N N 2 ? 
C N N 3 ? 
D N N 4 ? 
E N N 5 ? 
F N N 6 ? 
G N N 5 ? 
# 
loop_
_struct_conn.id 
_struct_conn.conn_type_id 
_struct_conn.pdbx_leaving_atom_flag 
_struct_conn.pdbx_PDB_id 
_struct_conn.ptnr1_label_asym_id 
_struct_conn.ptnr1_label_comp_id 
_struct_conn.ptnr1_label_seq_id 
_struct_conn.ptnr1_label_atom_id 
_struct_conn.pdbx_ptnr1_label_alt_id 
_struct_conn.pdbx_ptnr1_PDB_ins_code 
_struct_conn.pdbx_ptnr1_standard_comp_id 
_struct_conn.ptnr1_symmetry 
_struct_conn.ptnr2_label_asym_id 
_struct_conn.ptnr2_label_comp_id 
_struct_conn.ptnr2_label_seq_id 
_struct_conn.ptnr2_label_atom_id 
_struct_conn.pdbx_ptnr2_label_alt_id 
_struct_conn.pdbx_ptnr2_PDB_ins_code 
_struct_conn.ptnr1_auth_asym_id 
_struct_conn.ptnr1_auth_comp_id 
_struct_conn.ptnr1_auth_seq_id 
_struct_conn.ptnr2_auth_asym_id 
_struct_conn.ptnr2_auth_comp_id 
_struct_conn.ptnr2_auth_seq_id 
_struct_conn.ptnr2_symmetry 
_struct_conn.pdbx_ptnr3_label_atom_id 
_struct_conn.pdbx_ptnr3_label_seq_id 
_struct_conn.pdbx_ptnr3_label_comp_id 
_struct_conn.pdbx_ptnr3_label_asym_id 
_struct_conn.pdbx_ptnr3_label_alt_id 
_struct_conn.pdbx_ptnr3_PDB_ins_code 
_struct_conn.details 
_struct_conn.pdbx_dist_value 
_struct_conn.pdbx_value_order 
_struct_conn.pdbx_role 
hydrog1  hydrog ? ? A DG 3  N1 ? ? ? 1_555 D DC 7 N3 ? ? A DG 3  D DC 16 1_555 ? ? ? ? ? ? WATSON-CRICK ? ? ? 
hydrog2  hydrog ? ? A DG 3  N2 ? ? ? 1_555 D DC 7 O2 ? ? A DG 3  D DC 16 1_555 ? ? ? ? ? ? WATSON-CRICK ? ? ? 
hydrog3  hydrog ? ? A DG 3  O6 ? ? ? 1_555 D DC 7 N4 ? ? A DG 3  D DC 16 1_555 ? ? ? ? ? ? WATSON-CRICK ? ? ? 
hydrog4  hydrog ? ? A DC 4  N3 ? ? ? 1_555 D DG 6 N1 ? ? A DC 4  D DG 15 1_555 ? ? ? ? ? ? WATSON-CRICK ? ? ? 
hydrog5  hydrog ? ? A DC 4  N4 ? ? ? 1_555 D DG 6 O6 ? ? A DC 4  D DG 15 1_555 ? ? ? ? ? ? WATSON-CRICK ? ? ? 
hydrog6  hydrog ? ? A DC 4  O2 ? ? ? 1_555 D DG 6 N2 ? ? A DC 4  D DG 15 1_555 ? ? ? ? ? ? WATSON-CRICK ? ? ? 
hydrog7  hydrog ? ? A DA 5  N1 ? ? ? 1_555 D DT 5 N3 ? ? A DA 5  D DT 14 1_555 ? ? ? ? ? ? WATSON-CRICK ? ? ? 
hydrog8  hydrog ? ? A DA 5  N6 ? ? ? 1_555 D DT 5 O4 ? ? A DA 5  D DT 14 1_555 ? ? ? ? ? ? WATSON-CRICK ? ? ? 
hydrog9  hydrog ? ? A DG 6  N1 ? ? ? 1_555 D DC 4 N3 ? ? A DG 6  D DC 13 1_555 ? ? ? ? ? ? WATSON-CRICK ? ? ? 
hydrog10 hydrog ? ? A DG 6  N2 ? ? ? 1_555 D DC 4 O2 ? ? A DG 6  D DC 13 1_555 ? ? ? ? ? ? WATSON-CRICK ? ? ? 
hydrog11 hydrog ? ? A DG 6  O6 ? ? ? 1_555 D DC 4 N4 ? ? A DG 6  D DC 13 1_555 ? ? ? ? ? ? WATSON-CRICK ? ? ? 
hydrog12 hydrog ? ? A DA 7  N1 ? ? ? 1_555 D DT 3 N3 ? ? A DA 7  D DT 12 1_555 ? ? ? ? ? ? WATSON-CRICK ? ? ? 
hydrog13 hydrog ? ? A DA 7  N6 ? ? ? 1_555 D DT 3 O4 ? ? A DA 7  D DT 12 1_555 ? ? ? ? ? ? WATSON-CRICK ? ? ? 
hydrog14 hydrog ? ? A DC 8  N3 ? ? ? 1_555 D DG 2 N1 ? ? A DC 8  D DG 11 1_555 ? ? ? ? ? ? WATSON-CRICK ? ? ? 
hydrog15 hydrog ? ? A DC 8  N4 ? ? ? 1_555 D DG 2 O6 ? ? A DC 8  D DG 11 1_555 ? ? ? ? ? ? WATSON-CRICK ? ? ? 
hydrog16 hydrog ? ? A DC 8  O2 ? ? ? 1_555 D DG 2 N2 ? ? A DC 8  D DG 11 1_555 ? ? ? ? ? ? WATSON-CRICK ? ? ? 
hydrog17 hydrog ? ? A DG 9  N1 ? ? ? 1_555 D DC 1 N3 ? ? A DG 9  D DC 10 1_555 ? ? ? ? ? ? WATSON-CRICK ? ? ? 
hydrog18 hydrog ? ? A DG 9  N2 ? ? ? 1_555 D DC 1 O2 ? ? A DG 9  D DC 10 1_555 ? ? ? ? ? ? WATSON-CRICK ? ? ? 
hydrog19 hydrog ? ? A DG 9  O6 ? ? ? 1_555 D DC 1 N4 ? ? A DG 9  D DC 10 1_555 ? ? ? ? ? ? WATSON-CRICK ? ? ? 
hydrog20 hydrog ? ? A DT 10 N3 ? ? ? 1_555 B DA 5 N1 ? ? A DT 10 B DA 5  1_555 ? ? ? ? ? ? WATSON-CRICK ? ? ? 
hydrog21 hydrog ? ? A DT 10 O4 ? ? ? 1_555 B DA 5 N6 ? ? A DT 10 B DA 5  1_555 ? ? ? ? ? ? WATSON-CRICK ? ? ? 
hydrog22 hydrog ? ? A DG 11 N1 ? ? ? 1_555 B DC 4 N3 ? ? A DG 11 B DC 4  1_555 ? ? ? ? ? ? WATSON-CRICK ? ? ? 
hydrog23 hydrog ? ? A DG 11 N2 ? ? ? 1_555 B DC 4 O2 ? ? A DG 11 B DC 4  1_555 ? ? ? ? ? ? WATSON-CRICK ? ? ? 
hydrog24 hydrog ? ? A DG 11 O6 ? ? ? 1_555 B DC 4 N4 ? ? A DG 11 B DC 4  1_555 ? ? ? ? ? ? WATSON-CRICK ? ? ? 
hydrog25 hydrog ? ? A DA 12 N1 ? ? ? 1_555 B DT 3 N3 ? ? A DA 12 B DT 3  1_555 ? ? ? ? ? ? WATSON-CRICK ? ? ? 
hydrog26 hydrog ? ? A DA 12 N6 ? ? ? 1_555 B DT 3 O4 ? ? A DA 12 B DT 3  1_555 ? ? ? ? ? ? WATSON-CRICK ? ? ? 
hydrog27 hydrog ? ? A DC 13 N3 ? ? ? 1_555 B DG 2 N1 ? ? A DC 13 B DG 2  1_555 ? ? ? ? ? ? WATSON-CRICK ? ? ? 
hydrog28 hydrog ? ? A DC 13 N4 ? ? ? 1_555 B DG 2 O6 ? ? A DC 13 B DG 2  1_555 ? ? ? ? ? ? WATSON-CRICK ? ? ? 
hydrog29 hydrog ? ? A DC 13 O2 ? ? ? 1_555 B DG 2 N2 ? ? A DC 13 B DG 2  1_555 ? ? ? ? ? ? WATSON-CRICK ? ? ? 
hydrog30 hydrog ? ? A DC 14 N3 ? ? ? 1_555 B DG 1 N1 ? ? A DC 14 B DG 1  1_555 ? ? ? ? ? ? WATSON-CRICK ? ? ? 
hydrog31 hydrog ? ? A DC 14 N4 ? ? ? 1_555 B DG 1 O6 ? ? A DC 14 B DG 1  1_555 ? ? ? ? ? ? WATSON-CRICK ? ? ? 
hydrog32 hydrog ? ? A DC 14 O2 ? ? ? 1_555 B DG 1 N2 ? ? A DC 14 B DG 1  1_555 ? ? ? ? ? ? WATSON-CRICK ? ? ? 
hydrog33 hydrog ? ? A DC 15 N3 ? ? ? 1_555 C DG 9 N1 ? ? A DC 15 C DG 9  1_555 ? ? ? ? ? ? WATSON-CRICK ? ? ? 
hydrog34 hydrog ? ? A DC 15 N4 ? ? ? 1_555 C DG 9 O6 ? ? A DC 15 C DG 9  1_555 ? ? ? ? ? ? WATSON-CRICK ? ? ? 
hydrog35 hydrog ? ? A DC 15 O2 ? ? ? 1_555 C DG 9 N2 ? ? A DC 15 C DG 9  1_555 ? ? ? ? ? ? WATSON-CRICK ? ? ? 
hydrog36 hydrog ? ? A DC 16 N3 ? ? ? 1_555 C DG 8 N1 ? ? A DC 16 C DG 8  1_555 ? ? ? ? ? ? WATSON-CRICK ? ? ? 
hydrog37 hydrog ? ? A DC 16 N4 ? ? ? 1_555 C DG 8 O6 ? ? A DC 16 C DG 8  1_555 ? ? ? ? ? ? WATSON-CRICK ? ? ? 
hydrog38 hydrog ? ? A DC 16 O2 ? ? ? 1_555 C DG 8 N2 ? ? A DC 16 C DG 8  1_555 ? ? ? ? ? ? WATSON-CRICK ? ? ? 
hydrog39 hydrog ? ? A DA 17 N1 ? ? ? 1_555 C DT 7 N3 ? ? A DA 17 C DT 7  1_555 ? ? ? ? ? ? WATSON-CRICK ? ? ? 
hydrog40 hydrog ? ? A DA 17 N6 ? ? ? 1_555 C DT 7 O4 ? ? A DA 17 C DT 7  1_555 ? ? ? ? ? ? WATSON-CRICK ? ? ? 
hydrog41 hydrog ? ? A DC 18 N3 ? ? ? 1_555 C DG 6 N1 ? ? A DC 18 C DG 6  1_555 ? ? ? ? ? ? WATSON-CRICK ? ? ? 
hydrog42 hydrog ? ? A DC 18 N4 ? ? ? 1_555 C DG 6 O6 ? ? A DC 18 C DG 6  1_555 ? ? ? ? ? ? WATSON-CRICK ? ? ? 
hydrog43 hydrog ? ? A DC 18 O2 ? ? ? 1_555 C DG 6 N2 ? ? A DC 18 C DG 6  1_555 ? ? ? ? ? ? WATSON-CRICK ? ? ? 
hydrog44 hydrog ? ? A DT 19 N3 ? ? ? 1_555 C DA 5 N1 ? ? A DT 19 C DA 5  1_555 ? ? ? ? ? ? WATSON-CRICK ? ? ? 
hydrog45 hydrog ? ? A DT 19 O4 ? ? ? 1_555 C DA 5 N6 ? ? A DT 19 C DA 5  1_555 ? ? ? ? ? ? WATSON-CRICK ? ? ? 
hydrog46 hydrog ? ? A DC 20 N3 ? ? ? 1_555 C DG 4 N1 ? ? A DC 20 C DG 4  1_555 ? ? ? ? ? ? WATSON-CRICK ? ? ? 
hydrog47 hydrog ? ? A DC 20 N4 ? ? ? 1_555 C DG 4 O6 ? ? A DC 20 C DG 4  1_555 ? ? ? ? ? ? WATSON-CRICK ? ? ? 
hydrog48 hydrog ? ? A DC 20 O2 ? ? ? 1_555 C DG 4 N2 ? ? A DC 20 C DG 4  1_555 ? ? ? ? ? ? WATSON-CRICK ? ? ? 
hydrog49 hydrog ? ? A DA 21 N1 ? ? ? 1_555 C DT 3 N3 ? ? A DA 21 C DT 3  1_555 ? ? ? ? ? ? WATSON-CRICK ? ? ? 
hydrog50 hydrog ? ? A DA 21 N6 ? ? ? 1_555 C DT 3 O4 ? ? A DA 21 C DT 3  1_555 ? ? ? ? ? ? WATSON-CRICK ? ? ? 
# 
_struct_conn_type.id          hydrog 
_struct_conn_type.criteria    ? 
_struct_conn_type.reference   ? 
# 
_struct_site.id                   AC1 
_struct_site.pdbx_evidence_code   Software 
_struct_site.pdbx_auth_asym_id    A 
_struct_site.pdbx_auth_comp_id    MG 
_struct_site.pdbx_auth_seq_id     101 
_struct_site.pdbx_auth_ins_code   ? 
_struct_site.pdbx_num_residues    2 
_struct_site.details              'binding site for residue MG A 101' 
# 
loop_
_struct_site_gen.id 
_struct_site_gen.site_id 
_struct_site_gen.pdbx_num_res 
_struct_site_gen.label_comp_id 
_struct_site_gen.label_asym_id 
_struct_site_gen.label_seq_id 
_struct_site_gen.pdbx_auth_ins_code 
_struct_site_gen.auth_comp_id 
_struct_site_gen.auth_asym_id 
_struct_site_gen.auth_seq_id 
_struct_site_gen.label_atom_id 
_struct_site_gen.label_alt_id 
_struct_site_gen.symmetry 
_struct_site_gen.details 
1 AC1 2 DG A 3 ? DG A 3 . ? 1_555 ? 
2 AC1 2 DC A 4 ? DC A 4 . ? 1_555 ? 
# 
_atom_sites.entry_id                    6WST 
_atom_sites.Cartn_transf_matrix[1][1]   ? 
_atom_sites.Cartn_transf_matrix[1][2]   ? 
_atom_sites.Cartn_transf_matrix[1][3]   ? 
_atom_sites.Cartn_transf_matrix[2][1]   ? 
_atom_sites.Cartn_transf_matrix[2][2]   ? 
_atom_sites.Cartn_transf_matrix[2][3]   ? 
_atom_sites.Cartn_transf_matrix[3][1]   ? 
_atom_sites.Cartn_transf_matrix[3][2]   ? 
_atom_sites.Cartn_transf_matrix[3][3]   ? 
_atom_sites.Cartn_transf_vector[1]      ? 
_atom_sites.Cartn_transf_vector[2]      ? 
_atom_sites.Cartn_transf_vector[3]      ? 
_atom_sites.fract_transf_matrix[1][1]   -0.00606778 
_atom_sites.fract_transf_matrix[1][2]   -0.00230721 
_atom_sites.fract_transf_matrix[1][3]   -0.01542738 
_atom_sites.fract_transf_matrix[2][1]   -0.01654321 
_atom_sites.fract_transf_matrix[2][2]   -0.00030274 
_atom_sites.fract_transf_matrix[2][3]   -0.00252806 
_atom_sites.fract_transf_matrix[3][1]   0.00007814 
_atom_sites.fract_transf_matrix[3][2]   0.01612788 
_atom_sites.fract_transf_matrix[3][3]   -0.00244270 
_atom_sites.fract_transf_vector[1]      0.355066 
_atom_sites.fract_transf_vector[2]      -0.258250 
_atom_sites.fract_transf_vector[3]      -0.231247 
_atom_sites.solution_primary            ? 
_atom_sites.solution_secondary          ? 
_atom_sites.solution_hydrogens          ? 
_atom_sites.special_details             ? 
# 
loop_
_atom_type.symbol 
AS 
C  
MG 
N  
O  
P  
# 
loop_
_atom_site.group_PDB 
_atom_site.id 
_atom_site.type_symbol 
_atom_site.label_atom_id 
_atom_site.label_alt_id 
_atom_site.label_comp_id 
_atom_site.label_asym_id 
_atom_site.label_entity_id 
_atom_site.label_seq_id 
_atom_site.pdbx_PDB_ins_code 
_atom_site.Cartn_x 
_atom_site.Cartn_y 
_atom_site.Cartn_z 
_atom_site.occupancy 
_atom_site.B_iso_or_equiv 
_atom_site.pdbx_formal_charge 
_atom_site.auth_seq_id 
_atom_site.auth_comp_id 
_atom_site.auth_asym_id 
_atom_site.auth_atom_id 
_atom_site.pdbx_PDB_model_num 
ATOM   1   O  "O5'" . DG  A 1 1  ? 1.299   8.968   34.922  1.00 136.08 ? 1   DG  A "O5'" 1 
ATOM   2   C  "C5'" . DG  A 1 1  ? 2.227   8.361   35.817  1.00 136.50 ? 1   DG  A "C5'" 1 
ATOM   3   C  "C4'" . DG  A 1 1  ? 1.743   6.987   36.255  1.00 139.25 ? 1   DG  A "C4'" 1 
ATOM   4   O  "O4'" . DG  A 1 1  ? 0.520   7.124   37.023  1.00 137.09 ? 1   DG  A "O4'" 1 
ATOM   5   C  "C3'" . DG  A 1 1  ? 1.410   6.028   35.119  1.00 139.48 ? 1   DG  A "C3'" 1 
ATOM   6   O  "O3'" . DG  A 1 1  ? 2.549   5.249   34.803  1.00 143.74 ? 1   DG  A "O3'" 1 
ATOM   7   C  "C2'" . DG  A 1 1  ? 0.304   5.167   35.718  1.00 135.80 ? 1   DG  A "C2'" 1 
ATOM   8   C  "C1'" . DG  A 1 1  ? -0.430  6.169   36.589  1.00 134.04 ? 1   DG  A "C1'" 1 
ATOM   9   N  N9    . DG  A 1 1  ? -1.517  6.866   35.908  1.00 130.96 ? 1   DG  A N9    1 
ATOM   10  C  C8    . DG  A 1 1  ? -1.509  8.147   35.400  1.00 126.82 ? 1   DG  A C8    1 
ATOM   11  N  N7    . DG  A 1 1  ? -2.647  8.501   34.866  1.00 125.21 ? 1   DG  A N7    1 
ATOM   12  C  C5    . DG  A 1 1  ? -3.460  7.387   35.039  1.00 126.24 ? 1   DG  A C5    1 
ATOM   13  C  C6    . DG  A 1 1  ? -4.808  7.172   34.665  1.00 126.93 ? 1   DG  A C6    1 
ATOM   14  O  O6    . DG  A 1 1  ? -5.584  7.952   34.083  1.00 124.65 ? 1   DG  A O6    1 
ATOM   15  N  N1    . DG  A 1 1  ? -5.242  5.893   35.035  1.00 129.21 ? 1   DG  A N1    1 
ATOM   16  C  C2    . DG  A 1 1  ? -4.465  4.950   35.681  1.00 128.04 ? 1   DG  A C2    1 
ATOM   17  N  N2    . DG  A 1 1  ? -5.044  3.777   35.944  1.00 128.87 ? 1   DG  A N2    1 
ATOM   18  N  N3    . DG  A 1 1  ? -3.208  5.143   36.034  1.00 128.04 ? 1   DG  A N3    1 
ATOM   19  C  C4    . DG  A 1 1  ? -2.773  6.375   35.682  1.00 129.49 ? 1   DG  A C4    1 
ATOM   20  P  P     . DA  A 1 2  ? 2.747   4.678   33.316  1.00 149.89 ? 2   DA  A P     1 
ATOM   21  O  OP1   . DA  A 1 2  ? 4.152   4.211   33.218  1.00 150.92 ? 2   DA  A OP1   1 
ATOM   22  O  OP2   . DA  A 1 2  ? 2.221   5.698   32.375  1.00 142.67 ? 2   DA  A OP2   1 
ATOM   23  O  "O5'" . DA  A 1 2  ? 1.764   3.419   33.245  1.00 136.39 ? 2   DA  A "O5'" 1 
ATOM   24  C  "C5'" . DA  A 1 2  ? 1.808   2.417   34.240  1.00 133.99 ? 2   DA  A "C5'" 1 
ATOM   25  C  "C4'" . DA  A 1 2  ? 0.537   1.612   34.186  1.00 134.33 ? 2   DA  A "C4'" 1 
ATOM   26  O  "O4'" . DA  A 1 2  ? -0.592  2.517   34.290  1.00 132.14 ? 2   DA  A "O4'" 1 
ATOM   27  C  "C3'" . DA  A 1 2  ? 0.359   0.845   32.885  1.00 135.23 ? 2   DA  A "C3'" 1 
ATOM   28  O  "O3'" . DA  A 1 2  ? -0.125  -0.456  33.128  1.00 137.39 ? 2   DA  A "O3'" 1 
ATOM   29  C  "C2'" . DA  A 1 2  ? -0.639  1.677   32.087  1.00 132.77 ? 2   DA  A "C2'" 1 
ATOM   30  C  "C1'" . DA  A 1 2  ? -1.424  2.417   33.156  1.00 128.65 ? 2   DA  A "C1'" 1 
ATOM   31  N  N9    . DA  A 1 2  ? -1.783  3.757   32.721  1.00 128.07 ? 2   DA  A N9    1 
ATOM   32  C  C8    . DA  A 1 2  ? -0.934  4.812   32.518  1.00 129.56 ? 2   DA  A C8    1 
ATOM   33  N  N7    . DA  A 1 2  ? -1.532  5.901   32.089  1.00 129.11 ? 2   DA  A N7    1 
ATOM   34  C  C5    . DA  A 1 2  ? -2.865  5.529   31.990  1.00 128.22 ? 2   DA  A C5    1 
ATOM   35  C  C6    . DA  A 1 2  ? -4.024  6.234   31.592  1.00 128.23 ? 2   DA  A C6    1 
ATOM   36  N  N6    . DA  A 1 2  ? -4.011  7.515   31.202  1.00 128.82 ? 2   DA  A N6    1 
ATOM   37  N  N1    . DA  A 1 2  ? -5.202  5.565   31.615  1.00 127.50 ? 2   DA  A N1    1 
ATOM   38  C  C2    . DA  A 1 2  ? -5.211  4.283   32.011  1.00 127.99 ? 2   DA  A C2    1 
ATOM   39  N  N3    . DA  A 1 2  ? -4.188  3.518   32.402  1.00 127.67 ? 2   DA  A N3    1 
ATOM   40  C  C4    . DA  A 1 2  ? -3.035  4.208   32.370  1.00 128.05 ? 2   DA  A C4    1 
ATOM   41  P  P     . DG  A 1 3  ? -0.432  -1.419  31.880  1.00 144.29 ? 3   DG  A P     1 
ATOM   42  O  OP1   . DG  A 1 3  ? -0.418  -2.823  32.347  1.00 139.79 ? 3   DG  A OP1   1 
ATOM   43  O  OP2   . DG  A 1 3  ? 0.447   -1.011  30.756  1.00 143.29 ? 3   DG  A OP2   1 
ATOM   44  O  "O5'" . DG  A 1 3  ? -1.931  -1.061  31.505  1.00 126.79 ? 3   DG  A "O5'" 1 
ATOM   45  C  "C5'" . DG  A 1 3  ? -2.963  -1.624  32.248  1.00 127.69 ? 3   DG  A "C5'" 1 
ATOM   46  C  "C4'" . DG  A 1 3  ? -4.219  -1.664  31.425  1.00 133.18 ? 3   DG  A "C4'" 1 
ATOM   47  O  "O4'" . DG  A 1 3  ? -4.670  -0.310  31.190  1.00 134.50 ? 3   DG  A "O4'" 1 
ATOM   48  C  "C3'" . DG  A 1 3  ? -4.063  -2.304  30.048  1.00 138.58 ? 3   DG  A "C3'" 1 
ATOM   49  O  "O3'" . DG  A 1 3  ? -5.221  -3.073  29.750  1.00 141.59 ? 3   DG  A "O3'" 1 
ATOM   50  C  "C2'" . DG  A 1 3  ? -3.926  -1.099  29.117  1.00 134.74 ? 3   DG  A "C2'" 1 
ATOM   51  C  "C1'" . DG  A 1 3  ? -4.831  -0.091  29.808  1.00 132.11 ? 3   DG  A "C1'" 1 
ATOM   52  N  N9    . DG  A 1 3  ? -4.493  1.298   29.533  1.00 126.12 ? 3   DG  A N9    1 
ATOM   53  C  C8    . DG  A 1 3  ? -3.268  1.906   29.697  1.00 126.34 ? 3   DG  A C8    1 
ATOM   54  N  N7    . DG  A 1 3  ? -3.273  3.173   29.380  1.00 125.95 ? 3   DG  A N7    1 
ATOM   55  C  C5    . DG  A 1 3  ? -4.590  3.419   28.991  1.00 126.44 ? 3   DG  A C5    1 
ATOM   56  C  C6    . DG  A 1 3  ? -5.206  4.619   28.546  1.00 127.58 ? 3   DG  A C6    1 
ATOM   57  O  O6    . DG  A 1 3  ? -4.692  5.740   28.399  1.00 128.34 ? 3   DG  A O6    1 
ATOM   58  N  N1    . DG  A 1 3  ? -6.563  4.428   28.256  1.00 124.69 ? 3   DG  A N1    1 
ATOM   59  C  C2    . DG  A 1 3  ? -7.237  3.232   28.384  1.00 125.40 ? 3   DG  A C2    1 
ATOM   60  N  N2    . DG  A 1 3  ? -8.540  3.233   28.057  1.00 125.41 ? 3   DG  A N2    1 
ATOM   61  N  N3    . DG  A 1 3  ? -6.669  2.106   28.805  1.00 124.77 ? 3   DG  A N3    1 
ATOM   62  C  C4    . DG  A 1 3  ? -5.352  2.275   29.089  1.00 125.19 ? 3   DG  A C4    1 
ATOM   63  P  P     . DC  A 1 4  ? -5.261  -4.016  28.452  1.00 140.63 ? 4   DC  A P     1 
ATOM   64  O  OP1   . DC  A 1 4  ? -5.997  -5.258  28.795  1.00 136.88 ? 4   DC  A OP1   1 
ATOM   65  O  OP2   . DC  A 1 4  ? -3.869  -4.102  27.942  1.00 136.44 ? 4   DC  A OP2   1 
ATOM   66  O  "O5'" . DC  A 1 4  ? -6.146  -3.173  27.423  1.00 139.79 ? 4   DC  A "O5'" 1 
ATOM   67  C  "C5'" . DC  A 1 4  ? -7.299  -2.464  27.882  1.00 136.14 ? 4   DC  A "C5'" 1 
ATOM   68  C  "C4'" . DC  A 1 4  ? -7.963  -1.731  26.728  1.00 139.05 ? 4   DC  A "C4'" 1 
ATOM   69  O  "O4'" . DC  A 1 4  ? -7.510  -0.347  26.693  1.00 136.20 ? 4   DC  A "O4'" 1 
ATOM   70  C  "C3'" . DC  A 1 4  ? -7.661  -2.314  25.343  1.00 139.63 ? 4   DC  A "C3'" 1 
ATOM   71  O  "O3'" . DC  A 1 4  ? -8.836  -2.317  24.543  1.00 142.32 ? 4   DC  A "O3'" 1 
ATOM   72  C  "C2'" . DC  A 1 4  ? -6.605  -1.360  24.785  1.00 134.99 ? 4   DC  A "C2'" 1 
ATOM   73  C  "C1'" . DC  A 1 4  ? -7.053  -0.037  25.388  1.00 131.38 ? 4   DC  A "C1'" 1 
ATOM   74  N  N1    . DC  A 1 4  ? -5.957  0.989   25.482  1.00 127.33 ? 4   DC  A N1    1 
ATOM   75  C  C2    . DC  A 1 4  ? -6.237  2.333   25.178  1.00 123.76 ? 4   DC  A C2    1 
ATOM   76  O  O2    . DC  A 1 4  ? -7.393  2.646   24.844  1.00 122.02 ? 4   DC  A O2    1 
ATOM   77  N  N3    . DC  A 1 4  ? -5.233  3.252   25.264  1.00 123.33 ? 4   DC  A N3    1 
ATOM   78  C  C4    . DC  A 1 4  ? -3.997  2.868   25.630  1.00 125.97 ? 4   DC  A C4    1 
ATOM   79  N  N4    . DC  A 1 4  ? -3.038  3.811   25.704  1.00 125.22 ? 4   DC  A N4    1 
ATOM   80  C  C5    . DC  A 1 4  ? -3.695  1.503   25.941  1.00 127.35 ? 4   DC  A C5    1 
ATOM   81  C  C6    . DC  A 1 4  ? -4.692  0.606   25.853  1.00 127.40 ? 4   DC  A C6    1 
ATOM   82  P  P     . DA  A 1 5  ? -9.125  -3.550  23.557  1.00 149.22 ? 5   DA  A P     1 
ATOM   83  O  OP1   . DA  A 1 5  ? -9.891  -4.571  24.317  1.00 147.16 ? 5   DA  A OP1   1 
ATOM   84  O  OP2   . DA  A 1 5  ? -7.812  -3.905  22.956  1.00 140.57 ? 5   DA  A OP2   1 
ATOM   85  O  "O5'" . DA  A 1 5  ? -10.061 -2.920  22.409  1.00 142.16 ? 5   DA  A "O5'" 1 
ATOM   86  C  "C5'" . DA  A 1 5  ? -11.260 -2.219  22.753  1.00 134.39 ? 5   DA  A "C5'" 1 
ATOM   87  C  "C4'" . DA  A 1 5  ? -11.400 -0.962  21.909  1.00 134.24 ? 5   DA  A "C4'" 1 
ATOM   88  O  "O4'" . DA  A 1 5  ? -10.291 -0.063  22.191  1.00 130.79 ? 5   DA  A "O4'" 1 
ATOM   89  C  "C3'" . DA  A 1 5  ? -11.399 -1.189  20.395  1.00 135.77 ? 5   DA  A "C3'" 1 
ATOM   90  O  "O3'" . DA  A 1 5  ? -12.455 -0.426  19.776  1.00 141.62 ? 5   DA  A "O3'" 1 
ATOM   91  C  "C2'" . DA  A 1 5  ? -10.003 -0.717  19.954  1.00 129.66 ? 5   DA  A "C2'" 1 
ATOM   92  C  "C1'" . DA  A 1 5  ? -9.674  0.354   20.991  1.00 125.54 ? 5   DA  A "C1'" 1 
ATOM   93  N  N9    . DA  A 1 5  ? -8.239  0.510   21.258  1.00 122.10 ? 5   DA  A N9    1 
ATOM   94  C  C8    . DA  A 1 5  ? -7.362  -0.475  21.629  1.00 122.93 ? 5   DA  A C8    1 
ATOM   95  N  N7    . DA  A 1 5  ? -6.130  -0.050  21.819  1.00 120.85 ? 5   DA  A N7    1 
ATOM   96  C  C5    . DA  A 1 5  ? -6.200  1.315   21.564  1.00 117.77 ? 5   DA  A C5    1 
ATOM   97  C  C6    . DA  A 1 5  ? -5.222  2.349   21.596  1.00 115.95 ? 5   DA  A C6    1 
ATOM   98  N  N6    . DA  A 1 5  ? -3.931  2.143   21.915  1.00 115.08 ? 5   DA  A N6    1 
ATOM   99  N  N1    . DA  A 1 5  ? -5.627  3.608   21.289  1.00 113.66 ? 5   DA  A N1    1 
ATOM   100 C  C2    . DA  A 1 5  ? -6.922  3.809   20.970  1.00 113.21 ? 5   DA  A C2    1 
ATOM   101 N  N3    . DA  A 1 5  ? -7.927  2.922   20.907  1.00 112.79 ? 5   DA  A N3    1 
ATOM   102 C  C4    . DA  A 1 5  ? -7.495  1.682   21.219  1.00 117.39 ? 5   DA  A C4    1 
ATOM   103 P  P     . DG  A 1 6  ? -13.044 -0.852  18.336  1.00 144.67 ? 6   DG  A P     1 
ATOM   104 O  OP1   . DG  A 1 6  ? -14.507 -0.594  18.317  1.00 135.64 ? 6   DG  A OP1   1 
ATOM   105 O  OP2   . DG  A 1 6  ? -12.566 -2.228  18.071  1.00 140.31 ? 6   DG  A OP2   1 
ATOM   106 O  "O5'" . DG  A 1 6  ? -12.321 0.160   17.317  1.00 130.24 ? 6   DG  A "O5'" 1 
ATOM   107 C  "C5'" . DG  A 1 6  ? -12.836 1.478   17.146  1.00 126.18 ? 6   DG  A "C5'" 1 
ATOM   108 C  "C4'" . DG  A 1 6  ? -11.726 2.485   16.874  1.00 123.42 ? 6   DG  A "C4'" 1 
ATOM   109 O  "O4'" . DG  A 1 6  ? -10.539 2.128   17.596  1.00 118.59 ? 6   DG  A "O4'" 1 
ATOM   110 C  "C3'" . DG  A 1 6  ? -11.274 2.598   15.415  1.00 124.46 ? 6   DG  A "C3'" 1 
ATOM   111 O  "O3'" . DG  A 1 6  ? -11.894 3.734   14.798  1.00 132.58 ? 6   DG  A "O3'" 1 
ATOM   112 C  "C2'" . DG  A 1 6  ? -9.745  2.766   15.504  1.00 116.72 ? 6   DG  A "C2'" 1 
ATOM   113 C  "C1'" . DG  A 1 6  ? -9.485  2.831   17.002  1.00 114.86 ? 6   DG  A "C1'" 1 
ATOM   114 N  N9    . DG  A 1 6  ? -8.220  2.233   17.416  1.00 113.10 ? 6   DG  A N9    1 
ATOM   115 C  C8    . DG  A 1 6  ? -7.965  0.905   17.675  1.00 111.98 ? 6   DG  A C8    1 
ATOM   116 N  N7    . DG  A 1 6  ? -6.730  0.673   18.038  1.00 105.52 ? 6   DG  A N7    1 
ATOM   117 C  C5    . DG  A 1 6  ? -6.133  1.923   18.021  1.00 106.70 ? 6   DG  A C5    1 
ATOM   118 C  C6    . DG  A 1 6  ? -4.806  2.302   18.328  1.00 107.82 ? 6   DG  A C6    1 
ATOM   119 O  O6    . DG  A 1 6  ? -3.866  1.577   18.688  1.00 108.59 ? 6   DG  A O6    1 
ATOM   120 N  N1    . DG  A 1 6  ? -4.612  3.678   18.186  1.00 107.27 ? 6   DG  A N1    1 
ATOM   121 C  C2    . DG  A 1 6  ? -5.588  4.580   17.798  1.00 109.96 ? 6   DG  A C2    1 
ATOM   122 N  N2    . DG  A 1 6  ? -5.214  5.871   17.716  1.00 109.45 ? 6   DG  A N2    1 
ATOM   123 N  N3    . DG  A 1 6  ? -6.841  4.237   17.506  1.00 109.44 ? 6   DG  A N3    1 
ATOM   124 C  C4    . DG  A 1 6  ? -7.039  2.897   17.642  1.00 109.88 ? 6   DG  A C4    1 
ATOM   125 P  P     . DA  A 1 7  ? -11.564 4.116   13.268  1.00 135.93 ? 7   DA  A P     1 
ATOM   126 O  OP1   . DA  A 1 7  ? -12.658 4.967   12.730  1.00 130.54 ? 7   DA  A OP1   1 
ATOM   127 O  OP2   . DA  A 1 7  ? -11.222 2.857   12.569  1.00 131.82 ? 7   DA  A OP2   1 
ATOM   128 O  "O5'" . DA  A 1 7  ? -10.242 5.000   13.390  1.00 122.16 ? 7   DA  A "O5'" 1 
ATOM   129 C  "C5'" . DA  A 1 7  ? -10.219 6.094   14.275  1.00 118.57 ? 7   DA  A "C5'" 1 
ATOM   130 C  "C4'" . DA  A 1 7  ? -8.954  6.888   14.083  1.00 117.58 ? 7   DA  A "C4'" 1 
ATOM   131 O  "O4'" . DA  A 1 7  ? -7.870  6.229   14.776  1.00 114.07 ? 7   DA  A "O4'" 1 
ATOM   132 C  "C3'" . DA  A 1 7  ? -8.504  7.024   12.633  1.00 116.61 ? 7   DA  A "C3'" 1 
ATOM   133 O  "O3'" . DA  A 1 7  ? -7.962  8.311   12.429  1.00 121.34 ? 7   DA  A "O3'" 1 
ATOM   134 C  "C2'" . DA  A 1 7  ? -7.435  5.947   12.503  1.00 109.85 ? 7   DA  A "C2'" 1 
ATOM   135 C  "C1'" . DA  A 1 7  ? -6.811  5.992   13.881  1.00 107.71 ? 7   DA  A "C1'" 1 
ATOM   136 N  N9    . DA  A 1 7  ? -6.201  4.746   14.267  1.00 104.61 ? 7   DA  A N9    1 
ATOM   137 C  C8    . DA  A 1 7  ? -6.815  3.534   14.355  1.00 103.93 ? 7   DA  A C8    1 
ATOM   138 N  N7    . DA  A 1 7  ? -6.020  2.567   14.745  1.00 103.81 ? 7   DA  A N7    1 
ATOM   139 C  C5    . DA  A 1 7  ? -4.797  3.198   14.935  1.00 102.06 ? 7   DA  A C5    1 
ATOM   140 C  C6    . DA  A 1 7  ? -3.534  2.722   15.352  1.00 100.70 ? 7   DA  A C6    1 
ATOM   141 N  N6    . DA  A 1 7  ? -3.301  1.442   15.662  1.00 99.00  ? 7   DA  A N6    1 
ATOM   142 N  N1    . DA  A 1 7  ? -2.515  3.618   15.436  1.00 99.66  ? 7   DA  A N1    1 
ATOM   143 C  C2    . DA  A 1 7  ? -2.756  4.904   15.116  1.00 100.18 ? 7   DA  A C2    1 
ATOM   144 N  N3    . DA  A 1 7  ? -3.906  5.466   14.714  1.00 99.86  ? 7   DA  A N3    1 
ATOM   145 C  C4    . DA  A 1 7  ? -4.893  4.547   14.646  1.00 101.78 ? 7   DA  A C4    1 
ATOM   146 P  P     . DC  A 1 8  ? -7.439  8.742   10.974  1.00 123.12 ? 8   DC  A P     1 
ATOM   147 O  OP1   . DC  A 1 8  ? -7.629  10.204  10.823  1.00 115.70 ? 8   DC  A OP1   1 
ATOM   148 O  OP2   . DC  A 1 8  ? -8.049  7.821   9.984   1.00 123.07 ? 8   DC  A OP2   1 
ATOM   149 O  "O5'" . DC  A 1 8  ? -5.871  8.472   11.050  1.00 108.76 ? 8   DC  A "O5'" 1 
ATOM   150 C  "C5'" . DC  A 1 8  ? -4.996  9.550   11.280  1.00 104.56 ? 8   DC  A "C5'" 1 
ATOM   151 C  "C4'" . DC  A 1 8  ? -3.573  9.056   11.367  1.00 105.89 ? 8   DC  A "C4'" 1 
ATOM   152 O  "O4'" . DC  A 1 8  ? -3.560  7.729   11.954  1.00 105.84 ? 8   DC  A "O4'" 1 
ATOM   153 C  "C3'" . DC  A 1 8  ? -2.851  8.931   10.024  1.00 105.05 ? 8   DC  A "C3'" 1 
ATOM   154 O  "O3'" . DC  A 1 8  ? -1.617  9.619   10.084  1.00 106.41 ? 8   DC  A "O3'" 1 
ATOM   155 C  "C2'" . DC  A 1 8  ? -2.647  7.421   9.857   1.00 102.78 ? 8   DC  A "C2'" 1 
ATOM   156 C  "C1'" . DC  A 1 8  ? -2.581  6.972   11.301  1.00 99.61  ? 8   DC  A "C1'" 1 
ATOM   157 N  N1    . DC  A 1 8  ? -2.879  5.527   11.502  1.00 97.51  ? 8   DC  A N1    1 
ATOM   158 C  C2    . DC  A 1 8  ? -1.833  4.651   11.841  1.00 96.22  ? 8   DC  A C2    1 
ATOM   159 O  O2    . DC  A 1 8  ? -0.683  5.110   11.963  1.00 97.04  ? 8   DC  A O2    1 
ATOM   160 N  N3    . DC  A 1 8  ? -2.108  3.335   12.020  1.00 90.81  ? 8   DC  A N3    1 
ATOM   161 C  C4    . DC  A 1 8  ? -3.365  2.896   11.885  1.00 93.25  ? 8   DC  A C4    1 
ATOM   162 N  N4    . DC  A 1 8  ? -3.597  1.593   12.083  1.00 92.69  ? 8   DC  A N4    1 
ATOM   163 C  C5    . DC  A 1 8  ? -4.442  3.775   11.540  1.00 94.27  ? 8   DC  A C5    1 
ATOM   164 C  C6    . DC  A 1 8  ? -4.157  5.069   11.366  1.00 95.30  ? 8   DC  A C6    1 
ATOM   165 P  P     . DG  A 1 9  ? -0.608  9.564   8.839   1.00 114.39 ? 9   DG  A P     1 
ATOM   166 O  OP1   . DG  A 1 9  ? 0.303   10.741  8.912   1.00 104.16 ? 9   DG  A OP1   1 
ATOM   167 O  OP2   . DG  A 1 9  ? -1.458  9.333   7.637   1.00 105.49 ? 9   DG  A OP2   1 
ATOM   168 O  "O5'" . DG  A 1 9  ? 0.253   8.249   9.128   1.00 95.84  ? 9   DG  A "O5'" 1 
ATOM   169 C  "C5'" . DG  A 1 9  ? 0.839   8.074   10.389  1.00 94.19  ? 9   DG  A "C5'" 1 
ATOM   170 C  "C4'" . DG  A 1 9  ? 2.308   7.684   10.276  1.00 100.52 ? 9   DG  A "C4'" 1 
ATOM   171 O  "O4'" . DG  A 1 9  ? 2.466   6.285   10.623  1.00 102.33 ? 9   DG  A "O4'" 1 
ATOM   172 C  "C3'" . DG  A 1 9  ? 2.946   7.815   8.902   1.00 94.86  ? 9   DG  A "C3'" 1 
ATOM   173 O  "O3'" . DG  A 1 9  ? 4.358   7.925   9.063   1.00 99.83  ? 9   DG  A "O3'" 1 
ATOM   174 C  "C2'" . DG  A 1 9  ? 2.569   6.488   8.257   1.00 95.32  ? 9   DG  A "C2'" 1 
ATOM   175 C  "C1'" . DG  A 1 9  ? 2.632   5.515   9.447   1.00 96.08  ? 9   DG  A "C1'" 1 
ATOM   176 N  N9    . DG  A 1 9  ? 1.594   4.482   9.427   1.00 87.27  ? 9   DG  A N9    1 
ATOM   177 C  C8    . DG  A 1 9  ? 0.246   4.668   9.231   1.00 89.01  ? 9   DG  A C8    1 
ATOM   178 N  N7    . DG  A 1 9  ? -0.443  3.561   9.266   1.00 90.52  ? 9   DG  A N7    1 
ATOM   179 C  C5    . DG  A 1 9  ? 0.508   2.577   9.501   1.00 84.25  ? 9   DG  A C5    1 
ATOM   180 C  C6    . DG  A 1 9  ? 0.353   1.182   9.639   1.00 74.98  ? 9   DG  A C6    1 
ATOM   181 O  O6    . DG  A 1 9  ? -0.689  0.515   9.574   1.00 72.91  ? 9   DG  A O6    1 
ATOM   182 N  N1    . DG  A 1 9  ? 1.569   0.554   9.870   1.00 72.15  ? 9   DG  A N1    1 
ATOM   183 C  C2    . DG  A 1 9  ? 2.785   1.196   9.955   1.00 78.19  ? 9   DG  A C2    1 
ATOM   184 N  N2    . DG  A 1 9  ? 3.860   0.426   10.180  1.00 77.61  ? 9   DG  A N2    1 
ATOM   185 N  N3    . DG  A 1 9  ? 2.942   2.504   9.830   1.00 83.11  ? 9   DG  A N3    1 
ATOM   186 C  C4    . DG  A 1 9  ? 1.766   3.128   9.602   1.00 83.07  ? 9   DG  A C4    1 
ATOM   187 P  P     . DT  A 1 10 ? 5.355   7.773   7.810   1.00 110.43 ? 10  DT  A P     1 
ATOM   188 O  OP1   . DT  A 1 10 ? 6.688   8.311   8.185   1.00 111.27 ? 10  DT  A OP1   1 
ATOM   189 O  OP2   . DT  A 1 10 ? 4.660   8.338   6.631   1.00 106.18 ? 10  DT  A OP2   1 
ATOM   190 O  "O5'" . DT  A 1 10 ? 5.525   6.193   7.650   1.00 97.77  ? 10  DT  A "O5'" 1 
ATOM   191 C  "C5'" . DT  A 1 10 ? 6.056   5.412   8.725   1.00 95.52  ? 10  DT  A "C5'" 1 
ATOM   192 C  "C4'" . DT  A 1 10 ? 6.851   4.242   8.178   1.00 96.18  ? 10  DT  A "C4'" 1 
ATOM   193 O  "O4'" . DT  A 1 10 ? 6.045   3.022   8.189   1.00 93.53  ? 10  DT  A "O4'" 1 
ATOM   194 C  "C3'" . DT  A 1 10 ? 7.299   4.427   6.741   1.00 95.31  ? 10  DT  A "C3'" 1 
ATOM   195 O  "O3'" . DT  A 1 10 ? 8.563   3.860   6.562   1.00 92.65  ? 10  DT  A "O3'" 1 
ATOM   196 C  "C2'" . DT  A 1 10 ? 6.227   3.681   5.941   1.00 90.51  ? 10  DT  A "C2'" 1 
ATOM   197 C  "C1'" . DT  A 1 10 ? 5.916   2.514   6.868   1.00 85.86  ? 10  DT  A "C1'" 1 
ATOM   198 N  N1    . DT  A 1 10 ? 4.536   1.979   6.705   1.00 78.06  ? 10  DT  A N1    1 
ATOM   199 C  C2    . DT  A 1 10 ? 4.317   0.619   6.814   1.00 77.11  ? 10  DT  A C2    1 
ATOM   200 O  O2    . DT  A 1 10 ? 5.207   -0.187  7.037   1.00 80.19  ? 10  DT  A O2    1 
ATOM   201 N  N3    . DT  A 1 10 ? 3.009   0.236   6.654   1.00 71.68  ? 10  DT  A N3    1 
ATOM   202 C  C4    . DT  A 1 10 ? 1.923   1.052   6.408   1.00 75.73  ? 10  DT  A C4    1 
ATOM   203 O  O4    . DT  A 1 10 ? 0.780   0.612   6.283   1.00 71.61  ? 10  DT  A O4    1 
ATOM   204 C  C5    . DT  A 1 10 ? 2.229   2.467   6.307   1.00 81.07  ? 10  DT  A C5    1 
ATOM   205 C  C7    . DT  A 1 10 ? 1.133   3.457   6.041   1.00 75.81  ? 10  DT  A C7    1 
ATOM   206 C  C6    . DT  A 1 10 ? 3.505   2.854   6.456   1.00 78.76  ? 10  DT  A C6    1 
ATOM   207 P  P     . DG  A 1 11 ? 9.502   4.426   5.402   1.00 98.25  ? 11  DG  A P     1 
ATOM   208 O  OP1   . DG  A 1 11 ? 10.676  5.050   6.057   1.00 103.56 ? 11  DG  A OP1   1 
ATOM   209 O  OP2   . DG  A 1 11 ? 8.605   5.221   4.517   1.00 100.27 ? 11  DG  A OP2   1 
ATOM   210 O  "O5'" . DG  A 1 11 ? 9.995   3.117   4.626   1.00 94.98  ? 11  DG  A "O5'" 1 
ATOM   211 C  "C5'" . DG  A 1 11 ? 10.849  2.197   5.276   1.00 87.89  ? 11  DG  A "C5'" 1 
ATOM   212 C  "C4'" . DG  A 1 11 ? 10.563  0.786   4.806   1.00 87.26  ? 11  DG  A "C4'" 1 
ATOM   213 O  "O4'" . DG  A 1 11 ? 9.157   0.512   4.951   1.00 87.99  ? 11  DG  A "O4'" 1 
ATOM   214 C  "C3'" . DG  A 1 11 ? 10.911  0.507   3.347   1.00 86.88  ? 11  DG  A "C3'" 1 
ATOM   215 O  "O3'" . DG  A 1 11 ? 11.805  -0.587  3.286   1.00 96.97  ? 11  DG  A "O3'" 1 
ATOM   216 C  "C2'" . DG  A 1 11 ? 9.569   0.186   2.674   1.00 82.62  ? 11  DG  A "C2'" 1 
ATOM   217 C  "C1'" . DG  A 1 11 ? 8.696   -0.224  3.845   1.00 82.88  ? 11  DG  A "C1'" 1 
ATOM   218 N  N9    . DG  A 1 11 ? 7.282   0.102   3.673   1.00 77.08  ? 11  DG  A N9    1 
ATOM   219 C  C8    . DG  A 1 11 ? 6.742   1.347   3.460   1.00 75.86  ? 11  DG  A C8    1 
ATOM   220 N  N7    . DG  A 1 11 ? 5.437   1.337   3.372   1.00 74.00  ? 11  DG  A N7    1 
ATOM   221 C  C5    . DG  A 1 11 ? 5.091   0.007   3.548   1.00 71.16  ? 11  DG  A C5    1 
ATOM   222 C  C6    . DG  A 1 11 ? 3.817   -0.615  3.553   1.00 73.10  ? 11  DG  A C6    1 
ATOM   223 O  O6    . DG  A 1 11 ? 2.701   -0.086  3.400   1.00 71.96  ? 11  DG  A O6    1 
ATOM   224 N  N1    . DG  A 1 11 ? 3.912   -1.997  3.763   1.00 69.20  ? 11  DG  A N1    1 
ATOM   225 C  C2    . DG  A 1 11 ? 5.095   -2.672  3.947   1.00 69.15  ? 11  DG  A C2    1 
ATOM   226 N  N2    . DG  A 1 11 ? 5.004   -3.992  4.138   1.00 70.79  ? 11  DG  A N2    1 
ATOM   227 N  N3    . DG  A 1 11 ? 6.296   -2.100  3.946   1.00 69.06  ? 11  DG  A N3    1 
ATOM   228 C  C4    . DG  A 1 11 ? 6.217   -0.768  3.739   1.00 71.47  ? 11  DG  A C4    1 
ATOM   229 P  P     . DA  A 1 12 ? 12.343  -1.113  1.867   1.00 111.60 ? 12  DA  A P     1 
ATOM   230 O  OP1   . DA  A 1 12 ? 13.701  -1.679  2.104   1.00 91.39  ? 12  DA  A OP1   1 
ATOM   231 O  OP2   . DA  A 1 12 ? 12.121  -0.040  0.857   1.00 102.51 ? 12  DA  A OP2   1 
ATOM   232 O  "O5'" . DA  A 1 12 ? 11.329  -2.295  1.511   1.00 94.44  ? 12  DA  A "O5'" 1 
ATOM   233 C  "C5'" . DA  A 1 12 ? 11.198  -3.387  2.398   1.00 85.29  ? 12  DA  A "C5'" 1 
ATOM   234 C  "C4'" . DA  A 1 12 ? 10.201  -4.369  1.845   1.00 87.99  ? 12  DA  A "C4'" 1 
ATOM   235 O  "O4'" . DA  A 1 12 ? 8.866   -3.814  1.968   1.00 89.10  ? 12  DA  A "O4'" 1 
ATOM   236 C  "C3'" . DA  A 1 12 ? 10.398  -4.700  0.363   1.00 83.55  ? 12  DA  A "C3'" 1 
ATOM   237 O  "O3'" . DA  A 1 12 ? 10.436  -6.097  0.197   1.00 86.69  ? 12  DA  A "O3'" 1 
ATOM   238 C  "C2'" . DA  A 1 12 ? 9.181   -4.080  -0.327  1.00 78.20  ? 12  DA  A "C2'" 1 
ATOM   239 C  "C1'" . DA  A 1 12 ? 8.147   -4.054  0.791   1.00 74.65  ? 12  DA  A "C1'" 1 
ATOM   240 N  N9    . DA  A 1 12 ? 7.189   -2.985  0.644   1.00 68.68  ? 12  DA  A N9    1 
ATOM   241 C  C8    . DA  A 1 12 ? 7.463   -1.656  0.496   1.00 70.50  ? 12  DA  A C8    1 
ATOM   242 N  N7    . DA  A 1 12 ? 6.390   -0.909  0.372   1.00 66.54  ? 12  DA  A N7    1 
ATOM   243 C  C5    . DA  A 1 12 ? 5.350   -1.809  0.459   1.00 67.01  ? 12  DA  A C5    1 
ATOM   244 C  C6    . DA  A 1 12 ? 3.954   -1.651  0.411   1.00 67.82  ? 12  DA  A C6    1 
ATOM   245 N  N6    . DA  A 1 12 ? 3.366   -0.463  0.254   1.00 67.40  ? 12  DA  A N6    1 
ATOM   246 N  N1    . DA  A 1 12 ? 3.181   -2.763  0.527   1.00 65.89  ? 12  DA  A N1    1 
ATOM   247 C  C2    . DA  A 1 12 ? 3.786   -3.951  0.683   1.00 67.79  ? 12  DA  A C2    1 
ATOM   248 N  N3    . DA  A 1 12 ? 5.100   -4.223  0.747   1.00 70.51  ? 12  DA  A N3    1 
ATOM   249 C  C4    . DA  A 1 12 ? 5.828   -3.096  0.629   1.00 69.59  ? 12  DA  A C4    1 
ATOM   250 P  P     . DC  A 1 13 ? 10.705  -6.731  -1.250  1.00 97.36  ? 13  DC  A P     1 
ATOM   251 O  OP1   . DC  A 1 13 ? 11.255  -8.084  -0.987  1.00 86.63  ? 13  DC  A OP1   1 
ATOM   252 O  OP2   . DC  A 1 13 ? 11.386  -5.714  -2.106  1.00 88.72  ? 13  DC  A OP2   1 
ATOM   253 O  "O5'" . DC  A 1 13 ? 9.250   -6.956  -1.838  1.00 85.06  ? 13  DC  A "O5'" 1 
ATOM   254 C  "C5'" . DC  A 1 13 ? 8.350   -7.749  -1.121  1.00 81.33  ? 13  DC  A "C5'" 1 
ATOM   255 C  "C4'" . DC  A 1 13 ? 6.958   -7.482  -1.607  1.00 77.82  ? 13  DC  A "C4'" 1 
ATOM   256 O  "O4'" . DC  A 1 13 ? 6.673   -6.083  -1.463  1.00 77.16  ? 13  DC  A "O4'" 1 
ATOM   257 C  "C3'" . DC  A 1 13 ? 6.760   -7.748  -3.092  1.00 76.84  ? 13  DC  A "C3'" 1 
ATOM   258 O  "O3'" . DC  A 1 13 ? 5.991   -8.902  -3.290  1.00 81.37  ? 13  DC  A "O3'" 1 
ATOM   259 C  "C2'" . DC  A 1 13 ? 6.025   -6.506  -3.600  1.00 75.55  ? 13  DC  A "C2'" 1 
ATOM   260 C  "C1'" . DC  A 1 13 ? 5.615   -5.838  -2.315  1.00 69.19  ? 13  DC  A "C1'" 1 
ATOM   261 N  N1    . DC  A 1 13 ? 5.416   -4.413  -2.465  1.00 63.75  ? 13  DC  A N1    1 
ATOM   262 C  C2    . DC  A 1 13 ? 4.116   -3.939  -2.657  1.00 69.76  ? 13  DC  A C2    1 
ATOM   263 O  O2    . DC  A 1 13 ? 3.172   -4.755  -2.658  1.00 72.29  ? 13  DC  A O2    1 
ATOM   264 N  N3    . DC  A 1 13 ? 3.922   -2.619  -2.837  1.00 66.40  ? 13  DC  A N3    1 
ATOM   265 C  C4    . DC  A 1 13 ? 4.964   -1.790  -2.824  1.00 68.11  ? 13  DC  A C4    1 
ATOM   266 N  N4    . DC  A 1 13 ? 4.721   -0.485  -2.999  1.00 72.00  ? 13  DC  A N4    1 
ATOM   267 C  C5    . DC  A 1 13 ? 6.298   -2.263  -2.627  1.00 67.27  ? 13  DC  A C5    1 
ATOM   268 C  C6    . DC  A 1 13 ? 6.473   -3.576  -2.462  1.00 65.56  ? 13  DC  A C6    1 
ATOM   269 P  P     . DC  A 1 14 ? 5.753   -9.424  -4.796  1.00 96.62  ? 14  DC  A P     1 
ATOM   270 O  OP1   . DC  A 1 14 ? 5.989   -10.890 -4.799  1.00 97.84  ? 14  DC  A OP1   1 
ATOM   271 O  OP2   . DC  A 1 14 ? 6.476   -8.557  -5.768  1.00 81.72  ? 14  DC  A OP2   1 
ATOM   272 O  "O5'" . DC  A 1 14 ? 4.214   -9.132  -5.035  1.00 83.98  ? 14  DC  A "O5'" 1 
ATOM   273 C  "C5'" . DC  A 1 14 ? 3.296   -9.379  -4.005  1.00 77.81  ? 14  DC  A "C5'" 1 
ATOM   274 C  "C4'" . DC  A 1 14 ? 1.956   -8.839  -4.411  1.00 81.48  ? 14  DC  A "C4'" 1 
ATOM   275 O  "O4'" . DC  A 1 14 ? 1.985   -7.386  -4.324  1.00 81.19  ? 14  DC  A "O4'" 1 
ATOM   276 C  "C3'" . DC  A 1 14 ? 1.559   -9.164  -5.853  1.00 79.30  ? 14  DC  A "C3'" 1 
ATOM   277 O  "O3'" . DC  A 1 14 ? 0.202   -9.517  -5.906  1.00 84.04  ? 14  DC  A "O3'" 1 
ATOM   278 C  "C2'" . DC  A 1 14 ? 1.811   -7.847  -6.584  1.00 83.77  ? 14  DC  A "C2'" 1 
ATOM   279 C  "C1'" . DC  A 1 14 ? 1.456   -6.840  -5.507  1.00 75.12  ? 14  DC  A "C1'" 1 
ATOM   280 N  N1    . DC  A 1 14 ? 2.064   -5.501  -5.716  1.00 68.20  ? 14  DC  A N1    1 
ATOM   281 C  C2    . DC  A 1 14 ? 1.238   -4.372  -5.918  1.00 70.38  ? 14  DC  A C2    1 
ATOM   282 O  O2    . DC  A 1 14 ? 0.007   -4.515  -5.925  1.00 72.25  ? 14  DC  A O2    1 
ATOM   283 N  N3    . DC  A 1 14 ? 1.818   -3.160  -6.106  1.00 64.13  ? 14  DC  A N3    1 
ATOM   284 C  C4    . DC  A 1 14 ? 3.146   -3.048  -6.085  1.00 65.72  ? 14  DC  A C4    1 
ATOM   285 N  N4    . DC  A 1 14 ? 3.674   -1.836  -6.261  1.00 65.27  ? 14  DC  A N4    1 
ATOM   286 C  C5    . DC  A 1 14 ? 3.997   -4.181  -5.880  1.00 68.44  ? 14  DC  A C5    1 
ATOM   287 C  C6    . DC  A 1 14 ? 3.418   -5.374  -5.701  1.00 66.51  ? 14  DC  A C6    1 
ATOM   288 P  P     . DC  A 1 15 ? -0.421  -10.133 -7.251  1.00 100.49 ? 15  DC  A P     1 
ATOM   289 O  OP1   . DC  A 1 15 ? -1.601  -10.937 -6.824  1.00 94.90  ? 15  DC  A OP1   1 
ATOM   290 O  OP2   . DC  A 1 15 ? 0.721   -10.729 -8.001  1.00 89.25  ? 15  DC  A OP2   1 
ATOM   291 O  "O5'" . DC  A 1 15 ? -0.965  -8.855  -8.067  1.00 84.10  ? 15  DC  A "O5'" 1 
ATOM   292 C  "C5'" . DC  A 1 15 ? -1.502  -7.752  -7.358  1.00 78.79  ? 15  DC  A "C5'" 1 
ATOM   293 C  "C4'" . DC  A 1 15 ? -2.794  -7.264  -7.975  1.00 81.12  ? 15  DC  A "C4'" 1 
ATOM   294 O  "O4'" . DC  A 1 15 ? -2.731  -5.822  -8.134  1.00 84.97  ? 15  DC  A "O4'" 1 
ATOM   295 C  "C3'" . DC  A 1 15 ? -3.089  -7.791  -9.360  1.00 87.15  ? 15  DC  A "C3'" 1 
ATOM   296 O  "O3'" . DC  A 1 15 ? -4.500  -7.719  -9.610  1.00 88.76  ? 15  DC  A "O3'" 1 
ATOM   297 C  "C2'" . DC  A 1 15 ? -2.303  -6.818  -10.246 1.00 87.06  ? 15  DC  A "C2'" 1 
ATOM   298 C  "C1'" . DC  A 1 15 ? -2.406  -5.493  -9.475  1.00 79.53  ? 15  DC  A "C1'" 1 
ATOM   299 N  N1    . DC  A 1 15 ? -1.136  -4.713  -9.462  1.00 68.58  ? 15  DC  A N1    1 
ATOM   300 C  C2    . DC  A 1 15 ? -1.158  -3.323  -9.689  1.00 70.00  ? 15  DC  A C2    1 
ATOM   301 O  O2    . DC  A 1 15 ? -2.244  -2.765  -9.903  1.00 70.99  ? 15  DC  A O2    1 
ATOM   302 N  N3    . DC  A 1 15 ? 0.019   -2.635  -9.675  1.00 66.22  ? 15  DC  A N3    1 
ATOM   303 C  C4    . DC  A 1 15 ? 1.167   -3.272  -9.452  1.00 65.53  ? 15  DC  A C4    1 
ATOM   304 N  N4    . DC  A 1 15 ? 2.293   -2.562  -9.451  1.00 63.06  ? 15  DC  A N4    1 
ATOM   305 C  C5    . DC  A 1 15 ? 1.207   -4.684  -9.221  1.00 74.48  ? 15  DC  A C5    1 
ATOM   306 C  C6    . DC  A 1 15 ? 0.045   -5.354  -9.234  1.00 71.76  ? 15  DC  A C6    1 
ATOM   307 P  P     . DC  A 1 16 ? -5.112  -8.244  -11.002 1.00 93.92  ? 16  DC  A P     1 
ATOM   308 O  OP1   . DC  A 1 16 ? -6.580  -8.377  -10.810 1.00 94.82  ? 16  DC  A OP1   1 
ATOM   309 O  OP2   . DC  A 1 16 ? -4.269  -9.386  -11.444 1.00 85.78  ? 16  DC  A OP2   1 
ATOM   310 O  "O5'" . DC  A 1 16 ? -4.885  -7.024  -12.009 1.00 85.86  ? 16  DC  A "O5'" 1 
ATOM   311 C  "C5'" . DC  A 1 16 ? -5.460  -5.752  -11.716 1.00 87.18  ? 16  DC  A "C5'" 1 
ATOM   312 C  "C4'" . DC  A 1 16 ? -5.432  -4.861  -12.940 1.00 88.91  ? 16  DC  A "C4'" 1 
ATOM   313 O  "O4'" . DC  A 1 16 ? -4.243  -4.027  -12.922 1.00 84.87  ? 16  DC  A "O4'" 1 
ATOM   314 C  "C3'" . DC  A 1 16 ? -5.362  -5.605  -14.269 1.00 89.08  ? 16  DC  A "C3'" 1 
ATOM   315 O  "O3'" . DC  A 1 16 ? -5.929  -4.792  -15.252 1.00 89.18  ? 16  DC  A "O3'" 1 
ATOM   316 C  "C2'" . DC  A 1 16 ? -3.866  -5.712  -14.479 1.00 82.67  ? 16  DC  A "C2'" 1 
ATOM   317 C  "C1'" . DC  A 1 16 ? -3.483  -4.302  -14.079 1.00 81.05  ? 16  DC  A "C1'" 1 
ATOM   318 N  N1    . DC  A 1 16 ? -2.074  -4.131  -13.760 1.00 75.98  ? 16  DC  A N1    1 
ATOM   319 C  C2    . DC  A 1 16 ? -1.524  -2.852  -13.837 1.00 75.50  ? 16  DC  A C2    1 
ATOM   320 O  O2    . DC  A 1 16 ? -2.261  -1.918  -14.164 1.00 79.81  ? 16  DC  A O2    1 
ATOM   321 N  N3    . DC  A 1 16 ? -0.211  -2.670  -13.546 1.00 70.38  ? 16  DC  A N3    1 
ATOM   322 C  C4    . DC  A 1 16 ? 0.540   -3.727  -13.204 1.00 73.70  ? 16  DC  A C4    1 
ATOM   323 N  N4    . DC  A 1 16 ? 1.829   -3.512  -12.914 1.00 74.33  ? 16  DC  A N4    1 
ATOM   324 C  C5    . DC  A 1 16 ? -0.010  -5.053  -13.125 1.00 74.16  ? 16  DC  A C5    1 
ATOM   325 C  C6    . DC  A 1 16 ? -1.314  -5.202  -13.405 1.00 72.88  ? 16  DC  A C6    1 
ATOM   326 P  P     . DA  A 1 17 ? -7.091  -5.359  -16.192 1.00 95.54  ? 17  DA  A P     1 
ATOM   327 O  OP1   . DA  A 1 17 ? -8.180  -5.938  -15.363 1.00 89.17  ? 17  DA  A OP1   1 
ATOM   328 O  OP2   . DA  A 1 17 ? -6.390  -6.163  -17.223 1.00 94.31  ? 17  DA  A OP2   1 
ATOM   329 O  "O5'" . DA  A 1 17 ? -7.666  -4.048  -16.881 1.00 94.02  ? 17  DA  A "O5'" 1 
ATOM   330 C  "C5'" . DA  A 1 17 ? -7.987  -2.934  -16.092 1.00 90.67  ? 17  DA  A "C5'" 1 
ATOM   331 C  "C4'" . DA  A 1 17 ? -7.392  -1.679  -16.692 1.00 89.49  ? 17  DA  A "C4'" 1 
ATOM   332 O  "O4'" . DA  A 1 17 ? -5.954  -1.677  -16.517 1.00 92.48  ? 17  DA  A "O4'" 1 
ATOM   333 C  "C3'" . DA  A 1 17 ? -7.625  -1.498  -18.177 1.00 93.26  ? 17  DA  A "C3'" 1 
ATOM   334 O  "O3'" . DA  A 1 17 ? -7.789  -0.110  -18.446 1.00 98.93  ? 17  DA  A "O3'" 1 
ATOM   335 C  "C2'" . DA  A 1 17 ? -6.345  -2.067  -18.804 1.00 90.10  ? 17  DA  A "C2'" 1 
ATOM   336 C  "C1'" . DA  A 1 17 ? -5.296  -1.696  -17.770 1.00 90.32  ? 17  DA  A "C1'" 1 
ATOM   337 N  N9    . DA  A 1 17 ? -4.199  -2.651  -17.660 1.00 90.05  ? 17  DA  A N9    1 
ATOM   338 C  C8    . DA  A 1 17 ? -4.280  -4.020  -17.696 1.00 88.71  ? 17  DA  A C8    1 
ATOM   339 N  N7    . DA  A 1 17 ? -3.123  -4.628  -17.530 1.00 84.81  ? 17  DA  A N7    1 
ATOM   340 C  C5    . DA  A 1 17 ? -2.223  -3.586  -17.357 1.00 83.30  ? 17  DA  A C5    1 
ATOM   341 C  C6    . DA  A 1 17 ? -0.826  -3.562  -17.134 1.00 84.16  ? 17  DA  A C6    1 
ATOM   342 N  N6    . DA  A 1 17 ? -0.073  -4.672  -17.051 1.00 80.64  ? 17  DA  A N6    1 
ATOM   343 N  N1    . DA  A 1 17 ? -0.231  -2.345  -17.001 1.00 83.85  ? 17  DA  A N1    1 
ATOM   344 C  C2    . DA  A 1 17 ? -0.999  -1.236  -17.086 1.00 84.76  ? 17  DA  A C2    1 
ATOM   345 N  N3    . DA  A 1 17 ? -2.319  -1.135  -17.294 1.00 83.28  ? 17  DA  A N3    1 
ATOM   346 C  C4    . DA  A 1 17 ? -2.874  -2.358  -17.423 1.00 86.38  ? 17  DA  A C4    1 
ATOM   347 P  P     . DC  A 1 18 ? -8.003  0.410   -19.947 1.00 103.47 ? 18  DC  A P     1 
ATOM   348 O  OP1   . DC  A 1 18 ? -8.636  1.752   -19.912 1.00 95.76  ? 18  DC  A OP1   1 
ATOM   349 O  OP2   . DC  A 1 18 ? -8.627  -0.703  -20.709 1.00 108.70 ? 18  DC  A OP2   1 
ATOM   350 O  "O5'" . DC  A 1 18 ? -6.522  0.625   -20.475 1.00 88.70  ? 18  DC  A "O5'" 1 
ATOM   351 C  "C5'" . DC  A 1 18 ? -6.155  1.880   -20.910 1.00 91.34  ? 18  DC  A "C5'" 1 
ATOM   352 C  "C4'" . DC  A 1 18 ? -4.665  2.022   -20.867 1.00 94.29  ? 18  DC  A "C4'" 1 
ATOM   353 O  "O4'" . DC  A 1 18 ? -4.073  0.801   -20.426 1.00 91.79  ? 18  DC  A "O4'" 1 
ATOM   354 C  "C3'" . DC  A 1 18 ? -4.028  2.291   -22.213 1.00 97.77  ? 18  DC  A "C3'" 1 
ATOM   355 O  "O3'" . DC  A 1 18 ? -3.784  3.665   -22.327 1.00 102.67 ? 18  DC  A "O3'" 1 
ATOM   356 C  "C2'" . DC  A 1 18 ? -2.723  1.460   -22.198 1.00 95.77  ? 18  DC  A "C2'" 1 
ATOM   357 C  "C1'" . DC  A 1 18 ? -2.725  0.862   -20.802 1.00 91.75  ? 18  DC  A "C1'" 1 
ATOM   358 N  N1    . DC  A 1 18 ? -2.162  -0.491  -20.695 1.00 89.61  ? 18  DC  A N1    1 
ATOM   359 C  C2    . DC  A 1 18 ? -0.818  -0.653  -20.346 1.00 91.25  ? 18  DC  A C2    1 
ATOM   360 O  O2    . DC  A 1 18 ? -0.117  0.352   -20.178 1.00 91.37  ? 18  DC  A O2    1 
ATOM   361 N  N3    . DC  A 1 18 ? -0.316  -1.915  -20.211 1.00 91.80  ? 18  DC  A N3    1 
ATOM   362 C  C4    . DC  A 1 18 ? -1.113  -2.972  -20.402 1.00 92.43  ? 18  DC  A C4    1 
ATOM   363 N  N4    . DC  A 1 18 ? -0.578  -4.199  -20.270 1.00 92.96  ? 18  DC  A N4    1 
ATOM   364 C  C5    . DC  A 1 18 ? -2.495  -2.818  -20.745 1.00 92.89  ? 18  DC  A C5    1 
ATOM   365 C  C6    . DC  A 1 18 ? -2.973  -1.572  -20.869 1.00 91.06  ? 18  DC  A C6    1 
ATOM   366 P  P     . DT  A 1 19 ? -3.513  4.298   -23.771 1.00 116.68 ? 19  DT  A P     1 
ATOM   367 O  OP1   . DT  A 1 19 ? -3.934  5.719   -23.756 1.00 113.74 ? 19  DT  A OP1   1 
ATOM   368 O  OP2   . DT  A 1 19 ? -4.142  3.370   -24.747 1.00 115.42 ? 19  DT  A OP2   1 
ATOM   369 O  "O5'" . DT  A 1 19 ? -1.917  4.222   -23.890 1.00 107.59 ? 19  DT  A "O5'" 1 
ATOM   370 C  "C5'" . DT  A 1 19 ? -1.123  4.509   -22.753 1.00 101.06 ? 19  DT  A "C5'" 1 
ATOM   371 C  "C4'" . DT  A 1 19 ? 0.329   4.197   -23.025 1.00 104.48 ? 19  DT  A "C4'" 1 
ATOM   372 O  "O4'" . DT  A 1 19 ? 0.611   2.811   -22.709 1.00 99.62  ? 19  DT  A "O4'" 1 
ATOM   373 C  "C3'" . DT  A 1 19 ? 0.752   4.399   -24.469 1.00 110.05 ? 19  DT  A "C3'" 1 
ATOM   374 O  "O3'" . DT  A 1 19 ? 1.975   5.071   -24.490 1.00 109.95 ? 19  DT  A "O3'" 1 
ATOM   375 C  "C2'" . DT  A 1 19 ? 0.875   2.969   -25.005 1.00 110.85 ? 19  DT  A "C2'" 1 
ATOM   376 C  "C1'" . DT  A 1 19 ? 1.335   2.233   -23.763 1.00 103.24 ? 19  DT  A "C1'" 1 
ATOM   377 N  N1    . DT  A 1 19 ? 1.046   0.762   -23.758 1.00 99.78  ? 19  DT  A N1    1 
ATOM   378 C  C2    . DT  A 1 19 ? 2.017   -0.101  -23.302 1.00 101.65 ? 19  DT  A C2    1 
ATOM   379 O  O2    . DT  A 1 19 ? 3.117   0.278   -22.923 1.00 103.51 ? 19  DT  A O2    1 
ATOM   380 N  N3    . DT  A 1 19 ? 1.658   -1.432  -23.311 1.00 98.87  ? 19  DT  A N3    1 
ATOM   381 C  C4    . DT  A 1 19 ? 0.452   -1.974  -23.712 1.00 99.58  ? 19  DT  A C4    1 
ATOM   382 O  O4    . DT  A 1 19 ? 0.229   -3.187  -23.674 1.00 101.17 ? 19  DT  A O4    1 
ATOM   383 C  C5    . DT  A 1 19 ? -0.528  -1.012  -24.175 1.00 97.18  ? 19  DT  A C5    1 
ATOM   384 C  C7    . DT  A 1 19 ? -1.876  -1.481  -24.634 1.00 95.09  ? 19  DT  A C7    1 
ATOM   385 C  C6    . DT  A 1 19 ? -0.189  0.296   -24.175 1.00 97.23  ? 19  DT  A C6    1 
ATOM   386 P  P     . DC  A 1 20 ? 2.231   6.233   -25.564 1.00 120.35 ? 20  DC  A P     1 
ATOM   387 O  OP1   . DC  A 1 20 ? 2.245   7.528   -24.849 1.00 125.09 ? 20  DC  A OP1   1 
ATOM   388 O  OP2   . DC  A 1 20 ? 1.260   6.039   -26.672 1.00 115.73 ? 20  DC  A OP2   1 
ATOM   389 O  "O5'" . DC  A 1 20 ? 3.721   5.925   -26.042 1.00 116.28 ? 20  DC  A "O5'" 1 
ATOM   390 C  "C5'" . DC  A 1 20 ? 4.596   5.271   -25.140 1.00 116.55 ? 20  DC  A "C5'" 1 
ATOM   391 C  "C4'" . DC  A 1 20 ? 5.210   4.033   -25.772 1.00 123.66 ? 20  DC  A "C4'" 1 
ATOM   392 O  "O4'" . DC  A 1 20 ? 4.281   2.913   -25.768 1.00 117.39 ? 20  DC  A "O4'" 1 
ATOM   393 C  "C3'" . DC  A 1 20 ? 5.649   4.195   -27.234 1.00 126.01 ? 20  DC  A "C3'" 1 
ATOM   394 O  "O3'" . DC  A 1 20 ? 7.018   3.910   -27.331 1.00 127.59 ? 20  DC  A "O3'" 1 
ATOM   395 C  "C2'" . DC  A 1 20 ? 4.811   3.152   -27.992 1.00 123.40 ? 20  DC  A "C2'" 1 
ATOM   396 C  "C1'" . DC  A 1 20 ? 4.600   2.129   -26.897 1.00 119.36 ? 20  DC  A "C1'" 1 
ATOM   397 N  N1    . DC  A 1 20 ? 3.510   1.119   -27.160 1.00 114.92 ? 20  DC  A N1    1 
ATOM   398 C  C2    . DC  A 1 20 ? 3.682   -0.210  -26.714 1.00 113.81 ? 20  DC  A C2    1 
ATOM   399 O  O2    . DC  A 1 20 ? 4.723   -0.522  -26.110 1.00 114.83 ? 20  DC  A O2    1 
ATOM   400 N  N3    . DC  A 1 20 ? 2.697   -1.114  -26.949 1.00 109.80 ? 20  DC  A N3    1 
ATOM   401 C  C4    . DC  A 1 20 ? 1.591   -0.741  -27.594 1.00 110.01 ? 20  DC  A C4    1 
ATOM   402 N  N4    . DC  A 1 20 ? 0.649   -1.669  -27.797 1.00 111.26 ? 20  DC  A N4    1 
ATOM   403 C  C5    . DC  A 1 20 ? 1.402   0.600   -28.064 1.00 107.44 ? 20  DC  A C5    1 
ATOM   404 C  C6    . DC  A 1 20 ? 2.379   1.488   -27.830 1.00 108.36 ? 20  DC  A C6    1 
ATOM   405 P  P     . DA  A 1 21 ? 7.951   4.846   -28.231 1.00 135.06 ? 21  DA  A P     1 
ATOM   406 O  OP1   . DA  A 1 21 ? 8.180   6.112   -27.491 1.00 134.93 ? 21  DA  A OP1   1 
ATOM   407 O  OP2   . DA  A 1 21 ? 7.283   4.888   -29.555 1.00 133.07 ? 21  DA  A OP2   1 
ATOM   408 O  "O5'" . DA  A 1 21 ? 9.323   4.017   -28.358 1.00 131.94 ? 21  DA  A "O5'" 1 
ATOM   409 C  "C5'" . DA  A 1 21 ? 9.990   3.530   -27.188 1.00 129.98 ? 21  DA  A "C5'" 1 
ATOM   410 C  "C4'" . DA  A 1 21 ? 10.226  2.028   -27.283 1.00 132.97 ? 21  DA  A "C4'" 1 
ATOM   411 O  "O4'" . DA  A 1 21 ? 8.962   1.348   -27.511 1.00 133.17 ? 21  DA  A "O4'" 1 
ATOM   412 C  "C3'" . DA  A 1 21 ? 11.162  1.576   -28.409 1.00 129.55 ? 21  DA  A "C3'" 1 
ATOM   413 O  "O3'" . DA  A 1 21 ? 12.063  0.586   -27.925 1.00 126.15 ? 21  DA  A "O3'" 1 
ATOM   414 C  "C2'" . DA  A 1 21 ? 10.208  1.006   -29.466 1.00 127.57 ? 21  DA  A "C2'" 1 
ATOM   415 C  "C1'" . DA  A 1 21 ? 9.080   0.458   -28.607 1.00 128.24 ? 21  DA  A "C1'" 1 
ATOM   416 N  N9    . DA  A 1 21 ? 7.778   0.394   -29.286 1.00 126.55 ? 21  DA  A N9    1 
ATOM   417 C  C8    . DA  A 1 21 ? 7.175   1.385   -30.021 1.00 125.23 ? 21  DA  A C8    1 
ATOM   418 N  N7    . DA  A 1 21 ? 5.993   1.052   -30.496 1.00 121.14 ? 21  DA  A N7    1 
ATOM   419 C  C5    . DA  A 1 21 ? 5.800   -0.243  -30.035 1.00 121.53 ? 21  DA  A C5    1 
ATOM   420 C  C6    . DA  A 1 21 ? 4.739   -1.162  -30.191 1.00 122.36 ? 21  DA  A C6    1 
ATOM   421 N  N6    . DA  A 1 21 ? 3.629   -0.894  -30.891 1.00 121.11 ? 21  DA  A N6    1 
ATOM   422 N  N1    . DA  A 1 21 ? 4.866   -2.374  -29.601 1.00 123.61 ? 21  DA  A N1    1 
ATOM   423 C  C2    . DA  A 1 21 ? 5.982   -2.642  -28.902 1.00 124.82 ? 21  DA  A C2    1 
ATOM   424 N  N3    . DA  A 1 21 ? 7.044   -1.863  -28.683 1.00 124.03 ? 21  DA  A N3    1 
ATOM   425 C  C4    . DA  A 1 21 ? 6.891   -0.664  -29.283 1.00 124.82 ? 21  DA  A C4    1 
ATOM   426 P  P     . DG  B 2 1  ? -3.092  6.957   -4.707  1.00 68.32  ? 1   DG  B P     1 
ATOM   427 O  OP1   . DG  B 2 1  ? -4.189  7.948   -4.622  1.00 60.25  ? 1   DG  B OP1   1 
ATOM   428 O  OP2   . DG  B 2 1  ? -1.721  7.346   -4.306  1.00 69.87  ? 1   DG  B OP2   1 
ATOM   429 O  "O5'" . DG  B 2 1  ? -3.000  6.330   -6.197  1.00 59.21  ? 1   DG  B "O5'" 1 
ATOM   430 C  "C5'" . DG  B 2 1  ? -4.210  6.113   -6.948  1.00 63.33  ? 1   DG  B "C5'" 1 
ATOM   431 C  "C4'" . DG  B 2 1  ? -4.541  4.624   -7.086  1.00 65.49  ? 1   DG  B "C4'" 1 
ATOM   432 O  "O4'" . DG  B 2 1  ? -3.451  3.964   -7.756  1.00 64.32  ? 1   DG  B "O4'" 1 
ATOM   433 C  "C3'" . DG  B 2 1  ? -4.694  3.833   -5.793  1.00 61.55  ? 1   DG  B "C3'" 1 
ATOM   434 O  "O3'" . DG  B 2 1  ? -6.001  3.968   -5.240  1.00 61.24  ? 1   DG  B "O3'" 1 
ATOM   435 C  "C2'" . DG  B 2 1  ? -4.448  2.407   -6.269  1.00 59.25  ? 1   DG  B "C2'" 1 
ATOM   436 C  "C1'" . DG  B 2 1  ? -3.423  2.602   -7.377  1.00 56.29  ? 1   DG  B "C1'" 1 
ATOM   437 N  N9    . DG  B 2 1  ? -2.068  2.310   -7.004  1.00 52.19  ? 1   DG  B N9    1 
ATOM   438 C  C8    . DG  B 2 1  ? -1.065  3.221   -6.877  1.00 59.41  ? 1   DG  B C8    1 
ATOM   439 N  N7    . DG  B 2 1  ? 0.085   2.704   -6.577  1.00 57.06  ? 1   DG  B N7    1 
ATOM   440 C  C5    . DG  B 2 1  ? -0.171  1.358   -6.505  1.00 57.45  ? 1   DG  B C5    1 
ATOM   441 C  C6    . DG  B 2 1  ? 0.707   0.307   -6.207  1.00 63.43  ? 1   DG  B C6    1 
ATOM   442 O  O6    . DG  B 2 1  ? 1.928   0.371   -5.945  1.00 66.76  ? 1   DG  B O6    1 
ATOM   443 N  N1    . DG  B 2 1  ? 0.059   -0.924  -6.239  1.00 60.97  ? 1   DG  B N1    1 
ATOM   444 C  C2    . DG  B 2 1  ? -1.275  -1.101  -6.530  1.00 62.16  ? 1   DG  B C2    1 
ATOM   445 N  N2    . DG  B 2 1  ? -1.704  -2.373  -6.516  1.00 69.96  ? 1   DG  B N2    1 
ATOM   446 N  N3    . DG  B 2 1  ? -2.130  -0.107  -6.805  1.00 53.20  ? 1   DG  B N3    1 
ATOM   447 C  C4    . DG  B 2 1  ? -1.497  1.090   -6.779  1.00 54.63  ? 1   DG  B C4    1 
ATOM   448 P  P     . DG  B 2 2  ? -6.200  3.788   -3.643  1.00 75.32  ? 2   DG  B P     1 
ATOM   449 O  OP1   . DG  B 2 2  ? -7.669  3.910   -3.346  1.00 63.87  ? 2   DG  B OP1   1 
ATOM   450 O  OP2   . DG  B 2 2  ? -5.257  4.751   -2.990  1.00 60.74  ? 2   DG  B OP2   1 
ATOM   451 O  "O5'" . DG  B 2 2  ? -5.649  2.277   -3.344  1.00 59.68  ? 2   DG  B "O5'" 1 
ATOM   452 C  "C5'" . DG  B 2 2  ? -6.551  1.170   -3.310  1.00 56.68  ? 2   DG  B "C5'" 1 
ATOM   453 C  "C4'" . DG  B 2 2  ? -5.820  -0.154  -3.480  1.00 65.58  ? 2   DG  B "C4'" 1 
ATOM   454 O  "O4'" . DG  B 2 2  ? -4.543  0.080   -4.096  1.00 58.84  ? 2   DG  B "O4'" 1 
ATOM   455 C  "C3'" . DG  B 2 2  ? -5.437  -0.867  -2.190  1.00 76.09  ? 2   DG  B "C3'" 1 
ATOM   456 O  "O3'" . DG  B 2 2  ? -6.519  -1.602  -1.601  1.00 72.33  ? 2   DG  B "O3'" 1 
ATOM   457 C  "C2'" . DG  B 2 2  ? -4.303  -1.795  -2.635  1.00 69.22  ? 2   DG  B "C2'" 1 
ATOM   458 C  "C1'" . DG  B 2 2  ? -3.654  -0.989  -3.749  1.00 63.75  ? 2   DG  B "C1'" 1 
ATOM   459 N  N9    . DG  B 2 2  ? -2.353  -0.424  -3.413  1.00 59.34  ? 2   DG  B N9    1 
ATOM   460 C  C8    . DG  B 2 2  ? -2.034  0.901   -3.398  1.00 60.61  ? 2   DG  B C8    1 
ATOM   461 N  N7    . DG  B 2 2  ? -0.786  1.138   -3.141  1.00 57.42  ? 2   DG  B N7    1 
ATOM   462 C  C5    . DG  B 2 2  ? -0.233  -0.102  -2.964  1.00 56.68  ? 2   DG  B C5    1 
ATOM   463 C  C6    . DG  B 2 2  ? 1.090   -0.446  -2.637  1.00 62.18  ? 2   DG  B C6    1 
ATOM   464 O  O6    . DG  B 2 2  ? 2.055   0.315   -2.438  1.00 61.03  ? 2   DG  B O6    1 
ATOM   465 N  N1    . DG  B 2 2  ? 1.259   -1.821  -2.545  1.00 64.53  ? 2   DG  B N1    1 
ATOM   466 C  C2    . DG  B 2 2  ? 0.260   -2.751  -2.748  1.00 67.59  ? 2   DG  B C2    1 
ATOM   467 N  N2    . DG  B 2 2  ? 0.632   -4.034  -2.617  1.00 69.07  ? 2   DG  B N2    1 
ATOM   468 N  N3    . DG  B 2 2  ? -1.016  -2.443  -3.050  1.00 61.43  ? 2   DG  B N3    1 
ATOM   469 C  C4    . DG  B 2 2  ? -1.179  -1.095  -3.134  1.00 58.68  ? 2   DG  B C4    1 
ATOM   470 P  P     . DT  B 2 3  ? -6.352  -2.040  -0.054  1.00 90.47  ? 3   DT  B P     1 
ATOM   471 O  OP1   . DT  B 2 3  ? -7.648  -2.565  0.455   1.00 90.54  ? 3   DT  B OP1   1 
ATOM   472 O  OP2   . DT  B 2 3  ? -5.680  -0.929  0.687   1.00 72.99  ? 3   DT  B OP2   1 
ATOM   473 O  "O5'" . DT  B 2 3  ? -5.285  -3.238  -0.124  1.00 74.11  ? 3   DT  B "O5'" 1 
ATOM   474 C  "C5'" . DT  B 2 3  ? -5.667  -4.482  -0.696  1.00 69.44  ? 3   DT  B "C5'" 1 
ATOM   475 C  "C4'" . DT  B 2 3  ? -4.589  -5.517  -0.477  1.00 67.56  ? 3   DT  B "C4'" 1 
ATOM   476 O  "O4'" . DT  B 2 3  ? -3.288  -4.932  -0.747  1.00 67.54  ? 3   DT  B "O4'" 1 
ATOM   477 C  "C3'" . DT  B 2 3  ? -4.509  -6.065  0.936   1.00 70.44  ? 3   DT  B "C3'" 1 
ATOM   478 O  "O3'" . DT  B 2 3  ? -4.127  -7.433  0.889   1.00 68.94  ? 3   DT  B "O3'" 1 
ATOM   479 C  "C2'" . DT  B 2 3  ? -3.435  -5.190  1.572   1.00 65.63  ? 3   DT  B "C2'" 1 
ATOM   480 C  "C1'" . DT  B 2 3  ? -2.482  -5.012  0.399   1.00 64.49  ? 3   DT  B "C1'" 1 
ATOM   481 N  N1    . DT  B 2 3  ? -1.662  -3.786  0.477   1.00 62.86  ? 3   DT  B N1    1 
ATOM   482 C  C2    . DT  B 2 3  ? -0.312  -3.911  0.637   1.00 64.87  ? 3   DT  B C2    1 
ATOM   483 O  O2    . DT  B 2 3  ? 0.240   -4.993  0.728   1.00 68.51  ? 3   DT  B O2    1 
ATOM   484 N  N3    . DT  B 2 3  ? 0.372   -2.721  0.701   1.00 64.06  ? 3   DT  B N3    1 
ATOM   485 C  C4    . DT  B 2 3  ? -0.159  -1.454  0.624   1.00 62.11  ? 3   DT  B C4    1 
ATOM   486 O  O4    . DT  B 2 3  ? 0.533   -0.440  0.693   1.00 64.09  ? 3   DT  B O4    1 
ATOM   487 C  C5    . DT  B 2 3  ? -1.585  -1.393  0.446   1.00 60.85  ? 3   DT  B C5    1 
ATOM   488 C  C7    . DT  B 2 3  ? -2.263  -0.064  0.340   1.00 62.12  ? 3   DT  B C7    1 
ATOM   489 C  C6    . DT  B 2 3  ? -2.264  -2.547  0.377   1.00 62.82  ? 3   DT  B C6    1 
ATOM   490 P  P     . DC  B 2 4  ? -4.214  -8.321  2.220   1.00 78.19  ? 4   DC  B P     1 
ATOM   491 O  OP1   . DC  B 2 4  ? -4.332  -9.750  1.816   1.00 77.09  ? 4   DC  B OP1   1 
ATOM   492 O  OP2   . DC  B 2 4  ? -5.261  -7.683  3.058   1.00 76.16  ? 4   DC  B OP2   1 
ATOM   493 O  "O5'" . DC  B 2 4  ? -2.779  -8.086  2.922   1.00 68.95  ? 4   DC  B "O5'" 1 
ATOM   494 C  "C5'" . DC  B 2 4  ? -1.624  -8.018  2.107   1.00 65.98  ? 4   DC  B "C5'" 1 
ATOM   495 C  "C4'" . DC  B 2 4  ? -0.422  -8.688  2.742   1.00 66.16  ? 4   DC  B "C4'" 1 
ATOM   496 O  "O4'" . DC  B 2 4  ? 0.652   -7.736  2.829   1.00 69.41  ? 4   DC  B "O4'" 1 
ATOM   497 C  "C3'" . DC  B 2 4  ? -0.592  -9.213  4.149   1.00 62.30  ? 4   DC  B "C3'" 1 
ATOM   498 O  "O3'" . DC  B 2 4  ? 0.336   -10.283 4.363   1.00 60.71  ? 4   DC  B "O3'" 1 
ATOM   499 C  "C2'" . DC  B 2 4  ? -0.257  -7.988  5.002   1.00 65.22  ? 4   DC  B "C2'" 1 
ATOM   500 C  "C1'" . DC  B 2 4  ? 0.755   -7.229  4.142   1.00 62.33  ? 4   DC  B "C1'" 1 
ATOM   501 N  N1    . DC  B 2 4  ? 0.550   -5.728  4.064   1.00 57.03  ? 4   DC  B N1    1 
ATOM   502 C  C2    . DC  B 2 4  ? 1.672   -4.876  4.136   1.00 65.92  ? 4   DC  B C2    1 
ATOM   503 O  O2    . DC  B 2 4  ? 2.795   -5.381  4.292   1.00 71.57  ? 4   DC  B O2    1 
ATOM   504 N  N3    . DC  B 2 4  ? 1.500   -3.531  4.048   1.00 63.58  ? 4   DC  B N3    1 
ATOM   505 C  C4    . DC  B 2 4  ? 0.272   -3.040  3.879   1.00 68.31  ? 4   DC  B C4    1 
ATOM   506 N  N4    . DC  B 2 4  ? 0.138   -1.706  3.791   1.00 67.43  ? 4   DC  B N4    1 
ATOM   507 C  C5    . DC  B 2 4  ? -0.880  -3.896  3.796   1.00 67.57  ? 4   DC  B C5    1 
ATOM   508 C  C6    . DC  B 2 4  ? -0.689  -5.220  3.878   1.00 59.85  ? 4   DC  B C6    1 
ATOM   509 P  P     . DA  B 2 5  ? 0.345   -11.094 5.750   1.00 70.14  ? 5   DA  B P     1 
ATOM   510 O  OP1   . DA  B 2 5  ? 0.962   -12.440 5.586   1.00 59.32  ? 5   DA  B OP1   1 
ATOM   511 O  OP2   . DA  B 2 5  ? -1.028  -11.029 6.320   1.00 69.48  ? 5   DA  B OP2   1 
ATOM   512 O  "O5'" . DA  B 2 5  ? 1.317   -10.199 6.651   1.00 67.83  ? 5   DA  B "O5'" 1 
ATOM   513 C  "C5'" . DA  B 2 5  ? 2.723   -10.221 6.407   1.00 67.80  ? 5   DA  B "C5'" 1 
ATOM   514 C  "C4'" . DA  B 2 5  ? 3.481   -9.343  7.399   1.00 65.41  ? 5   DA  B "C4'" 1 
ATOM   515 O  "O4'" . DA  B 2 5  ? 3.183   -7.933  7.178   1.00 72.97  ? 5   DA  B "O4'" 1 
ATOM   516 C  "C3'" . DA  B 2 5  ? 3.152   -9.562  8.855   1.00 58.03  ? 5   DA  B "C3'" 1 
ATOM   517 O  "O3'" . DA  B 2 5  ? 4.294   -9.187  9.603   1.00 49.73  ? 5   DA  B "O3'" 1 
ATOM   518 C  "C2'" . DA  B 2 5  ? 2.027   -8.569  9.058   1.00 59.76  ? 5   DA  B "C2'" 1 
ATOM   519 C  "C1'" . DA  B 2 5  ? 2.679   -7.396  8.373   1.00 62.12  ? 5   DA  B "C1'" 1 
ATOM   520 N  N9    . DA  B 2 5  ? 1.795   -6.318  8.050   1.00 58.33  ? 5   DA  B N9    1 
ATOM   521 C  C8    . DA  B 2 5  ? 0.432   -6.358  7.936   1.00 62.08  ? 5   DA  B C8    1 
ATOM   522 N  N7    . DA  B 2 5  ? -0.103  -5.199  7.619   1.00 63.74  ? 5   DA  B N7    1 
ATOM   523 C  C5    . DA  B 2 5  ? 1.001   -4.354  7.522   1.00 65.35  ? 5   DA  B C5    1 
ATOM   524 C  C6    . DA  B 2 5  ? 1.127   -2.987  7.210   1.00 63.12  ? 5   DA  B C6    1 
ATOM   525 N  N6    . DA  B 2 5  ? 0.085   -2.208  6.931   1.00 66.48  ? 5   DA  B N6    1 
ATOM   526 N  N1    . DA  B 2 5  ? 2.372   -2.456  7.197   1.00 63.40  ? 5   DA  B N1    1 
ATOM   527 C  C2    . DA  B 2 5  ? 3.416   -3.253  7.481   1.00 69.43  ? 5   DA  B C2    1 
ATOM   528 N  N3    . DA  B 2 5  ? 3.422   -4.561  7.790   1.00 66.67  ? 5   DA  B N3    1 
ATOM   529 C  C4    . DA  B 2 5  ? 2.171   -5.046  7.795   1.00 62.85  ? 5   DA  B C4    1 
ATOM   530 O  "O5'" . DT  C 3 1  ? -5.677  -4.128  -38.028 1.00 128.26 ? 1   DT  C "O5'" 1 
ATOM   531 C  "C5'" . DT  C 3 1  ? -4.314  -3.823  -38.271 1.00 128.15 ? 1   DT  C "C5'" 1 
ATOM   532 C  "C4'" . DT  C 3 1  ? -3.466  -5.072  -38.152 1.00 132.50 ? 1   DT  C "C4'" 1 
ATOM   533 O  "O4'" . DT  C 3 1  ? -2.062  -4.737  -38.320 1.00 131.01 ? 1   DT  C "O4'" 1 
ATOM   534 C  "C3'" . DT  C 3 1  ? -3.566  -5.781  -36.798 1.00 133.17 ? 1   DT  C "C3'" 1 
ATOM   535 O  "O3'" . DT  C 3 1  ? -3.657  -7.167  -36.980 1.00 137.11 ? 1   DT  C "O3'" 1 
ATOM   536 C  "C2'" . DT  C 3 1  ? -2.256  -5.423  -36.123 1.00 134.28 ? 1   DT  C "C2'" 1 
ATOM   537 C  "C1'" . DT  C 3 1  ? -1.328  -5.385  -37.311 1.00 132.24 ? 1   DT  C "C1'" 1 
ATOM   538 N  N1    . DT  C 3 1  ? -0.098  -4.626  -37.036 1.00 133.03 ? 1   DT  C N1    1 
ATOM   539 C  C2    . DT  C 3 1  ? 1.019   -5.305  -36.601 1.00 133.99 ? 1   DT  C C2    1 
ATOM   540 O  O2    . DT  C 3 1  ? 1.043   -6.518  -36.440 1.00 133.53 ? 1   DT  C O2    1 
ATOM   541 N  N3    . DT  C 3 1  ? 2.112   -4.513  -36.354 1.00 133.77 ? 1   DT  C N3    1 
ATOM   542 C  C4    . DT  C 3 1  ? 2.195   -3.134  -36.489 1.00 134.92 ? 1   DT  C C4    1 
ATOM   543 O  O4    . DT  C 3 1  ? 3.229   -2.507  -36.241 1.00 135.08 ? 1   DT  C O4    1 
ATOM   544 C  C5    . DT  C 3 1  ? 0.981   -2.483  -36.944 1.00 133.30 ? 1   DT  C C5    1 
ATOM   545 C  C7    . DT  C 3 1  ? 0.950   -0.994  -37.133 1.00 131.70 ? 1   DT  C C7    1 
ATOM   546 C  C6    . DT  C 3 1  ? -0.095  -3.252  -37.186 1.00 132.00 ? 1   DT  C C6    1 
ATOM   547 P  P     . DC  C 3 2  ? -4.295  -8.078  -35.822 1.00 146.62 ? 2   DC  C P     1 
ATOM   548 O  OP1   . DC  C 3 2  ? -4.143  -9.505  -36.183 1.00 149.08 ? 2   DC  C OP1   1 
ATOM   549 O  OP2   . DC  C 3 2  ? -5.640  -7.513  -35.557 1.00 143.72 ? 2   DC  C OP2   1 
ATOM   550 O  "O5'" . DC  C 3 2  ? -3.351  -7.834  -34.556 1.00 141.64 ? 2   DC  C "O5'" 1 
ATOM   551 C  "C5'" . DC  C 3 2  ? -3.389  -8.742  -33.470 1.00 139.18 ? 2   DC  C "C5'" 1 
ATOM   552 C  "C4'" . DC  C 3 2  ? -2.233  -9.708  -33.556 1.00 140.27 ? 2   DC  C "C4'" 1 
ATOM   553 O  "O4'" . DC  C 3 2  ? -1.098  -9.031  -34.171 1.00 137.14 ? 2   DC  C "O4'" 1 
ATOM   554 C  "C3'" . DC  C 3 2  ? -1.738  -10.204 -32.207 1.00 138.58 ? 2   DC  C "C3'" 1 
ATOM   555 O  "O3'" . DC  C 3 2  ? -1.181  -11.505 -32.324 1.00 141.84 ? 2   DC  C "O3'" 1 
ATOM   556 C  "C2'" . DC  C 3 2  ? -0.673  -9.177  -31.869 1.00 136.75 ? 2   DC  C "C2'" 1 
ATOM   557 C  "C1'" . DC  C 3 2  ? -0.046  -8.935  -33.234 1.00 136.57 ? 2   DC  C "C1'" 1 
ATOM   558 N  N1    . DC  C 3 2  ? 0.580   -7.596  -33.339 1.00 135.02 ? 2   DC  C N1    1 
ATOM   559 C  C2    . DC  C 3 2  ? 1.972   -7.479  -33.243 1.00 136.21 ? 2   DC  C C2    1 
ATOM   560 O  O2    . DC  C 3 2  ? 2.655   -8.503  -33.102 1.00 136.82 ? 2   DC  C O2    1 
ATOM   561 N  N3    . DC  C 3 2  ? 2.537   -6.243  -33.321 1.00 135.02 ? 2   DC  C N3    1 
ATOM   562 C  C4    . DC  C 3 2  ? 1.764   -5.162  -33.467 1.00 133.14 ? 2   DC  C C4    1 
ATOM   563 N  N4    . DC  C 3 2  ? 2.365   -3.966  -33.536 1.00 128.00 ? 2   DC  C N4    1 
ATOM   564 C  C5    . DC  C 3 2  ? 0.339   -5.264  -33.552 1.00 133.14 ? 2   DC  C C5    1 
ATOM   565 C  C6    . DC  C 3 2  ? -0.204  -6.489  -33.483 1.00 133.63 ? 2   DC  C C6    1 
ATOM   566 P  P     . DT  C 3 3  ? -0.943  -12.396 -31.004 1.00 151.00 ? 3   DT  C P     1 
ATOM   567 O  OP1   . DT  C 3 3  ? -0.506  -13.748 -31.423 1.00 153.76 ? 3   DT  C OP1   1 
ATOM   568 O  OP2   . DT  C 3 3  ? -2.174  -12.271 -30.189 1.00 148.82 ? 3   DT  C OP2   1 
ATOM   569 O  "O5'" . DT  C 3 3  ? 0.288   -11.675 -30.250 1.00 142.53 ? 3   DT  C "O5'" 1 
ATOM   570 C  "C5'" . DT  C 3 3  ? 1.588   -11.647 -30.857 1.00 138.37 ? 3   DT  C "C5'" 1 
ATOM   571 C  "C4'" . DT  C 3 3  ? 2.627   -10.980 -29.959 1.00 138.40 ? 3   DT  C "C4'" 1 
ATOM   572 O  "O4'" . DT  C 3 3  ? 2.785   -9.570  -30.306 1.00 139.59 ? 3   DT  C "O4'" 1 
ATOM   573 C  "C3'" . DT  C 3 3  ? 2.339   -10.991 -28.450 1.00 136.96 ? 3   DT  C "C3'" 1 
ATOM   574 O  "O3'" . DT  C 3 3  ? 3.567   -11.130 -27.757 1.00 137.52 ? 3   DT  C "O3'" 1 
ATOM   575 C  "C2'" . DT  C 3 3  ? 1.793   -9.585  -28.229 1.00 136.83 ? 3   DT  C "C2'" 1 
ATOM   576 C  "C1'" . DT  C 3 3  ? 2.779   -8.834  -29.097 1.00 135.21 ? 3   DT  C "C1'" 1 
ATOM   577 N  N1    . DT  C 3 3  ? 2.440   -7.396  -29.371 1.00 130.38 ? 3   DT  C N1    1 
ATOM   578 C  C2    . DT  C 3 3  ? 3.466   -6.471  -29.424 1.00 129.98 ? 3   DT  C C2    1 
ATOM   579 O  O2    . DT  C 3 3  ? 4.645   -6.766  -29.266 1.00 129.70 ? 3   DT  C O2    1 
ATOM   580 N  N3    . DT  C 3 3  ? 3.070   -5.187  -29.695 1.00 128.30 ? 3   DT  C N3    1 
ATOM   581 C  C4    . DT  C 3 3  ? 1.778   -4.736  -29.896 1.00 127.52 ? 3   DT  C C4    1 
ATOM   582 O  O4    . DT  C 3 3  ? 1.524   -3.557  -30.130 1.00 125.00 ? 3   DT  C O4    1 
ATOM   583 C  C5    . DT  C 3 3  ? 0.747   -5.756  -29.815 1.00 126.62 ? 3   DT  C C5    1 
ATOM   584 C  C7    . DT  C 3 3  ? -0.691  -5.391  -30.020 1.00 124.89 ? 3   DT  C C7    1 
ATOM   585 C  C6    . DT  C 3 3  ? 1.124   -7.020  -29.558 1.00 127.47 ? 3   DT  C C6    1 
ATOM   586 P  P     . DG  C 3 4  ? 3.944   -12.500 -27.015 1.00 147.67 ? 4   DG  C P     1 
ATOM   587 O  OP1   . DG  C 3 4  ? 5.275   -12.924 -27.516 1.00 145.51 ? 4   DG  C OP1   1 
ATOM   588 O  OP2   . DG  C 3 4  ? 2.754   -13.384 -27.114 1.00 144.03 ? 4   DG  C OP2   1 
ATOM   589 O  "O5'" . DG  C 3 4  ? 4.132   -12.071 -25.485 1.00 143.15 ? 4   DG  C "O5'" 1 
ATOM   590 C  "C5'" . DG  C 3 4  ? 5.310   -12.448 -24.786 1.00 136.80 ? 4   DG  C "C5'" 1 
ATOM   591 C  "C4'" . DG  C 3 4  ? 6.267   -11.280 -24.685 1.00 133.22 ? 4   DG  C "C4'" 1 
ATOM   592 O  "O4'" . DG  C 3 4  ? 5.743   -10.144 -25.436 1.00 133.56 ? 4   DG  C "O4'" 1 
ATOM   593 C  "C3'" . DG  C 3 4  ? 6.518   -10.796 -23.262 1.00 127.52 ? 4   DG  C "C3'" 1 
ATOM   594 O  "O3'" . DG  C 3 4  ? 7.927   -10.635 -23.044 1.00 127.97 ? 4   DG  C "O3'" 1 
ATOM   595 C  "C2'" . DG  C 3 4  ? 5.736   -9.478  -23.180 1.00 128.41 ? 4   DG  C "C2'" 1 
ATOM   596 C  "C1'" . DG  C 3 4  ? 5.726   -8.986  -24.623 1.00 128.27 ? 4   DG  C "C1'" 1 
ATOM   597 N  N9    . DG  C 3 4  ? 4.534   -8.186  -24.952 1.00 122.75 ? 4   DG  C N9    1 
ATOM   598 C  C8    . DG  C 3 4  ? 3.225   -8.620  -24.967 1.00 123.93 ? 4   DG  C C8    1 
ATOM   599 N  N7    . DG  C 3 4  ? 2.365   -7.688  -25.287 1.00 119.96 ? 4   DG  C N7    1 
ATOM   600 C  C5    . DG  C 3 4  ? 3.147   -6.558  -25.493 1.00 118.40 ? 4   DG  C C5    1 
ATOM   601 C  C6    . DG  C 3 4  ? 2.767   -5.238  -25.865 1.00 114.93 ? 4   DG  C C6    1 
ATOM   602 O  O6    . DG  C 3 4  ? 1.626   -4.797  -26.091 1.00 110.87 ? 4   DG  C O6    1 
ATOM   603 N  N1    . DG  C 3 4  ? 3.872   -4.394  -25.968 1.00 113.01 ? 4   DG  C N1    1 
ATOM   604 C  C2    . DG  C 3 4  ? 5.178   -4.776  -25.738 1.00 116.86 ? 4   DG  C C2    1 
ATOM   605 N  N2    . DG  C 3 4  ? 6.112   -3.819  -25.886 1.00 116.63 ? 4   DG  C N2    1 
ATOM   606 N  N3    . DG  C 3 4  ? 5.548   -6.009  -25.390 1.00 117.22 ? 4   DG  C N3    1 
ATOM   607 C  C4    . DG  C 3 4  ? 4.485   -6.845  -25.287 1.00 117.84 ? 4   DG  C C4    1 
ATOM   608 P  P     . DA  C 3 5  ? 8.503   -9.569  -21.981 1.00 139.76 ? 5   DA  C P     1 
ATOM   609 O  OP1   . DA  C 3 5  ? 9.914   -9.948  -21.723 1.00 135.22 ? 5   DA  C OP1   1 
ATOM   610 O  OP2   . DA  C 3 5  ? 7.573   -9.445  -20.825 1.00 128.45 ? 5   DA  C OP2   1 
ATOM   611 O  "O5'" . DA  C 3 5  ? 8.515   -8.192  -22.804 1.00 130.38 ? 5   DA  C "O5'" 1 
ATOM   612 C  "C5'" . DA  C 3 5  ? 9.750   -7.550  -23.114 1.00 127.41 ? 5   DA  C "C5'" 1 
ATOM   613 C  "C4'" . DA  C 3 5  ? 9.921   -6.275  -22.304 1.00 124.59 ? 5   DA  C "C4'" 1 
ATOM   614 O  "O4'" . DA  C 3 5  ? 8.704   -5.485  -22.367 1.00 120.97 ? 5   DA  C "O4'" 1 
ATOM   615 C  "C3'" . DA  C 3 5  ? 10.182  -6.475  -20.821 1.00 123.08 ? 5   DA  C "C3'" 1 
ATOM   616 O  "O3'" . DA  C 3 5  ? 10.888  -5.345  -20.329 1.00 127.74 ? 5   DA  C "O3'" 1 
ATOM   617 C  "C2'" . DA  C 3 5  ? 8.766   -6.540  -20.254 1.00 118.61 ? 5   DA  C "C2'" 1 
ATOM   618 C  "C1'" . DA  C 3 5  ? 8.068   -5.478  -21.096 1.00 116.14 ? 5   DA  C "C1'" 1 
ATOM   619 N  N9    . DA  C 3 5  ? 6.634   -5.703  -21.294 1.00 114.29 ? 5   DA  C N9    1 
ATOM   620 C  C8    . DA  C 3 5  ? 5.927   -6.862  -21.095 1.00 113.32 ? 5   DA  C C8    1 
ATOM   621 N  N7    . DA  C 3 5  ? 4.641   -6.752  -21.363 1.00 110.52 ? 5   DA  C N7    1 
ATOM   622 C  C5    . DA  C 3 5  ? 4.498   -5.430  -21.770 1.00 109.08 ? 5   DA  C C5    1 
ATOM   623 C  C6    . DA  C 3 5  ? 3.378   -4.665  -22.195 1.00 108.84 ? 5   DA  C C6    1 
ATOM   624 N  N6    . DA  C 3 5  ? 2.127   -5.152  -22.282 1.00 108.27 ? 5   DA  C N6    1 
ATOM   625 N  N1    . DA  C 3 5  ? 3.598   -3.365  -22.529 1.00 104.79 ? 5   DA  C N1    1 
ATOM   626 C  C2    . DA  C 3 5  ? 4.843   -2.880  -22.441 1.00 103.51 ? 5   DA  C C2    1 
ATOM   627 N  N3    . DA  C 3 5  ? 5.959   -3.495  -22.057 1.00 106.87 ? 5   DA  C N3    1 
ATOM   628 C  C4    . DA  C 3 5  ? 5.717   -4.776  -21.733 1.00 109.42 ? 5   DA  C C4    1 
ATOM   629 P  P     . DG  C 3 6  ? 11.585  -5.380  -18.881 1.00 135.16 ? 6   DG  C P     1 
ATOM   630 O  OP1   . DG  C 3 6  ? 13.026  -5.068  -19.047 1.00 135.27 ? 6   DG  C OP1   1 
ATOM   631 O  OP2   . DG  C 3 6  ? 11.141  -6.628  -18.204 1.00 127.73 ? 6   DG  C OP2   1 
ATOM   632 O  "O5'" . DG  C 3 6  ? 10.935  -4.137  -18.130 1.00 122.72 ? 6   DG  C "O5'" 1 
ATOM   633 C  "C5'" . DG  C 3 6  ? 9.651   -3.709  -18.492 1.00 115.40 ? 6   DG  C "C5'" 1 
ATOM   634 C  "C4'" . DG  C 3 6  ? 9.637   -2.226  -18.746 1.00 112.98 ? 6   DG  C "C4'" 1 
ATOM   635 O  "O4'" . DG  C 3 6  ? 8.445   -1.900  -19.485 1.00 111.04 ? 6   DG  C "O4'" 1 
ATOM   636 C  "C3'" . DG  C 3 6  ? 9.543   -1.398  -17.483 1.00 104.23 ? 6   DG  C "C3'" 1 
ATOM   637 O  "O3'" . DG  C 3 6  ? 9.966   -0.071  -17.728 1.00 108.05 ? 6   DG  C "O3'" 1 
ATOM   638 C  "C2'" . DG  C 3 6  ? 8.058   -1.464  -17.176 1.00 100.59 ? 6   DG  C "C2'" 1 
ATOM   639 C  "C1'" . DG  C 3 6  ? 7.424   -1.535  -18.576 1.00 103.07 ? 6   DG  C "C1'" 1 
ATOM   640 N  N9    . DG  C 3 6  ? 6.324   -2.502  -18.667 1.00 95.05  ? 6   DG  C N9    1 
ATOM   641 C  C8    . DG  C 3 6  ? 6.381   -3.862  -18.455 1.00 96.63  ? 6   DG  C C8    1 
ATOM   642 N  N7    . DG  C 3 6  ? 5.227   -4.460  -18.591 1.00 96.93  ? 6   DG  C N7    1 
ATOM   643 C  C5    . DG  C 3 6  ? 4.347   -3.432  -18.913 1.00 94.29  ? 6   DG  C C5    1 
ATOM   644 C  C6    . DG  C 3 6  ? 2.948   -3.462  -19.183 1.00 92.36  ? 6   DG  C C6    1 
ATOM   645 O  O6    . DG  C 3 6  ? 2.187   -4.440  -19.196 1.00 90.03  ? 6   DG  C O6    1 
ATOM   646 N  N1    . DG  C 3 6  ? 2.445   -2.186  -19.465 1.00 89.81  ? 6   DG  C N1    1 
ATOM   647 C  C2    . DG  C 3 6  ? 3.205   -1.031  -19.485 1.00 90.75  ? 6   DG  C C2    1 
ATOM   648 N  N2    . DG  C 3 6  ? 2.560   0.112   -19.774 1.00 89.47  ? 6   DG  C N2    1 
ATOM   649 N  N3    . DG  C 3 6  ? 4.514   -0.993  -19.238 1.00 91.29  ? 6   DG  C N3    1 
ATOM   650 C  C4    . DG  C 3 6  ? 5.013   -2.223  -18.959 1.00 92.83  ? 6   DG  C C4    1 
ATOM   651 P  P     . DT  C 3 7  ? 10.235  0.908   -16.482 1.00 113.06 ? 7   DT  C P     1 
ATOM   652 O  OP1   . DT  C 3 7  ? 11.119  2.032   -16.878 1.00 109.08 ? 7   DT  C OP1   1 
ATOM   653 O  OP2   . DT  C 3 7  ? 10.618  0.019   -15.359 1.00 113.77 ? 7   DT  C OP2   1 
ATOM   654 O  "O5'" . DT  C 3 7  ? 8.806   1.557   -16.231 1.00 106.83 ? 7   DT  C "O5'" 1 
ATOM   655 C  "C5'" . DT  C 3 7  ? 8.149   2.169   -17.326 1.00 105.72 ? 7   DT  C "C5'" 1 
ATOM   656 C  "C4'" . DT  C 3 7  ? 6.809   2.755   -16.922 1.00 100.48 ? 7   DT  C "C4'" 1 
ATOM   657 O  "O4'" . DT  C 3 7  ? 5.763   1.755   -17.050 1.00 94.39  ? 7   DT  C "O4'" 1 
ATOM   658 C  "C3'" . DT  C 3 7  ? 6.705   3.279   -15.494 1.00 91.94  ? 7   DT  C "C3'" 1 
ATOM   659 O  "O3'" . DT  C 3 7  ? 5.883   4.412   -15.532 1.00 91.51  ? 7   DT  C "O3'" 1 
ATOM   660 C  "C2'" . DT  C 3 7  ? 6.006   2.120   -14.780 1.00 84.64  ? 7   DT  C "C2'" 1 
ATOM   661 C  "C1'" . DT  C 3 7  ? 5.016   1.729   -15.859 1.00 83.13  ? 7   DT  C "C1'" 1 
ATOM   662 N  N1    . DT  C 3 7  ? 4.420   0.377   -15.727 1.00 79.30  ? 7   DT  C N1    1 
ATOM   663 C  C2    . DT  C 3 7  ? 3.082   0.204   -16.034 1.00 78.79  ? 7   DT  C C2    1 
ATOM   664 O  O2    . DT  C 3 7  ? 2.345   1.120   -16.387 1.00 77.44  ? 7   DT  C O2    1 
ATOM   665 N  N3    . DT  C 3 7  ? 2.627   -1.080  -15.909 1.00 76.67  ? 7   DT  C N3    1 
ATOM   666 C  C4    . DT  C 3 7  ? 3.358   -2.184  -15.526 1.00 77.39  ? 7   DT  C C4    1 
ATOM   667 O  O4    . DT  C 3 7  ? 2.857   -3.301  -15.440 1.00 79.79  ? 7   DT  C O4    1 
ATOM   668 C  C5    . DT  C 3 7  ? 4.751   -1.936  -15.223 1.00 78.97  ? 7   DT  C C5    1 
ATOM   669 C  C7    . DT  C 3 7  ? 5.639   -3.064  -14.784 1.00 81.88  ? 7   DT  C C7    1 
ATOM   670 C  C6    . DT  C 3 7  ? 5.211   -0.680  -15.344 1.00 78.42  ? 7   DT  C C6    1 
ATOM   671 P  P     . DG  C 3 8  ? 6.045   5.609   -14.478 1.00 107.87 ? 8   DG  C P     1 
ATOM   672 O  OP1   . DG  C 3 8  ? 6.927   6.633   -15.107 1.00 103.55 ? 8   DG  C OP1   1 
ATOM   673 O  OP2   . DG  C 3 8  ? 6.375   5.024   -13.145 1.00 100.01 ? 8   DG  C OP2   1 
ATOM   674 O  "O5'" . DG  C 3 8  ? 4.565   6.206   -14.440 1.00 85.32  ? 8   DG  C "O5'" 1 
ATOM   675 C  "C5'" . DG  C 3 8  ? 3.885   6.408   -15.670 1.00 80.34  ? 8   DG  C "C5'" 1 
ATOM   676 C  "C4'" . DG  C 3 8  ? 2.393   6.513   -15.462 1.00 75.58  ? 8   DG  C "C4'" 1 
ATOM   677 O  "O4'" . DG  C 3 8  ? 1.830   5.205   -15.199 1.00 77.97  ? 8   DG  C "O4'" 1 
ATOM   678 C  "C3'" . DG  C 3 8  ? 1.968   7.377   -14.309 1.00 70.67  ? 8   DG  C "C3'" 1 
ATOM   679 O  "O3'" . DG  C 3 8  ? 0.773   7.974   -14.629 1.00 72.02  ? 8   DG  C "O3'" 1 
ATOM   680 C  "C2'" . DG  C 3 8  ? 1.813   6.378   -13.154 1.00 68.84  ? 8   DG  C "C2'" 1 
ATOM   681 C  "C1'" . DG  C 3 8  ? 1.372   5.108   -13.862 1.00 70.61  ? 8   DG  C "C1'" 1 
ATOM   682 N  N9    . DG  C 3 8  ? 1.949   3.875   -13.334 1.00 66.79  ? 8   DG  C N9    1 
ATOM   683 C  C8    . DG  C 3 8  ? 3.245   3.674   -12.913 1.00 69.69  ? 8   DG  C C8    1 
ATOM   684 N  N7    . DG  C 3 8  ? 3.483   2.447   -12.535 1.00 68.32  ? 8   DG  C N7    1 
ATOM   685 C  C5    . DG  C 3 8  ? 2.274   1.785   -12.751 1.00 66.76  ? 8   DG  C C5    1 
ATOM   686 C  C6    . DG  C 3 8  ? 1.909   0.423   -12.538 1.00 66.70  ? 8   DG  C C6    1 
ATOM   687 O  O6    . DG  C 3 8  ? 2.613   -0.506  -12.106 1.00 68.25  ? 8   DG  C O6    1 
ATOM   688 N  N1    . DG  C 3 8  ? 0.579   0.168   -12.896 1.00 62.14  ? 8   DG  C N1    1 
ATOM   689 C  C2    . DG  C 3 8  ? -0.280  1.120   -13.379 1.00 64.88  ? 8   DG  C C2    1 
ATOM   690 N  N2    . DG  C 3 8  ? -1.516  0.711   -13.663 1.00 66.69  ? 8   DG  C N2    1 
ATOM   691 N  N3    . DG  C 3 8  ? 0.046   2.398   -13.580 1.00 68.13  ? 8   DG  C N3    1 
ATOM   692 C  C4    . DG  C 3 8  ? 1.332   2.654   -13.251 1.00 65.24  ? 8   DG  C C4    1 
ATOM   693 P  P     . DG  C 3 9  ? 0.087   8.954   -13.571 1.00 86.48  ? 9   DG  C P     1 
ATOM   694 O  OP1   . DG  C 3 9  ? -0.960  9.783   -14.238 1.00 76.54  ? 9   DG  C OP1   1 
ATOM   695 O  OP2   . DG  C 3 9  ? 1.209   9.639   -12.876 1.00 79.78  ? 9   DG  C OP2   1 
ATOM   696 O  "O5'" . DG  C 3 9  ? -0.683  7.950   -12.605 1.00 67.05  ? 9   DG  C "O5'" 1 
ATOM   697 C  "C5'" . DG  C 3 9  ? -1.898  7.430   -13.031 1.00 67.07  ? 9   DG  C "C5'" 1 
ATOM   698 C  "C4'" . DG  C 3 9  ? -2.378  6.382   -12.070 1.00 70.88  ? 9   DG  C "C4'" 1 
ATOM   699 O  "O4'" . DG  C 3 9  ? -1.370  5.350   -11.890 1.00 73.28  ? 9   DG  C "O4'" 1 
ATOM   700 C  "C3'" . DG  C 3 9  ? -2.659  6.883   -10.655 1.00 65.19  ? 9   DG  C "C3'" 1 
ATOM   701 O  "O3'" . DG  C 3 9  ? -3.888  6.333   -10.242 1.00 60.34  ? 9   DG  C "O3'" 1 
ATOM   702 C  "C2'" . DG  C 3 9  ? -1.507  6.296   -9.853  1.00 60.99  ? 9   DG  C "C2'" 1 
ATOM   703 C  "C1'" . DG  C 3 9  ? -1.455  4.986   -10.544 1.00 58.58  ? 9   DG  C "C1'" 1 
ATOM   704 N  N9    . DG  C 3 9  ? -0.376  4.127   -10.178 1.00 57.56  ? 9   DG  C N9    1 
ATOM   705 C  C8    . DG  C 3 9  ? 0.912   4.466   -9.848  1.00 57.45  ? 9   DG  C C8    1 
ATOM   706 N  N7    . DG  C 3 9  ? 1.648   3.432   -9.553  1.00 57.82  ? 9   DG  C N7    1 
ATOM   707 C  C5    . DG  C 3 9  ? 0.778   2.350   -9.694  1.00 58.42  ? 9   DG  C C5    1 
ATOM   708 C  C6    . DG  C 3 9  ? 0.994   0.968   -9.509  1.00 56.76  ? 9   DG  C C6    1 
ATOM   709 O  O6    . DG  C 3 9  ? 2.028   0.396   -9.176  1.00 60.98  ? 9   DG  C O6    1 
ATOM   710 N  N1    . DG  C 3 9  ? -0.146  0.223   -9.764  1.00 56.27  ? 9   DG  C N1    1 
ATOM   711 C  C2    . DG  C 3 9  ? -1.356  0.747   -10.148 1.00 64.33  ? 9   DG  C C2    1 
ATOM   712 N  N2    . DG  C 3 9  ? -2.365  -0.133  -10.350 1.00 64.31  ? 9   DG  C N2    1 
ATOM   713 N  N3    . DG  C 3 9  ? -1.577  2.047   -10.322 1.00 61.09  ? 9   DG  C N3    1 
ATOM   714 C  C4    . DG  C 3 9  ? -0.461  2.777   -10.077 1.00 60.35  ? 9   DG  C C4    1 
ATOM   715 P  P     . DC  D 4 1  ? 1.866   -8.285  14.171  1.00 76.33  ? 10  DC  D P     1 
ATOM   716 O  OP1   . DC  D 4 1  ? 2.284   -9.488  14.951  1.00 68.96  ? 10  DC  D OP1   1 
ATOM   717 O  OP2   . DC  D 4 1  ? 0.453   -8.042  13.784  1.00 68.42  ? 10  DC  D OP2   1 
ATOM   718 O  "O5'" . DC  D 4 1  ? 2.670   -8.283  12.809  1.00 66.06  ? 10  DC  D "O5'" 1 
ATOM   719 C  "C5'" . DC  D 4 1  ? 4.083   -8.207  12.834  1.00 69.63  ? 10  DC  D "C5'" 1 
ATOM   720 C  "C4'" . DC  D 4 1  ? 4.548   -6.816  12.455  1.00 72.55  ? 10  DC  D "C4'" 1 
ATOM   721 O  "O4'" . DC  D 4 1  ? 3.671   -6.253  11.462  1.00 69.95  ? 10  DC  D "O4'" 1 
ATOM   722 C  "C3'" . DC  D 4 1  ? 4.479   -5.801  13.555  1.00 76.71  ? 10  DC  D "C3'" 1 
ATOM   723 O  "O3'" . DC  D 4 1  ? 5.601   -5.941  14.402  1.00 83.54  ? 10  DC  D "O3'" 1 
ATOM   724 C  "C2'" . DC  D 4 1  ? 4.525   -4.489  12.762  1.00 73.74  ? 10  DC  D "C2'" 1 
ATOM   725 C  "C1'" . DC  D 4 1  ? 3.897   -4.873  11.416  1.00 63.53  ? 10  DC  D "C1'" 1 
ATOM   726 N  N1    . DC  D 4 1  ? 2.616   -4.201  11.162  1.00 67.41  ? 10  DC  D N1    1 
ATOM   727 C  C2    . DC  D 4 1  ? 2.610   -2.833  10.809  1.00 69.63  ? 10  DC  D C2    1 
ATOM   728 O  O2    . DC  D 4 1  ? 3.697   -2.233  10.718  1.00 69.14  ? 10  DC  D O2    1 
ATOM   729 N  N3    . DC  D 4 1  ? 1.419   -2.215  10.581  1.00 64.58  ? 10  DC  D N3    1 
ATOM   730 C  C4    . DC  D 4 1  ? 0.280   -2.899  10.710  1.00 64.30  ? 10  DC  D C4    1 
ATOM   731 N  N4    . DC  D 4 1  ? -0.867  -2.250  10.486  1.00 62.74  ? 10  DC  D N4    1 
ATOM   732 C  C5    . DC  D 4 1  ? 0.267   -4.288  11.073  1.00 64.22  ? 10  DC  D C5    1 
ATOM   733 C  C6    . DC  D 4 1  ? 1.446   -4.893  11.288  1.00 62.98  ? 10  DC  D C6    1 
ATOM   734 P  P     . DG  D 4 2  ? 5.516   -5.417  15.916  1.00 88.39  ? 11  DG  D P     1 
ATOM   735 O  OP1   . DG  D 4 2  ? 6.819   -5.799  16.527  1.00 85.29  ? 11  DG  D OP1   1 
ATOM   736 O  OP2   . DG  D 4 2  ? 4.215   -5.866  16.493  1.00 74.82  ? 11  DG  D OP2   1 
ATOM   737 O  "O5'" . DG  D 4 2  ? 5.430   -3.824  15.767  1.00 75.92  ? 11  DG  D "O5'" 1 
ATOM   738 C  "C5'" . DG  D 4 2  ? 6.605   -3.072  15.516  1.00 81.16  ? 11  DG  D "C5'" 1 
ATOM   739 C  "C4'" . DG  D 4 2  ? 6.239   -1.699  14.998  1.00 85.96  ? 11  DG  D "C4'" 1 
ATOM   740 O  "O4'" . DG  D 4 2  ? 5.057   -1.822  14.206  1.00 81.34  ? 11  DG  D "O4'" 1 
ATOM   741 C  "C3'" . DG  D 4 2  ? 5.821   -0.699  16.057  1.00 92.28  ? 11  DG  D "C3'" 1 
ATOM   742 O  "O3'" . DG  D 4 2  ? 6.940   -0.049  16.614  1.00 96.94  ? 11  DG  D "O3'" 1 
ATOM   743 C  "C2'" . DG  D 4 2  ? 4.947   0.283   15.272  1.00 89.65  ? 11  DG  D "C2'" 1 
ATOM   744 C  "C1'" . DG  D 4 2  ? 4.482   -0.549  14.079  1.00 81.96  ? 11  DG  D "C1'" 1 
ATOM   745 N  N9    . DG  D 4 2  ? 3.044   -0.705  13.988  1.00 76.27  ? 11  DG  D N9    1 
ATOM   746 C  C8    . DG  D 4 2  ? 2.315   -1.849  14.203  1.00 74.42  ? 11  DG  D C8    1 
ATOM   747 N  N7    . DG  D 4 2  ? 1.028   -1.690  14.019  1.00 70.81  ? 11  DG  D N7    1 
ATOM   748 C  C5    . DG  D 4 2  ? 0.901   -0.354  13.660  1.00 76.05  ? 11  DG  D C5    1 
ATOM   749 C  C6    . DG  D 4 2  ? -0.259  0.404   13.337  1.00 83.65  ? 11  DG  D C6    1 
ATOM   750 O  O6    . DG  D 4 2  ? -1.456  0.030   13.310  1.00 83.54  ? 11  DG  D O6    1 
ATOM   751 N  N1    . DG  D 4 2  ? 0.064   1.730   13.024  1.00 83.90  ? 11  DG  D N1    1 
ATOM   752 C  C2    . DG  D 4 2  ? 1.350   2.247   13.026  1.00 86.63  ? 11  DG  D C2    1 
ATOM   753 N  N2    . DG  D 4 2  ? 1.466   3.549   12.696  1.00 92.60  ? 11  DG  D N2    1 
ATOM   754 N  N3    . DG  D 4 2  ? 2.441   1.549   13.328  1.00 78.58  ? 11  DG  D N3    1 
ATOM   755 C  C4    . DG  D 4 2  ? 2.138   0.263   13.634  1.00 77.59  ? 11  DG  D C4    1 
ATOM   756 P  P     . DT  D 4 3  ? 6.770   0.733   18.007  1.00 105.13 ? 12  DT  D P     1 
ATOM   757 O  OP1   . DT  D 4 3  ? 8.146   1.051   18.471  1.00 101.90 ? 12  DT  D OP1   1 
ATOM   758 O  OP2   . DT  D 4 3  ? 5.774   0.007   18.838  1.00 98.38  ? 12  DT  D OP2   1 
ATOM   759 O  "O5'" . DT  D 4 3  ? 6.020   2.079   17.615  1.00 96.28  ? 12  DT  D "O5'" 1 
ATOM   760 C  "C5'" . DT  D 4 3  ? 6.677   3.033   16.823  1.00 99.32  ? 12  DT  D "C5'" 1 
ATOM   761 C  "C4'" . DT  D 4 3  ? 5.757   4.194   16.578  1.00 100.96 ? 12  DT  D "C4'" 1 
ATOM   762 O  "O4'" . DT  D 4 3  ? 4.488   3.700   16.062  1.00 100.05 ? 12  DT  D "O4'" 1 
ATOM   763 C  "C3'" . DT  D 4 3  ? 5.411   4.982   17.833  1.00 107.21 ? 12  DT  D "C3'" 1 
ATOM   764 O  "O3'" . DT  D 4 3  ? 5.369   6.360   17.521  1.00 115.97 ? 12  DT  D "O3'" 1 
ATOM   765 C  "C2'" . DT  D 4 3  ? 4.027   4.449   18.195  1.00 102.40 ? 12  DT  D "C2'" 1 
ATOM   766 C  "C1'" . DT  D 4 3  ? 3.440   4.252   16.816  1.00 96.31  ? 12  DT  D "C1'" 1 
ATOM   767 N  N1    . DT  D 4 3  ? 2.302   3.324   16.805  1.00 91.17  ? 12  DT  D N1    1 
ATOM   768 C  C2    . DT  D 4 3  ? 1.064   3.768   16.370  1.00 95.16  ? 12  DT  D C2    1 
ATOM   769 O  O2    . DT  D 4 3  ? 0.863   4.902   15.963  1.00 100.72 ? 12  DT  D O2    1 
ATOM   770 N  N3    . DT  D 4 3  ? 0.063   2.827   16.417  1.00 90.06  ? 12  DT  D N3    1 
ATOM   771 C  C4    . DT  D 4 3  ? 0.177   1.516   16.856  1.00 87.82  ? 12  DT  D C4    1 
ATOM   772 O  O4    . DT  D 4 3  ? -0.780  0.741   16.873  1.00 84.24  ? 12  DT  D O4    1 
ATOM   773 C  C5    . DT  D 4 3  ? 1.500   1.120   17.302  1.00 86.96  ? 12  DT  D C5    1 
ATOM   774 C  C7    . DT  D 4 3  ? 1.737   -0.270  17.802  1.00 84.41  ? 12  DT  D C7    1 
ATOM   775 C  C6    . DT  D 4 3  ? 2.486   2.034   17.257  1.00 89.58  ? 12  DT  D C6    1 
ATOM   776 P  P     . DC  D 4 4  ? 5.652   7.454   18.658  1.00 121.63 ? 13  DC  D P     1 
ATOM   777 O  OP1   . DC  D 4 4  ? 6.798   8.278   18.204  1.00 117.78 ? 13  DC  D OP1   1 
ATOM   778 O  OP2   . DC  D 4 4  ? 5.698   6.742   19.960  1.00 115.06 ? 13  DC  D OP2   1 
ATOM   779 O  "O5'" . DC  D 4 4  ? 4.322   8.310   18.653  1.00 105.22 ? 13  DC  D "O5'" 1 
ATOM   780 C  "C5'" . DC  D 4 4  ? 3.131   7.646   18.625  1.00 98.64  ? 13  DC  D "C5'" 1 
ATOM   781 C  "C4'" . DC  D 4 4  ? 2.080   8.538   18.088  1.00 108.11 ? 13  DC  D "C4'" 1 
ATOM   782 O  "O4'" . DC  D 4 4  ? 0.976   7.724   17.655  1.00 110.41 ? 13  DC  D "O4'" 1 
ATOM   783 C  "C3'" . DC  D 4 4  ? 1.517   9.489   19.119  1.00 118.61 ? 13  DC  D "C3'" 1 
ATOM   784 O  "O3'" . DC  D 4 4  ? 1.027   10.665  18.482  1.00 125.92 ? 13  DC  D "O3'" 1 
ATOM   785 C  "C2'" . DC  D 4 4  ? 0.402   8.660   19.759  1.00 117.52 ? 13  DC  D "C2'" 1 
ATOM   786 C  "C1'" . DC  D 4 4  ? -0.081  7.794   18.591  1.00 111.76 ? 13  DC  D "C1'" 1 
ATOM   787 N  N1    . DC  D 4 4  ? -0.456  6.391   18.978  1.00 106.47 ? 13  DC  D N1    1 
ATOM   788 C  C2    . DC  D 4 4  ? -1.773  5.936   18.761  1.00 107.67 ? 13  DC  D C2    1 
ATOM   789 O  O2    . DC  D 4 4  ? -2.605  6.710   18.259  1.00 109.52 ? 13  DC  D O2    1 
ATOM   790 N  N3    . DC  D 4 4  ? -2.097  4.662   19.112  1.00 102.85 ? 13  DC  D N3    1 
ATOM   791 C  C4    . DC  D 4 4  ? -1.170  3.860   19.650  1.00 103.02 ? 13  DC  D C4    1 
ATOM   792 N  N4    . DC  D 4 4  ? -1.539  2.614   19.979  1.00 100.48 ? 13  DC  D N4    1 
ATOM   793 C  C5    . DC  D 4 4  ? 0.177   4.302   19.874  1.00 98.63  ? 13  DC  D C5    1 
ATOM   794 C  C6    . DC  D 4 4  ? 0.487   5.560   19.522  1.00 101.06 ? 13  DC  D C6    1 
ATOM   795 P  P     . DT  D 4 5  ? 0.738   11.992  19.341  1.00 135.08 ? 14  DT  D P     1 
ATOM   796 O  OP1   . DT  D 4 5  ? 0.784   13.140  18.407  1.00 133.36 ? 14  DT  D OP1   1 
ATOM   797 O  OP2   . DT  D 4 5  ? 1.673   11.971  20.500  1.00 125.56 ? 14  DT  D OP2   1 
ATOM   798 O  "O5'" . DT  D 4 5  ? -0.785  11.800  19.835  1.00 123.11 ? 14  DT  D "O5'" 1 
ATOM   799 C  "C5'" . DT  D 4 5  ? -1.839  11.627  18.876  1.00 121.15 ? 14  DT  D "C5'" 1 
ATOM   800 C  "C4'" . DT  D 4 5  ? -3.151  11.254  19.553  1.00 128.19 ? 14  DT  D "C4'" 1 
ATOM   801 O  "O4'" . DT  D 4 5  ? -3.203  9.816   19.804  1.00 126.15 ? 14  DT  D "O4'" 1 
ATOM   802 C  "C3'" . DT  D 4 5  ? -3.402  11.917  20.916  1.00 133.55 ? 14  DT  D "C3'" 1 
ATOM   803 O  "O3'" . DT  D 4 5  ? -4.763  12.384  21.006  1.00 141.68 ? 14  DT  D "O3'" 1 
ATOM   804 C  "C2'" . DT  D 4 5  ? -3.146  10.777  21.900  1.00 131.19 ? 14  DT  D "C2'" 1 
ATOM   805 C  "C1'" . DT  D 4 5  ? -3.715  9.623   21.103  1.00 125.47 ? 14  DT  D "C1'" 1 
ATOM   806 N  N1    . DT  D 4 5  ? -3.343  8.260   21.615  1.00 119.96 ? 14  DT  D N1    1 
ATOM   807 C  C2    . DT  D 4 5  ? -4.289  7.251   21.561  1.00 120.94 ? 14  DT  D C2    1 
ATOM   808 O  O2    . DT  D 4 5  ? -5.413  7.416   21.102  1.00 122.25 ? 14  DT  D O2    1 
ATOM   809 N  N3    . DT  D 4 5  ? -3.870  6.032   22.053  1.00 117.22 ? 14  DT  D N3    1 
ATOM   810 C  C4    . DT  D 4 5  ? -2.621  5.736   22.598  1.00 114.41 ? 14  DT  D C4    1 
ATOM   811 O  O4    . DT  D 4 5  ? -2.336  4.609   23.016  1.00 111.04 ? 14  DT  D O4    1 
ATOM   812 C  C5    . DT  D 4 5  ? -1.677  6.846   22.629  1.00 112.13 ? 14  DT  D C5    1 
ATOM   813 C  C7    . DT  D 4 5  ? -0.296  6.648   23.183  1.00 101.55 ? 14  DT  D C7    1 
ATOM   814 C  C6    . DT  D 4 5  ? -2.082  8.040   22.147  1.00 114.70 ? 14  DT  D C6    1 
ATOM   815 P  P     . DG  D 4 6  ? -5.077  13.770  21.761  1.00 151.05 ? 15  DG  D P     1 
ATOM   816 O  OP1   . DG  D 4 6  ? -4.730  14.861  20.815  1.00 143.80 ? 15  DG  D OP1   1 
ATOM   817 O  OP2   . DG  D 4 6  ? -4.426  13.665  23.091  1.00 144.64 ? 15  DG  D OP2   1 
ATOM   818 O  "O5'" . DG  D 4 6  ? -6.660  13.773  22.041  1.00 142.72 ? 15  DG  D "O5'" 1 
ATOM   819 C  "C5'" . DG  D 4 6  ? -7.578  13.251  21.093  1.00 142.69 ? 15  DG  D "C5'" 1 
ATOM   820 C  "C4'" . DG  D 4 6  ? -8.387  12.149  21.735  1.00 142.54 ? 15  DG  D "C4'" 1 
ATOM   821 O  "O4'" . DG  D 4 6  ? -7.492  11.055  22.021  1.00 139.15 ? 15  DG  D "O4'" 1 
ATOM   822 C  "C3'" . DG  D 4 6  ? -9.027  12.537  23.080  1.00 143.36 ? 15  DG  D "C3'" 1 
ATOM   823 O  "O3'" . DG  D 4 6  ? -10.491 12.623  22.983  1.00 147.97 ? 15  DG  D "O3'" 1 
ATOM   824 C  "C2'" . DG  D 4 6  ? -8.542  11.478  24.078  1.00 140.73 ? 15  DG  D "C2'" 1 
ATOM   825 C  "C1'" . DG  D 4 6  ? -7.909  10.413  23.192  1.00 138.24 ? 15  DG  D "C1'" 1 
ATOM   826 N  N9    . DG  D 4 6  ? -6.762  9.771   23.816  1.00 133.31 ? 15  DG  D N9    1 
ATOM   827 C  C8    . DG  D 4 6  ? -5.578  10.360  24.198  1.00 131.75 ? 15  DG  D C8    1 
ATOM   828 N  N7    . DG  D 4 6  ? -4.737  9.524   24.755  1.00 130.38 ? 15  DG  D N7    1 
ATOM   829 C  C5    . DG  D 4 6  ? -5.416  8.305   24.747  1.00 130.86 ? 15  DG  D C5    1 
ATOM   830 C  C6    . DG  D 4 6  ? -5.017  7.021   25.221  1.00 128.53 ? 15  DG  D C6    1 
ATOM   831 O  O6    . DG  D 4 6  ? -3.940  6.687   25.760  1.00 124.74 ? 15  DG  D O6    1 
ATOM   832 N  N1    . DG  D 4 6  ? -6.021  6.060   25.009  1.00 127.70 ? 15  DG  D N1    1 
ATOM   833 C  C2    . DG  D 4 6  ? -7.247  6.312   24.418  1.00 128.56 ? 15  DG  D C2    1 
ATOM   834 N  N2    . DG  D 4 6  ? -8.090  5.268   24.298  1.00 124.46 ? 15  DG  D N2    1 
ATOM   835 N  N3    . DG  D 4 6  ? -7.626  7.506   23.976  1.00 130.46 ? 15  DG  D N3    1 
ATOM   836 C  C4    . DG  D 4 6  ? -6.666  8.447   24.170  1.00 132.05 ? 15  DG  D C4    1 
ATOM   837 P  P     . DC  D 4 7  ? -11.475 11.380  23.320  1.00 156.89 ? 16  DC  D P     1 
ATOM   838 O  OP1   . DC  D 4 7  ? -10.962 10.167  22.637  1.00 150.18 ? 16  DC  D OP1   1 
ATOM   839 O  OP2   . DC  D 4 7  ? -12.864 11.827  23.050  1.00 148.47 ? 16  DC  D OP2   1 
ATOM   840 O  "O5'" . DC  D 4 7  ? -11.411 11.204  24.912  1.00 143.18 ? 16  DC  D "O5'" 1 
ATOM   841 C  "C5'" . DC  D 4 7  ? -12.517 10.622  25.607  1.00 140.82 ? 16  DC  D "C5'" 1 
ATOM   842 C  "C4'" . DC  D 4 7  ? -12.781 9.202   25.131  1.00 140.07 ? 16  DC  D "C4'" 1 
ATOM   843 O  "O4'" . DC  D 4 7  ? -11.516 8.513   24.942  1.00 138.95 ? 16  DC  D "O4'" 1 
ATOM   844 C  "C3'" . DC  D 4 7  ? -13.574 8.341   26.104  1.00 139.99 ? 16  DC  D "C3'" 1 
ATOM   845 O  "O3'" . DC  D 4 7  ? -14.345 7.372   25.398  1.00 140.18 ? 16  DC  D "O3'" 1 
ATOM   846 C  "C2'" . DC  D 4 7  ? -12.475 7.692   26.942  1.00 136.49 ? 16  DC  D "C2'" 1 
ATOM   847 C  "C1'" . DC  D 4 7  ? -11.344 7.515   25.932  1.00 136.01 ? 16  DC  D "C1'" 1 
ATOM   848 N  N1    . DC  D 4 7  ? -9.987  7.687   26.535  1.00 133.93 ? 16  DC  D N1    1 
ATOM   849 C  C2    . DC  D 4 7  ? -9.364  6.611   27.196  1.00 132.18 ? 16  DC  D C2    1 
ATOM   850 O  O2    . DC  D 4 7  ? -9.947  5.519   27.272  1.00 130.60 ? 16  DC  D O2    1 
ATOM   851 N  N3    . DC  D 4 7  ? -8.131  6.799   27.740  1.00 131.63 ? 16  DC  D N3    1 
ATOM   852 C  C4    . DC  D 4 7  ? -7.532  7.992   27.646  1.00 133.34 ? 16  DC  D C4    1 
ATOM   853 N  N4    . DC  D 4 7  ? -6.315  8.130   28.199  1.00 131.14 ? 16  DC  D N4    1 
ATOM   854 C  C5    . DC  D 4 7  ? -8.152  9.094   26.980  1.00 134.67 ? 16  DC  D C5    1 
ATOM   855 C  C6    . DC  D 4 7  ? -9.364  8.899   26.445  1.00 133.05 ? 16  DC  D C6    1 
HETATM 856 MG MG    . MG  E 5 .  ? -1.021  5.427   27.954  1.00 102.61 ? 101 MG  A MG    1 
HETATM 857 AS AS    . CAC F 6 .  ? 1.654   4.056   -2.660  1.00 145.26 ? 101 CAC B AS    1 
HETATM 858 MG MG    . MG  G 5 .  ? -4.526  -4.119  7.405   1.00 75.26  ? 102 MG  B MG    1 
# 
loop_
_pdbx_poly_seq_scheme.asym_id 
_pdbx_poly_seq_scheme.entity_id 
_pdbx_poly_seq_scheme.seq_id 
_pdbx_poly_seq_scheme.mon_id 
_pdbx_poly_seq_scheme.ndb_seq_num 
_pdbx_poly_seq_scheme.pdb_seq_num 
_pdbx_poly_seq_scheme.auth_seq_num 
_pdbx_poly_seq_scheme.pdb_mon_id 
_pdbx_poly_seq_scheme.auth_mon_id 
_pdbx_poly_seq_scheme.pdb_strand_id 
_pdbx_poly_seq_scheme.pdb_ins_code 
_pdbx_poly_seq_scheme.hetero 
A 1 1  DG 1  1  1  DG DG A . n 
A 1 2  DA 2  2  2  DA DA A . n 
A 1 3  DG 3  3  3  DG DG A . n 
A 1 4  DC 4  4  4  DC DC A . n 
A 1 5  DA 5  5  5  DA DA A . n 
A 1 6  DG 6  6  6  DG DG A . n 
A 1 7  DA 7  7  7  DA DA A . n 
A 1 8  DC 8  8  8  DC DC A . n 
A 1 9  DG 9  9  9  DG DG A . n 
A 1 10 DT 10 10 10 DT DT A . n 
A 1 11 DG 11 11 11 DG DG A . n 
A 1 12 DA 12 12 12 DA DA A . n 
A 1 13 DC 13 13 13 DC DC A . n 
A 1 14 DC 14 14 14 DC DC A . n 
A 1 15 DC 15 15 15 DC DC A . n 
A 1 16 DC 16 16 16 DC DC A . n 
A 1 17 DA 17 17 17 DA DA A . n 
A 1 18 DC 18 18 18 DC DC A . n 
A 1 19 DT 19 19 19 DT DT A . n 
A 1 20 DC 20 20 20 DC DC A . n 
A 1 21 DA 21 21 21 DA DA A . n 
B 2 1  DG 1  1  1  DG DG B . n 
B 2 2  DG 2  2  2  DG DG B . n 
B 2 3  DT 3  3  3  DT DT B . n 
B 2 4  DC 4  4  4  DC DC B . n 
B 2 5  DA 5  5  5  DA DA B . n 
C 3 1  DT 1  1  1  DT DT C . n 
C 3 2  DC 2  2  2  DC DC C . n 
C 3 3  DT 3  3  3  DT DT C . n 
C 3 4  DG 4  4  4  DG DG C . n 
C 3 5  DA 5  5  5  DA DA C . n 
C 3 6  DG 6  6  6  DG DG C . n 
C 3 7  DT 7  7  7  DT DT C . n 
C 3 8  DG 8  8  8  DG DG C . n 
C 3 9  DG 9  9  9  DG DG C . n 
D 4 1  DC 1  10 10 DC DC D . n 
D 4 2  DG 2  11 11 DG DG D . n 
D 4 3  DT 3  12 12 DT DT D . n 
D 4 4  DC 4  13 13 DC DC D . n 
D 4 5  DT 5  14 14 DT DT D . n 
D 4 6  DG 6  15 15 DG DG D . n 
D 4 7  DC 7  16 16 DC DC D . n 
# 
loop_
_pdbx_nonpoly_scheme.asym_id 
_pdbx_nonpoly_scheme.entity_id 
_pdbx_nonpoly_scheme.mon_id 
_pdbx_nonpoly_scheme.ndb_seq_num 
_pdbx_nonpoly_scheme.pdb_seq_num 
_pdbx_nonpoly_scheme.auth_seq_num 
_pdbx_nonpoly_scheme.pdb_mon_id 
_pdbx_nonpoly_scheme.auth_mon_id 
_pdbx_nonpoly_scheme.pdb_strand_id 
_pdbx_nonpoly_scheme.pdb_ins_code 
E 5 MG  1 101 1 MG  MG A . 
F 6 CAC 1 101 1 CAC AS B . 
G 5 MG  1 102 2 MG  MG B . 
# 
_pdbx_struct_assembly.id                   1 
_pdbx_struct_assembly.details              author_and_software_defined_assembly 
_pdbx_struct_assembly.method_details       PISA 
_pdbx_struct_assembly.oligomeric_details   tetrameric 
_pdbx_struct_assembly.oligomeric_count     4 
# 
_pdbx_struct_assembly_gen.assembly_id       1 
_pdbx_struct_assembly_gen.oper_expression   1 
_pdbx_struct_assembly_gen.asym_id_list      A,B,C,D,E,F,G 
# 
loop_
_pdbx_struct_assembly_prop.biol_id 
_pdbx_struct_assembly_prop.type 
_pdbx_struct_assembly_prop.value 
_pdbx_struct_assembly_prop.details 
1 'ABSA (A^2)' 2570 ? 
1 MORE         -20  ? 
1 'SSA (A^2)'  7810 ? 
# 
_pdbx_struct_oper_list.id                   1 
_pdbx_struct_oper_list.type                 'identity operation' 
_pdbx_struct_oper_list.name                 1_555 
_pdbx_struct_oper_list.symmetry_operation   x,y,z 
_pdbx_struct_oper_list.matrix[1][1]         1.0000000000 
_pdbx_struct_oper_list.matrix[1][2]         0.0000000000 
_pdbx_struct_oper_list.matrix[1][3]         0.0000000000 
_pdbx_struct_oper_list.vector[1]            0.0000000000 
_pdbx_struct_oper_list.matrix[2][1]         0.0000000000 
_pdbx_struct_oper_list.matrix[2][2]         1.0000000000 
_pdbx_struct_oper_list.matrix[2][3]         0.0000000000 
_pdbx_struct_oper_list.vector[2]            0.0000000000 
_pdbx_struct_oper_list.matrix[3][1]         0.0000000000 
_pdbx_struct_oper_list.matrix[3][2]         0.0000000000 
_pdbx_struct_oper_list.matrix[3][3]         1.0000000000 
_pdbx_struct_oper_list.vector[3]            0.0000000000 
# 
loop_
_pdbx_audit_revision_history.ordinal 
_pdbx_audit_revision_history.data_content_type 
_pdbx_audit_revision_history.major_revision 
_pdbx_audit_revision_history.minor_revision 
_pdbx_audit_revision_history.revision_date 
1 'Structure model' 1 0 2021-07-14 
2 'Structure model' 1 1 2022-07-06 
3 'Structure model' 1 2 2023-10-18 
# 
_pdbx_audit_revision_details.ordinal             1 
_pdbx_audit_revision_details.revision_ordinal    1 
_pdbx_audit_revision_details.data_content_type   'Structure model' 
_pdbx_audit_revision_details.provider            repository 
_pdbx_audit_revision_details.type                'Initial release' 
_pdbx_audit_revision_details.description         ? 
_pdbx_audit_revision_details.details             ? 
# 
loop_
_pdbx_audit_revision_group.ordinal 
_pdbx_audit_revision_group.revision_ordinal 
_pdbx_audit_revision_group.data_content_type 
_pdbx_audit_revision_group.group 
1 2 'Structure model' 'Database references'    
2 3 'Structure model' 'Data collection'        
3 3 'Structure model' 'Refinement description' 
# 
loop_
_pdbx_audit_revision_category.ordinal 
_pdbx_audit_revision_category.revision_ordinal 
_pdbx_audit_revision_category.data_content_type 
_pdbx_audit_revision_category.category 
1 2 'Structure model' citation                      
2 2 'Structure model' citation_author               
3 2 'Structure model' database_2                    
4 3 'Structure model' chem_comp_atom                
5 3 'Structure model' chem_comp_bond                
6 3 'Structure model' pdbx_initial_refinement_model 
# 
loop_
_pdbx_audit_revision_item.ordinal 
_pdbx_audit_revision_item.revision_ordinal 
_pdbx_audit_revision_item.data_content_type 
_pdbx_audit_revision_item.item 
1  2 'Structure model' '_citation.country'                   
2  2 'Structure model' '_citation.journal_abbrev'            
3  2 'Structure model' '_citation.journal_id_CSD'            
4  2 'Structure model' '_citation.journal_id_ISSN'           
5  2 'Structure model' '_citation.journal_volume'            
6  2 'Structure model' '_citation.page_first'                
7  2 'Structure model' '_citation.page_last'                 
8  2 'Structure model' '_citation.pdbx_database_id_DOI'      
9  2 'Structure model' '_citation.pdbx_database_id_PubMed'   
10 2 'Structure model' '_citation.title'                     
11 2 'Structure model' '_citation.year'                      
12 2 'Structure model' '_database_2.pdbx_DOI'                
13 2 'Structure model' '_database_2.pdbx_database_accession' 
# 
loop_
_software.citation_id 
_software.classification 
_software.compiler_name 
_software.compiler_version 
_software.contact_author 
_software.contact_author_email 
_software.date 
_software.description 
_software.dependencies 
_software.hardware 
_software.language 
_software.location 
_software.mods 
_software.name 
_software.os 
_software.os_version 
_software.type 
_software.version 
_software.pdbx_ordinal 
? 'data reduction'  ? ? ? ? ? ? ? ? ? ? ? HKL-2000    ? ? ? .           1 
? 'data scaling'    ? ? ? ? ? ? ? ? ? ? ? HKL-2000    ? ? ? .           2 
? refinement        ? ? ? ? ? ? ? ? ? ? ? PHENIX      ? ? ? 1.11.1_2575 3 
? 'data extraction' ? ? ? ? ? ? ? ? ? ? ? PDB_EXTRACT ? ? ? 3.25        4 
? phasing           ? ? ? ? ? ? ? ? ? ? ? PHASER      ? ? ? .           5 
# 
_pdbx_entry_details.entry_id                 6WST 
_pdbx_entry_details.has_ligand_of_interest   N 
_pdbx_entry_details.compound_details         ? 
_pdbx_entry_details.source_details           ? 
_pdbx_entry_details.nonpolymer_details       ? 
_pdbx_entry_details.sequence_details         ? 
# 
_pdbx_validate_rmsd_bond.id                        1 
_pdbx_validate_rmsd_bond.PDB_model_num             1 
_pdbx_validate_rmsd_bond.auth_atom_id_1            "O3'" 
_pdbx_validate_rmsd_bond.auth_asym_id_1            C 
_pdbx_validate_rmsd_bond.auth_comp_id_1            DG 
_pdbx_validate_rmsd_bond.auth_seq_id_1             8 
_pdbx_validate_rmsd_bond.PDB_ins_code_1            ? 
_pdbx_validate_rmsd_bond.label_alt_id_1            ? 
_pdbx_validate_rmsd_bond.auth_atom_id_2            "C3'" 
_pdbx_validate_rmsd_bond.auth_asym_id_2            C 
_pdbx_validate_rmsd_bond.auth_comp_id_2            DG 
_pdbx_validate_rmsd_bond.auth_seq_id_2             8 
_pdbx_validate_rmsd_bond.PDB_ins_code_2            ? 
_pdbx_validate_rmsd_bond.label_alt_id_2            ? 
_pdbx_validate_rmsd_bond.bond_value                1.373 
_pdbx_validate_rmsd_bond.bond_target_value         1.419 
_pdbx_validate_rmsd_bond.bond_deviation            -0.046 
_pdbx_validate_rmsd_bond.bond_standard_deviation   0.006 
_pdbx_validate_rmsd_bond.linker_flag               N 
# 
loop_
_pdbx_validate_rmsd_angle.id 
_pdbx_validate_rmsd_angle.PDB_model_num 
_pdbx_validate_rmsd_angle.auth_atom_id_1 
_pdbx_validate_rmsd_angle.auth_asym_id_1 
_pdbx_validate_rmsd_angle.auth_comp_id_1 
_pdbx_validate_rmsd_angle.auth_seq_id_1 
_pdbx_validate_rmsd_angle.PDB_ins_code_1 
_pdbx_validate_rmsd_angle.label_alt_id_1 
_pdbx_validate_rmsd_angle.auth_atom_id_2 
_pdbx_validate_rmsd_angle.auth_asym_id_2 
_pdbx_validate_rmsd_angle.auth_comp_id_2 
_pdbx_validate_rmsd_angle.auth_seq_id_2 
_pdbx_validate_rmsd_angle.PDB_ins_code_2 
_pdbx_validate_rmsd_angle.label_alt_id_2 
_pdbx_validate_rmsd_angle.auth_atom_id_3 
_pdbx_validate_rmsd_angle.auth_asym_id_3 
_pdbx_validate_rmsd_angle.auth_comp_id_3 
_pdbx_validate_rmsd_angle.auth_seq_id_3 
_pdbx_validate_rmsd_angle.PDB_ins_code_3 
_pdbx_validate_rmsd_angle.label_alt_id_3 
_pdbx_validate_rmsd_angle.angle_value 
_pdbx_validate_rmsd_angle.angle_target_value 
_pdbx_validate_rmsd_angle.angle_deviation 
_pdbx_validate_rmsd_angle.angle_standard_deviation 
_pdbx_validate_rmsd_angle.linker_flag 
1 1 "O4'" A DC 13 ? ? "C1'" A DC 13 ? ? N1    A DC 13 ? ? 110.14 108.30 1.84  0.30 N 
2 1 "O4'" A DC 20 ? ? "C1'" A DC 20 ? ? N1    A DC 20 ? ? 110.37 108.30 2.07  0.30 N 
3 1 "C3'" B DA 5  ? ? "C2'" B DA 5  ? ? "C1'" B DA 5  ? ? 97.31  102.40 -5.09 0.80 N 
4 1 "C3'" C DG 9  ? ? "C2'" C DG 9  ? ? "C1'" C DG 9  ? ? 97.03  102.40 -5.37 0.80 N 
5 1 "O4'" C DG 9  ? ? "C1'" C DG 9  ? ? N9    C DG 9  ? ? 111.00 108.30 2.70  0.30 N 
6 1 "O4'" D DT 14 ? ? "C1'" D DT 14 ? ? N1    D DT 14 ? ? 110.40 108.30 2.10  0.30 N 
# 
loop_
_pdbx_unobs_or_zero_occ_atoms.id 
_pdbx_unobs_or_zero_occ_atoms.PDB_model_num 
_pdbx_unobs_or_zero_occ_atoms.polymer_flag 
_pdbx_unobs_or_zero_occ_atoms.occupancy_flag 
_pdbx_unobs_or_zero_occ_atoms.auth_asym_id 
_pdbx_unobs_or_zero_occ_atoms.auth_comp_id 
_pdbx_unobs_or_zero_occ_atoms.auth_seq_id 
_pdbx_unobs_or_zero_occ_atoms.PDB_ins_code 
_pdbx_unobs_or_zero_occ_atoms.auth_atom_id 
_pdbx_unobs_or_zero_occ_atoms.label_alt_id 
_pdbx_unobs_or_zero_occ_atoms.label_asym_id 
_pdbx_unobs_or_zero_occ_atoms.label_comp_id 
_pdbx_unobs_or_zero_occ_atoms.label_seq_id 
_pdbx_unobs_or_zero_occ_atoms.label_atom_id 
1 1 N 1 B CAC 101 ? O1 ? F CAC 1 O1 
2 1 N 1 B CAC 101 ? O2 ? F CAC 1 O2 
3 1 N 1 B CAC 101 ? C1 ? F CAC 1 C1 
4 1 N 1 B CAC 101 ? C2 ? F CAC 1 C2 
# 
loop_
_chem_comp_atom.comp_id 
_chem_comp_atom.atom_id 
_chem_comp_atom.type_symbol 
_chem_comp_atom.pdbx_aromatic_flag 
_chem_comp_atom.pdbx_stereo_config 
_chem_comp_atom.pdbx_ordinal 
CAC AS     AS N N 1   
CAC O1     O  N N 2   
CAC O2     O  N N 3   
CAC C1     C  N N 4   
CAC C2     C  N N 5   
CAC H11    H  N N 6   
CAC H12    H  N N 7   
CAC H13    H  N N 8   
CAC H21    H  N N 9   
CAC H22    H  N N 10  
CAC H23    H  N N 11  
DA  OP3    O  N N 12  
DA  P      P  N N 13  
DA  OP1    O  N N 14  
DA  OP2    O  N N 15  
DA  "O5'"  O  N N 16  
DA  "C5'"  C  N N 17  
DA  "C4'"  C  N R 18  
DA  "O4'"  O  N N 19  
DA  "C3'"  C  N S 20  
DA  "O3'"  O  N N 21  
DA  "C2'"  C  N N 22  
DA  "C1'"  C  N R 23  
DA  N9     N  Y N 24  
DA  C8     C  Y N 25  
DA  N7     N  Y N 26  
DA  C5     C  Y N 27  
DA  C6     C  Y N 28  
DA  N6     N  N N 29  
DA  N1     N  Y N 30  
DA  C2     C  Y N 31  
DA  N3     N  Y N 32  
DA  C4     C  Y N 33  
DA  HOP3   H  N N 34  
DA  HOP2   H  N N 35  
DA  "H5'"  H  N N 36  
DA  "H5''" H  N N 37  
DA  "H4'"  H  N N 38  
DA  "H3'"  H  N N 39  
DA  "HO3'" H  N N 40  
DA  "H2'"  H  N N 41  
DA  "H2''" H  N N 42  
DA  "H1'"  H  N N 43  
DA  H8     H  N N 44  
DA  H61    H  N N 45  
DA  H62    H  N N 46  
DA  H2     H  N N 47  
DC  OP3    O  N N 48  
DC  P      P  N N 49  
DC  OP1    O  N N 50  
DC  OP2    O  N N 51  
DC  "O5'"  O  N N 52  
DC  "C5'"  C  N N 53  
DC  "C4'"  C  N R 54  
DC  "O4'"  O  N N 55  
DC  "C3'"  C  N S 56  
DC  "O3'"  O  N N 57  
DC  "C2'"  C  N N 58  
DC  "C1'"  C  N R 59  
DC  N1     N  N N 60  
DC  C2     C  N N 61  
DC  O2     O  N N 62  
DC  N3     N  N N 63  
DC  C4     C  N N 64  
DC  N4     N  N N 65  
DC  C5     C  N N 66  
DC  C6     C  N N 67  
DC  HOP3   H  N N 68  
DC  HOP2   H  N N 69  
DC  "H5'"  H  N N 70  
DC  "H5''" H  N N 71  
DC  "H4'"  H  N N 72  
DC  "H3'"  H  N N 73  
DC  "HO3'" H  N N 74  
DC  "H2'"  H  N N 75  
DC  "H2''" H  N N 76  
DC  "H1'"  H  N N 77  
DC  H41    H  N N 78  
DC  H42    H  N N 79  
DC  H5     H  N N 80  
DC  H6     H  N N 81  
DG  OP3    O  N N 82  
DG  P      P  N N 83  
DG  OP1    O  N N 84  
DG  OP2    O  N N 85  
DG  "O5'"  O  N N 86  
DG  "C5'"  C  N N 87  
DG  "C4'"  C  N R 88  
DG  "O4'"  O  N N 89  
DG  "C3'"  C  N S 90  
DG  "O3'"  O  N N 91  
DG  "C2'"  C  N N 92  
DG  "C1'"  C  N R 93  
DG  N9     N  Y N 94  
DG  C8     C  Y N 95  
DG  N7     N  Y N 96  
DG  C5     C  Y N 97  
DG  C6     C  N N 98  
DG  O6     O  N N 99  
DG  N1     N  N N 100 
DG  C2     C  N N 101 
DG  N2     N  N N 102 
DG  N3     N  N N 103 
DG  C4     C  Y N 104 
DG  HOP3   H  N N 105 
DG  HOP2   H  N N 106 
DG  "H5'"  H  N N 107 
DG  "H5''" H  N N 108 
DG  "H4'"  H  N N 109 
DG  "H3'"  H  N N 110 
DG  "HO3'" H  N N 111 
DG  "H2'"  H  N N 112 
DG  "H2''" H  N N 113 
DG  "H1'"  H  N N 114 
DG  H8     H  N N 115 
DG  H1     H  N N 116 
DG  H21    H  N N 117 
DG  H22    H  N N 118 
DT  OP3    O  N N 119 
DT  P      P  N N 120 
DT  OP1    O  N N 121 
DT  OP2    O  N N 122 
DT  "O5'"  O  N N 123 
DT  "C5'"  C  N N 124 
DT  "C4'"  C  N R 125 
DT  "O4'"  O  N N 126 
DT  "C3'"  C  N S 127 
DT  "O3'"  O  N N 128 
DT  "C2'"  C  N N 129 
DT  "C1'"  C  N R 130 
DT  N1     N  N N 131 
DT  C2     C  N N 132 
DT  O2     O  N N 133 
DT  N3     N  N N 134 
DT  C4     C  N N 135 
DT  O4     O  N N 136 
DT  C5     C  N N 137 
DT  C7     C  N N 138 
DT  C6     C  N N 139 
DT  HOP3   H  N N 140 
DT  HOP2   H  N N 141 
DT  "H5'"  H  N N 142 
DT  "H5''" H  N N 143 
DT  "H4'"  H  N N 144 
DT  "H3'"  H  N N 145 
DT  "HO3'" H  N N 146 
DT  "H2'"  H  N N 147 
DT  "H2''" H  N N 148 
DT  "H1'"  H  N N 149 
DT  H3     H  N N 150 
DT  H71    H  N N 151 
DT  H72    H  N N 152 
DT  H73    H  N N 153 
DT  H6     H  N N 154 
MG  MG     MG N N 155 
# 
loop_
_chem_comp_bond.comp_id 
_chem_comp_bond.atom_id_1 
_chem_comp_bond.atom_id_2 
_chem_comp_bond.value_order 
_chem_comp_bond.pdbx_aromatic_flag 
_chem_comp_bond.pdbx_stereo_config 
_chem_comp_bond.pdbx_ordinal 
CAC AS    O1     doub N N 1   
CAC AS    O2     sing N N 2   
CAC AS    C1     sing N N 3   
CAC AS    C2     sing N N 4   
CAC C1    H11    sing N N 5   
CAC C1    H12    sing N N 6   
CAC C1    H13    sing N N 7   
CAC C2    H21    sing N N 8   
CAC C2    H22    sing N N 9   
CAC C2    H23    sing N N 10  
DA  OP3   P      sing N N 11  
DA  OP3   HOP3   sing N N 12  
DA  P     OP1    doub N N 13  
DA  P     OP2    sing N N 14  
DA  P     "O5'"  sing N N 15  
DA  OP2   HOP2   sing N N 16  
DA  "O5'" "C5'"  sing N N 17  
DA  "C5'" "C4'"  sing N N 18  
DA  "C5'" "H5'"  sing N N 19  
DA  "C5'" "H5''" sing N N 20  
DA  "C4'" "O4'"  sing N N 21  
DA  "C4'" "C3'"  sing N N 22  
DA  "C4'" "H4'"  sing N N 23  
DA  "O4'" "C1'"  sing N N 24  
DA  "C3'" "O3'"  sing N N 25  
DA  "C3'" "C2'"  sing N N 26  
DA  "C3'" "H3'"  sing N N 27  
DA  "O3'" "HO3'" sing N N 28  
DA  "C2'" "C1'"  sing N N 29  
DA  "C2'" "H2'"  sing N N 30  
DA  "C2'" "H2''" sing N N 31  
DA  "C1'" N9     sing N N 32  
DA  "C1'" "H1'"  sing N N 33  
DA  N9    C8     sing Y N 34  
DA  N9    C4     sing Y N 35  
DA  C8    N7     doub Y N 36  
DA  C8    H8     sing N N 37  
DA  N7    C5     sing Y N 38  
DA  C5    C6     sing Y N 39  
DA  C5    C4     doub Y N 40  
DA  C6    N6     sing N N 41  
DA  C6    N1     doub Y N 42  
DA  N6    H61    sing N N 43  
DA  N6    H62    sing N N 44  
DA  N1    C2     sing Y N 45  
DA  C2    N3     doub Y N 46  
DA  C2    H2     sing N N 47  
DA  N3    C4     sing Y N 48  
DC  OP3   P      sing N N 49  
DC  OP3   HOP3   sing N N 50  
DC  P     OP1    doub N N 51  
DC  P     OP2    sing N N 52  
DC  P     "O5'"  sing N N 53  
DC  OP2   HOP2   sing N N 54  
DC  "O5'" "C5'"  sing N N 55  
DC  "C5'" "C4'"  sing N N 56  
DC  "C5'" "H5'"  sing N N 57  
DC  "C5'" "H5''" sing N N 58  
DC  "C4'" "O4'"  sing N N 59  
DC  "C4'" "C3'"  sing N N 60  
DC  "C4'" "H4'"  sing N N 61  
DC  "O4'" "C1'"  sing N N 62  
DC  "C3'" "O3'"  sing N N 63  
DC  "C3'" "C2'"  sing N N 64  
DC  "C3'" "H3'"  sing N N 65  
DC  "O3'" "HO3'" sing N N 66  
DC  "C2'" "C1'"  sing N N 67  
DC  "C2'" "H2'"  sing N N 68  
DC  "C2'" "H2''" sing N N 69  
DC  "C1'" N1     sing N N 70  
DC  "C1'" "H1'"  sing N N 71  
DC  N1    C2     sing N N 72  
DC  N1    C6     sing N N 73  
DC  C2    O2     doub N N 74  
DC  C2    N3     sing N N 75  
DC  N3    C4     doub N N 76  
DC  C4    N4     sing N N 77  
DC  C4    C5     sing N N 78  
DC  N4    H41    sing N N 79  
DC  N4    H42    sing N N 80  
DC  C5    C6     doub N N 81  
DC  C5    H5     sing N N 82  
DC  C6    H6     sing N N 83  
DG  OP3   P      sing N N 84  
DG  OP3   HOP3   sing N N 85  
DG  P     OP1    doub N N 86  
DG  P     OP2    sing N N 87  
DG  P     "O5'"  sing N N 88  
DG  OP2   HOP2   sing N N 89  
DG  "O5'" "C5'"  sing N N 90  
DG  "C5'" "C4'"  sing N N 91  
DG  "C5'" "H5'"  sing N N 92  
DG  "C5'" "H5''" sing N N 93  
DG  "C4'" "O4'"  sing N N 94  
DG  "C4'" "C3'"  sing N N 95  
DG  "C4'" "H4'"  sing N N 96  
DG  "O4'" "C1'"  sing N N 97  
DG  "C3'" "O3'"  sing N N 98  
DG  "C3'" "C2'"  sing N N 99  
DG  "C3'" "H3'"  sing N N 100 
DG  "O3'" "HO3'" sing N N 101 
DG  "C2'" "C1'"  sing N N 102 
DG  "C2'" "H2'"  sing N N 103 
DG  "C2'" "H2''" sing N N 104 
DG  "C1'" N9     sing N N 105 
DG  "C1'" "H1'"  sing N N 106 
DG  N9    C8     sing Y N 107 
DG  N9    C4     sing Y N 108 
DG  C8    N7     doub Y N 109 
DG  C8    H8     sing N N 110 
DG  N7    C5     sing Y N 111 
DG  C5    C6     sing N N 112 
DG  C5    C4     doub Y N 113 
DG  C6    O6     doub N N 114 
DG  C6    N1     sing N N 115 
DG  N1    C2     sing N N 116 
DG  N1    H1     sing N N 117 
DG  C2    N2     sing N N 118 
DG  C2    N3     doub N N 119 
DG  N2    H21    sing N N 120 
DG  N2    H22    sing N N 121 
DG  N3    C4     sing N N 122 
DT  OP3   P      sing N N 123 
DT  OP3   HOP3   sing N N 124 
DT  P     OP1    doub N N 125 
DT  P     OP2    sing N N 126 
DT  P     "O5'"  sing N N 127 
DT  OP2   HOP2   sing N N 128 
DT  "O5'" "C5'"  sing N N 129 
DT  "C5'" "C4'"  sing N N 130 
DT  "C5'" "H5'"  sing N N 131 
DT  "C5'" "H5''" sing N N 132 
DT  "C4'" "O4'"  sing N N 133 
DT  "C4'" "C3'"  sing N N 134 
DT  "C4'" "H4'"  sing N N 135 
DT  "O4'" "C1'"  sing N N 136 
DT  "C3'" "O3'"  sing N N 137 
DT  "C3'" "C2'"  sing N N 138 
DT  "C3'" "H3'"  sing N N 139 
DT  "O3'" "HO3'" sing N N 140 
DT  "C2'" "C1'"  sing N N 141 
DT  "C2'" "H2'"  sing N N 142 
DT  "C2'" "H2''" sing N N 143 
DT  "C1'" N1     sing N N 144 
DT  "C1'" "H1'"  sing N N 145 
DT  N1    C2     sing N N 146 
DT  N1    C6     sing N N 147 
DT  C2    O2     doub N N 148 
DT  C2    N3     sing N N 149 
DT  N3    C4     sing N N 150 
DT  N3    H3     sing N N 151 
DT  C4    O4     doub N N 152 
DT  C4    C5     sing N N 153 
DT  C5    C7     sing N N 154 
DT  C5    C6     doub N N 155 
DT  C7    H71    sing N N 156 
DT  C7    H72    sing N N 157 
DT  C7    H73    sing N N 158 
DT  C6    H6     sing N N 159 
# 
loop_
_ndb_struct_conf_na.entry_id 
_ndb_struct_conf_na.feature 
6WST 'double helix'        
6WST 'a-form double helix' 
6WST 'b-form double helix' 
# 
loop_
_ndb_struct_na_base_pair.model_number 
_ndb_struct_na_base_pair.i_label_asym_id 
_ndb_struct_na_base_pair.i_label_comp_id 
_ndb_struct_na_base_pair.i_label_seq_id 
_ndb_struct_na_base_pair.i_symmetry 
_ndb_struct_na_base_pair.j_label_asym_id 
_ndb_struct_na_base_pair.j_label_comp_id 
_ndb_struct_na_base_pair.j_label_seq_id 
_ndb_struct_na_base_pair.j_symmetry 
_ndb_struct_na_base_pair.shear 
_ndb_struct_na_base_pair.stretch 
_ndb_struct_na_base_pair.stagger 
_ndb_struct_na_base_pair.buckle 
_ndb_struct_na_base_pair.propeller 
_ndb_struct_na_base_pair.opening 
_ndb_struct_na_base_pair.pair_number 
_ndb_struct_na_base_pair.pair_name 
_ndb_struct_na_base_pair.i_auth_asym_id 
_ndb_struct_na_base_pair.i_auth_seq_id 
_ndb_struct_na_base_pair.i_PDB_ins_code 
_ndb_struct_na_base_pair.j_auth_asym_id 
_ndb_struct_na_base_pair.j_auth_seq_id 
_ndb_struct_na_base_pair.j_PDB_ins_code 
_ndb_struct_na_base_pair.hbond_type_28 
_ndb_struct_na_base_pair.hbond_type_12 
1 A DG 3  1_555 D DC 7 1_555 -0.070 -0.202 0.877  10.464 -6.438  -2.335 1  A_DG3:DC16_D A 3  ? D 16 ? 19 1 
1 A DC 4  1_555 D DG 6 1_555 0.172  -0.123 0.573  3.740  -9.252  0.299  2  A_DC4:DG15_D A 4  ? D 15 ? 19 1 
1 A DA 5  1_555 D DT 5 1_555 0.062  0.025  0.832  0.308  -9.215  -4.936 3  A_DA5:DT14_D A 5  ? D 14 ? 20 1 
1 A DG 6  1_555 D DC 4 1_555 -0.151 -0.220 0.597  4.701  -9.594  -2.708 4  A_DG6:DC13_D A 6  ? D 13 ? 19 1 
1 A DA 7  1_555 D DT 3 1_555 0.074  -0.107 0.169  -0.425 -6.060  -4.115 5  A_DA7:DT12_D A 7  ? D 12 ? 20 1 
1 A DC 8  1_555 D DG 2 1_555 0.232  -0.156 0.405  -1.151 -5.785  -0.007 6  A_DC8:DG11_D A 8  ? D 11 ? 19 1 
1 A DG 9  1_555 D DC 1 1_555 -0.243 -0.162 0.152  -7.441 -5.832  0.529  7  A_DG9:DC10_D A 9  ? D 10 ? 19 1 
1 A DT 10 1_555 B DA 5 1_555 -0.159 -0.119 0.302  -7.914 -1.183  0.252  8  A_DT10:DA5_B A 10 ? B 5  ? 20 1 
1 A DG 11 1_555 B DC 4 1_555 -0.213 -0.105 0.450  5.685  -2.104  3.916  9  A_DG11:DC4_B A 11 ? B 4  ? 19 1 
1 A DA 12 1_555 B DT 3 1_555 0.231  -0.183 0.523  5.984  -5.665  -3.939 10 A_DA12:DT3_B A 12 ? B 3  ? 20 1 
1 A DC 13 1_555 B DG 2 1_555 0.279  -0.382 0.778  3.799  -7.258  -1.719 11 A_DC13:DG2_B A 13 ? B 2  ? 19 1 
1 A DC 14 1_555 B DG 1 1_555 0.219  -0.250 0.437  1.324  -11.642 -3.548 12 A_DC14:DG1_B A 14 ? B 1  ? 19 1 
1 A DC 15 1_555 C DG 9 1_555 0.113  -0.153 0.459  -4.955 -9.092  1.091  13 A_DC15:DG9_C A 15 ? C 9  ? 19 1 
1 A DC 16 1_555 C DG 8 1_555 0.178  -0.091 0.977  1.758  -5.011  3.268  14 A_DC16:DG8_C A 16 ? C 8  ? 19 1 
1 A DA 17 1_555 C DT 7 1_555 0.815  0.310  0.664  -1.814 -12.559 0.980  15 A_DA17:DT7_C A 17 ? C 7  ? 20 1 
1 A DC 18 1_555 C DG 6 1_555 0.131  -0.107 0.176  1.043  -8.062  1.693  16 A_DC18:DG6_C A 18 ? C 6  ? 19 1 
1 A DT 19 1_555 C DA 5 1_555 -0.206 -0.066 0.010  -0.625 -14.561 2.158  17 A_DT19:DA5_C A 19 ? C 5  ? 20 1 
1 A DC 20 1_555 C DG 4 1_555 0.855  0.471  -0.036 1.481  -19.936 0.865  18 A_DC20:DG4_C A 20 ? C 4  ? 19 1 
1 A DA 21 1_555 C DT 3 1_555 0.681  0.374  -0.233 -3.956 -23.588 -0.379 19 A_DA21:DT3_C A 21 ? C 3  ? 20 1 
# 
loop_
_ndb_struct_na_base_pair_step.model_number 
_ndb_struct_na_base_pair_step.i_label_asym_id_1 
_ndb_struct_na_base_pair_step.i_label_comp_id_1 
_ndb_struct_na_base_pair_step.i_label_seq_id_1 
_ndb_struct_na_base_pair_step.i_symmetry_1 
_ndb_struct_na_base_pair_step.j_label_asym_id_1 
_ndb_struct_na_base_pair_step.j_label_comp_id_1 
_ndb_struct_na_base_pair_step.j_label_seq_id_1 
_ndb_struct_na_base_pair_step.j_symmetry_1 
_ndb_struct_na_base_pair_step.i_label_asym_id_2 
_ndb_struct_na_base_pair_step.i_label_comp_id_2 
_ndb_struct_na_base_pair_step.i_label_seq_id_2 
_ndb_struct_na_base_pair_step.i_symmetry_2 
_ndb_struct_na_base_pair_step.j_label_asym_id_2 
_ndb_struct_na_base_pair_step.j_label_comp_id_2 
_ndb_struct_na_base_pair_step.j_label_seq_id_2 
_ndb_struct_na_base_pair_step.j_symmetry_2 
_ndb_struct_na_base_pair_step.shift 
_ndb_struct_na_base_pair_step.slide 
_ndb_struct_na_base_pair_step.rise 
_ndb_struct_na_base_pair_step.tilt 
_ndb_struct_na_base_pair_step.roll 
_ndb_struct_na_base_pair_step.twist 
_ndb_struct_na_base_pair_step.x_displacement 
_ndb_struct_na_base_pair_step.y_displacement 
_ndb_struct_na_base_pair_step.helical_rise 
_ndb_struct_na_base_pair_step.inclination 
_ndb_struct_na_base_pair_step.tip 
_ndb_struct_na_base_pair_step.helical_twist 
_ndb_struct_na_base_pair_step.step_number 
_ndb_struct_na_base_pair_step.step_name 
_ndb_struct_na_base_pair_step.i_auth_asym_id_1 
_ndb_struct_na_base_pair_step.i_auth_seq_id_1 
_ndb_struct_na_base_pair_step.i_PDB_ins_code_1 
_ndb_struct_na_base_pair_step.j_auth_asym_id_1 
_ndb_struct_na_base_pair_step.j_auth_seq_id_1 
_ndb_struct_na_base_pair_step.j_PDB_ins_code_1 
_ndb_struct_na_base_pair_step.i_auth_asym_id_2 
_ndb_struct_na_base_pair_step.i_auth_seq_id_2 
_ndb_struct_na_base_pair_step.i_PDB_ins_code_2 
_ndb_struct_na_base_pair_step.j_auth_asym_id_2 
_ndb_struct_na_base_pair_step.j_auth_seq_id_2 
_ndb_struct_na_base_pair_step.j_PDB_ins_code_2 
1 A DG 3  1_555 D DC 7 1_555 A DC 4  1_555 D DG 6 1_555 0.561  -0.788 3.461 4.319  0.501  37.043 -1.303 -0.268 3.491 0.785  -6.769 
37.288 1  AA_DG3DC4:DG15DC16_DD A 3  ? D 16 ? A 4  ? D 15 ? 
1 A DC 4  1_555 D DG 6 1_555 A DA 5  1_555 D DT 5 1_555 -0.528 1.189  3.543 -1.898 -1.945 38.801 2.040  0.544  3.502 -2.924 2.852 
38.892 2  AA_DC4DA5:DT14DG15_DD A 4  ? D 15 ? A 5  ? D 14 ? 
1 A DA 5  1_555 D DT 5 1_555 A DG 6  1_555 D DC 4 1_555 -0.067 -0.294 3.272 -1.100 -0.029 28.825 -0.583 -0.112 3.273 -0.058 2.208 
28.846 3  AA_DA5DG6:DC13DT14_DD A 5  ? D 14 ? A 6  ? D 13 ? 
1 A DG 6  1_555 D DC 4 1_555 A DA 7  1_555 D DT 3 1_555 -0.250 -0.930 3.346 -1.423 0.604  38.603 -1.481 0.199  3.339 0.913  2.151 
38.633 4  AA_DG6DA7:DT12DC13_DD A 6  ? D 13 ? A 7  ? D 12 ? 
1 A DA 7  1_555 D DT 3 1_555 A DC 8  1_555 D DG 2 1_555 0.219  -0.950 3.416 -5.928 1.331  36.291 -1.693 -1.182 3.305 2.118  9.436 
36.779 5  AA_DA7DC8:DG11DT12_DD A 7  ? D 12 ? A 8  ? D 11 ? 
1 A DC 8  1_555 D DG 2 1_555 A DG 9  1_555 D DC 1 1_555 -0.794 -1.546 3.270 -2.709 1.812  32.739 -3.038 0.941  3.235 3.204  4.791 
32.897 6  AA_DC8DG9:DC10DG11_DD A 8  ? D 11 ? A 9  ? D 10 ? 
1 A DG 9  1_555 D DC 1 1_555 A DT 10 1_555 B DA 5 1_555 -0.867 -1.141 3.420 -1.129 -1.664 25.263 -2.088 1.630  3.522 -3.797 2.576 
25.341 7  AA_DG9DT10:DA5DC10_BD A 9  ? D 10 ? A 10 ? B 5  ? 
1 A DT 10 1_555 B DA 5 1_555 A DG 11 1_555 B DC 4 1_555 -0.261 0.796  3.014 -2.329 3.373  30.909 0.880  0.070  3.092 6.294  4.346 
31.173 8  AA_DT10DG11:DC4DA5_BB A 10 ? B 5  ? A 11 ? B 4  ? 
1 A DG 11 1_555 B DC 4 1_555 A DA 12 1_555 B DT 3 1_555 -0.010 -0.564 3.181 0.240  2.180  38.952 -1.100 0.043  3.146 3.266  -0.359 
39.011 9  AA_DG11DA12:DT3DC4_BB A 11 ? B 4  ? A 12 ? B 3  ? 
1 A DA 12 1_555 B DT 3 1_555 A DC 13 1_555 B DG 2 1_555 0.895  -1.197 3.330 -5.183 0.566  32.988 -2.177 -2.412 3.136 0.990  9.057 
33.386 10 AA_DA12DC13:DG2DT3_BB A 12 ? B 3  ? A 13 ? B 2  ? 
1 A DC 13 1_555 B DG 2 1_555 A DC 14 1_555 B DG 1 1_555 -0.705 -1.545 3.234 -0.412 -3.588 34.022 -2.053 1.133  3.383 -6.110 0.701 
34.207 11 AA_DC13DC14:DG1DG2_BB A 13 ? B 2  ? A 14 ? B 1  ? 
1 A DC 14 1_555 B DG 1 1_555 A DC 15 1_555 C DG 9 1_555 -0.738 -1.239 3.281 -0.557 3.700  32.339 -2.845 1.221  3.135 6.615  0.995 
32.549 12 AA_DC14DC15:DG9DG1_CB A 14 ? B 1  ? A 15 ? C 9  ? 
1 A DC 15 1_555 C DG 9 1_555 A DC 16 1_555 C DG 8 1_555 -0.274 -0.097 3.335 -2.355 5.206  23.697 -1.896 -0.105 3.251 12.446 5.629 
24.367 13 AA_DC15DC16:DG8DG9_CC A 15 ? C 9  ? A 16 ? C 8  ? 
1 A DC 16 1_555 C DG 8 1_555 A DA 17 1_555 C DT 7 1_555 0.035  1.910  3.498 1.195  -7.408 47.903 2.917  0.052  3.187 -9.058 -1.461 
48.453 14 AA_DC16DA17:DT7DG8_CC A 16 ? C 8  ? A 17 ? C 7  ? 
1 A DA 17 1_555 C DT 7 1_555 A DC 18 1_555 C DG 6 1_555 0.141  -0.660 3.232 0.928  0.187  27.811 -1.416 -0.074 3.230 0.390  -1.931 
27.826 15 AA_DA17DC18:DG6DT7_CC A 17 ? C 7  ? A 18 ? C 6  ? 
1 A DC 18 1_555 C DG 6 1_555 A DT 19 1_555 C DA 5 1_555 -0.016 -0.402 3.272 5.800  3.775  32.346 -1.341 1.003  3.155 6.681  
-10.265 33.059 16 AA_DC18DT19:DA5DG6_CC A 18 ? C 6  ? A 19 ? C 5  ? 
1 A DT 19 1_555 C DA 5 1_555 A DC 20 1_555 C DG 4 1_555 0.777  0.968  3.483 3.492  1.200  39.804 1.267  -0.704 3.562 1.758  -5.116 
39.968 17 AA_DT19DC20:DG4DA5_CC A 19 ? C 5  ? A 20 ? C 4  ? 
1 A DC 20 1_555 C DG 4 1_555 A DA 21 1_555 C DT 3 1_555 0.077  1.828  3.544 1.367  -0.630 41.937 2.624  0.046  3.518 -0.879 -1.909 
41.963 18 AA_DC20DA21:DT3DG4_CC A 20 ? C 4  ? A 21 ? C 3  ? 
# 
loop_
_pdbx_audit_support.funding_organization 
_pdbx_audit_support.country 
_pdbx_audit_support.grant_number 
_pdbx_audit_support.ordinal 
'National Science Foundation (NSF, United States)'                                         'United States' 1360635     1 
'National Institutes of Health/National Institute of General Medical Sciences (NIH/NIGMS)' 'United States' R01GM104960 2 
'National Science Foundation (NSF, United States)'                                         'United States' NSF2004250  3 
# 
loop_
_pdbx_entity_nonpoly.entity_id 
_pdbx_entity_nonpoly.name 
_pdbx_entity_nonpoly.comp_id 
5 'MAGNESIUM ION'  MG  
6 'CACODYLATE ION' CAC 
# 
_pdbx_initial_refinement_model.id               1 
_pdbx_initial_refinement_model.entity_id_list   ? 
_pdbx_initial_refinement_model.type             'experimental model' 
_pdbx_initial_refinement_model.source_name      PDB 
_pdbx_initial_refinement_model.accession_code   5KEK 
_pdbx_initial_refinement_model.details          ? 
# 
_pdbx_struct_assembly_auth_evidence.id                     1 
_pdbx_struct_assembly_auth_evidence.assembly_id            1 
_pdbx_struct_assembly_auth_evidence.experimental_support   none 
_pdbx_struct_assembly_auth_evidence.details                ? 
# 
